data_3HKK
# 
_entry.id   3HKK 
# 
_audit_conform.dict_name       mmcif_pdbx.dic 
_audit_conform.dict_version    5.380 
_audit_conform.dict_location   http://mmcif.pdb.org/dictionaries/ascii/mmcif_pdbx.dic 
# 
loop_
_database_2.database_id 
_database_2.database_code 
_database_2.pdbx_database_accession 
_database_2.pdbx_DOI 
PDB   3HKK         pdb_00003hkk 10.2210/pdb3hkk/pdb 
RCSB  RCSB053247   ?            ?                   
WWPDB D_1000053247 ?            ?                   
# 
_pdbx_database_related.db_name        PDB 
_pdbx_database_related.db_id          2uuh 
_pdbx_database_related.details        'The same protein without ligand' 
_pdbx_database_related.content_type   unspecified 
# 
_pdbx_database_status.entry_id                        3HKK 
_pdbx_database_status.status_code                     REL 
_pdbx_database_status.deposit_site                    RCSB 
_pdbx_database_status.process_site                    PDBJ 
_pdbx_database_status.recvd_initial_deposition_date   2009-05-24 
_pdbx_database_status.status_code_sf                  REL 
_pdbx_database_status.status_code_mr                  ? 
_pdbx_database_status.SG_entry                        ? 
_pdbx_database_status.pdb_format_compatible           Y 
_pdbx_database_status.status_code_cs                  ? 
_pdbx_database_status.status_code_nmr_data            ? 
_pdbx_database_status.methods_development_category    ? 
# 
loop_
_audit_author.name 
_audit_author.pdbx_ordinal 
'Rinaldo-Matthis, A.' 1 
'Haeggstrom, J.Z.'    2 
# 
_citation.id                        primary 
_citation.title                     'Pre-steady state kinetics of human Leukotriene C4 synthase' 
_citation.journal_abbrev            'To be Published' 
_citation.journal_volume            ? 
_citation.page_first                ? 
_citation.page_last                 ? 
_citation.year                      ? 
_citation.journal_id_ASTM           ? 
_citation.country                   ? 
_citation.journal_id_ISSN           ? 
_citation.journal_id_CSD            0353 
_citation.book_publisher            ? 
_citation.pdbx_database_id_PubMed   ? 
_citation.pdbx_database_id_DOI      ? 
# 
loop_
_citation_author.citation_id 
_citation_author.name 
_citation_author.ordinal 
_citation_author.identifier_ORCID 
primary 'Rinaldo-Matthis, A.' 1 ? 
primary 'Wetterholm, A.'      2 ? 
primary 'Holm, J.'            3 ? 
primary 'Ohlsson, E.'         4 ? 
primary 'Tibbelin, G.'        5 ? 
primary 'Morgenstern, R.'     6 ? 
primary 'Haeggstrom, J.Z.'    7 ? 
# 
_cell.length_a           170.718 
_cell.length_b           170.718 
_cell.length_c           170.718 
_cell.angle_alpha        90.000 
_cell.angle_beta         90.000 
_cell.angle_gamma        90.000 
_cell.entry_id           3HKK 
_cell.pdbx_unique_axis   ? 
_cell.Z_PDB              48 
_cell.length_a_esd       ? 
_cell.length_b_esd       ? 
_cell.length_c_esd       ? 
_cell.angle_alpha_esd    ? 
_cell.angle_beta_esd     ? 
_cell.angle_gamma_esd    ? 
# 
_symmetry.space_group_name_H-M             'F 2 3' 
_symmetry.entry_id                         3HKK 
_symmetry.Int_Tables_number                196 
_symmetry.pdbx_full_space_group_name_H-M   ? 
_symmetry.cell_setting                     ? 
_symmetry.space_group_name_Hall            ? 
# 
loop_
_entity.id 
_entity.type 
_entity.src_method 
_entity.pdbx_description 
_entity.formula_weight 
_entity.pdbx_number_of_molecules 
_entity.pdbx_ec 
_entity.pdbx_mutation 
_entity.pdbx_fragment 
_entity.details 
1 polymer     man 'Leukotriene C4 synthase'   17411.545 1  4.4.1.20 ? ? ? 
2 non-polymer syn 'PALMITOLEIC ACID'          254.408   1  ?        ? ? ? 
3 non-polymer syn 'PALMITIC ACID'             256.424   6  ?        ? ? ? 
4 non-polymer syn 'GLUTATHIONE SULFONIC ACID' 355.322   1  ?        ? ? ? 
5 water       nat water                       18.015    62 ?        ? ? ? 
# 
_entity_name_com.entity_id   1 
_entity_name_com.name        'Leukotriene-C(4) synthase, LTC4 synthase' 
# 
_entity_poly.entity_id                      1 
_entity_poly.type                           'polypeptide(L)' 
_entity_poly.nstd_linkage                   no 
_entity_poly.nstd_monomer                   no 
_entity_poly.pdbx_seq_one_letter_code       
;MHHHHHHKDEVALLAAVTLLGVLLQAYFSLQVISARRAFRVSPPLTTGPPEFERVYRAQVNCSEYFPLFLATLWVAGIFF
HEGAAALCGLVYLFARLRYFQGYARSAQLRLAPLYASARALWLLVALAALGLLAHFLPAALRAALLGRLRTLLPWA
;
_entity_poly.pdbx_seq_one_letter_code_can   
;MHHHHHHKDEVALLAAVTLLGVLLQAYFSLQVISARRAFRVSPPLTTGPPEFERVYRAQVNCSEYFPLFLATLWVAGIFF
HEGAAALCGLVYLFARLRYFQGYARSAQLRLAPLYASARALWLLVALAALGLLAHFLPAALRAALLGRLRTLLPWA
;
_entity_poly.pdbx_strand_id                 A 
_entity_poly.pdbx_target_identifier         ? 
# 
loop_
_entity_poly_seq.entity_id 
_entity_poly_seq.num 
_entity_poly_seq.mon_id 
_entity_poly_seq.hetero 
1 1   MET n 
1 2   HIS n 
1 3   HIS n 
1 4   HIS n 
1 5   HIS n 
1 6   HIS n 
1 7   HIS n 
1 8   LYS n 
1 9   ASP n 
1 10  GLU n 
1 11  VAL n 
1 12  ALA n 
1 13  LEU n 
1 14  LEU n 
1 15  ALA n 
1 16  ALA n 
1 17  VAL n 
1 18  THR n 
1 19  LEU n 
1 20  LEU n 
1 21  GLY n 
1 22  VAL n 
1 23  LEU n 
1 24  LEU n 
1 25  GLN n 
1 26  ALA n 
1 27  TYR n 
1 28  PHE n 
1 29  SER n 
1 30  LEU n 
1 31  GLN n 
1 32  VAL n 
1 33  ILE n 
1 34  SER n 
1 35  ALA n 
1 36  ARG n 
1 37  ARG n 
1 38  ALA n 
1 39  PHE n 
1 40  ARG n 
1 41  VAL n 
1 42  SER n 
1 43  PRO n 
1 44  PRO n 
1 45  LEU n 
1 46  THR n 
1 47  THR n 
1 48  GLY n 
1 49  PRO n 
1 50  PRO n 
1 51  GLU n 
1 52  PHE n 
1 53  GLU n 
1 54  ARG n 
1 55  VAL n 
1 56  TYR n 
1 57  ARG n 
1 58  ALA n 
1 59  GLN n 
1 60  VAL n 
1 61  ASN n 
1 62  CYS n 
1 63  SER n 
1 64  GLU n 
1 65  TYR n 
1 66  PHE n 
1 67  PRO n 
1 68  LEU n 
1 69  PHE n 
1 70  LEU n 
1 71  ALA n 
1 72  THR n 
1 73  LEU n 
1 74  TRP n 
1 75  VAL n 
1 76  ALA n 
1 77  GLY n 
1 78  ILE n 
1 79  PHE n 
1 80  PHE n 
1 81  HIS n 
1 82  GLU n 
1 83  GLY n 
1 84  ALA n 
1 85  ALA n 
1 86  ALA n 
1 87  LEU n 
1 88  CYS n 
1 89  GLY n 
1 90  LEU n 
1 91  VAL n 
1 92  TYR n 
1 93  LEU n 
1 94  PHE n 
1 95  ALA n 
1 96  ARG n 
1 97  LEU n 
1 98  ARG n 
1 99  TYR n 
1 100 PHE n 
1 101 GLN n 
1 102 GLY n 
1 103 TYR n 
1 104 ALA n 
1 105 ARG n 
1 106 SER n 
1 107 ALA n 
1 108 GLN n 
1 109 LEU n 
1 110 ARG n 
1 111 LEU n 
1 112 ALA n 
1 113 PRO n 
1 114 LEU n 
1 115 TYR n 
1 116 ALA n 
1 117 SER n 
1 118 ALA n 
1 119 ARG n 
1 120 ALA n 
1 121 LEU n 
1 122 TRP n 
1 123 LEU n 
1 124 LEU n 
1 125 VAL n 
1 126 ALA n 
1 127 LEU n 
1 128 ALA n 
1 129 ALA n 
1 130 LEU n 
1 131 GLY n 
1 132 LEU n 
1 133 LEU n 
1 134 ALA n 
1 135 HIS n 
1 136 PHE n 
1 137 LEU n 
1 138 PRO n 
1 139 ALA n 
1 140 ALA n 
1 141 LEU n 
1 142 ARG n 
1 143 ALA n 
1 144 ALA n 
1 145 LEU n 
1 146 LEU n 
1 147 GLY n 
1 148 ARG n 
1 149 LEU n 
1 150 ARG n 
1 151 THR n 
1 152 LEU n 
1 153 LEU n 
1 154 PRO n 
1 155 TRP n 
1 156 ALA n 
# 
_entity_src_gen.entity_id                          1 
_entity_src_gen.pdbx_src_id                        1 
_entity_src_gen.pdbx_alt_source_flag               sample 
_entity_src_gen.pdbx_seq_type                      ? 
_entity_src_gen.pdbx_beg_seq_num                   ? 
_entity_src_gen.pdbx_end_seq_num                   ? 
_entity_src_gen.gene_src_common_name               human 
_entity_src_gen.gene_src_genus                     ? 
_entity_src_gen.pdbx_gene_src_gene                 ? 
_entity_src_gen.gene_src_species                   ? 
_entity_src_gen.gene_src_strain                    ? 
_entity_src_gen.gene_src_tissue                    ? 
_entity_src_gen.gene_src_tissue_fraction           ? 
_entity_src_gen.gene_src_details                   ? 
_entity_src_gen.pdbx_gene_src_fragment             ? 
_entity_src_gen.pdbx_gene_src_scientific_name      'Homo sapiens' 
_entity_src_gen.pdbx_gene_src_ncbi_taxonomy_id     9606 
_entity_src_gen.pdbx_gene_src_variant              ? 
_entity_src_gen.pdbx_gene_src_cell_line            ? 
_entity_src_gen.pdbx_gene_src_atcc                 ? 
_entity_src_gen.pdbx_gene_src_organ                ? 
_entity_src_gen.pdbx_gene_src_organelle            ? 
_entity_src_gen.pdbx_gene_src_cell                 ? 
_entity_src_gen.pdbx_gene_src_cellular_location    ? 
_entity_src_gen.host_org_common_name               ? 
_entity_src_gen.pdbx_host_org_scientific_name      'Pichia Pastoris' 
_entity_src_gen.pdbx_host_org_ncbi_taxonomy_id     4922 
_entity_src_gen.host_org_genus                     ? 
_entity_src_gen.pdbx_host_org_gene                 ? 
_entity_src_gen.pdbx_host_org_organ                ? 
_entity_src_gen.host_org_species                   ? 
_entity_src_gen.pdbx_host_org_tissue               ? 
_entity_src_gen.pdbx_host_org_tissue_fraction      ? 
_entity_src_gen.pdbx_host_org_strain               KM71H 
_entity_src_gen.pdbx_host_org_variant              ? 
_entity_src_gen.pdbx_host_org_cell_line            ? 
_entity_src_gen.pdbx_host_org_atcc                 ? 
_entity_src_gen.pdbx_host_org_culture_collection   ? 
_entity_src_gen.pdbx_host_org_cell                 ? 
_entity_src_gen.pdbx_host_org_organelle            ? 
_entity_src_gen.pdbx_host_org_cellular_location    ? 
_entity_src_gen.pdbx_host_org_vector_type          plasmid 
_entity_src_gen.pdbx_host_org_vector               ? 
_entity_src_gen.host_org_details                   ? 
_entity_src_gen.expression_system_id               ? 
_entity_src_gen.plasmid_name                       PPICZ 
_entity_src_gen.plasmid_details                    ? 
_entity_src_gen.pdbx_description                   ? 
# 
_struct_ref.id                         1 
_struct_ref.db_name                    UNP 
_struct_ref.db_code                    LTC4S_HUMAN 
_struct_ref.pdbx_db_accession          Q16873 
_struct_ref.entity_id                  1 
_struct_ref.pdbx_seq_one_letter_code   
;KDEVALLAAVTLLGVLLQAYFSLQVISARRAFRVSPPLTTGPPEFERVYRAQVNCSEYFPLFLATLWVAGIFFHEGAAAL
CGLVYLFARLRYFQGYARSAQLRLAPLYASARALWLLVALAALGLLAHFLPAALRAALLGRLRTLLPWA
;
_struct_ref.pdbx_align_begin           2 
_struct_ref.pdbx_db_isoform            ? 
# 
_struct_ref_seq.align_id                      1 
_struct_ref_seq.ref_id                        1 
_struct_ref_seq.pdbx_PDB_id_code              3HKK 
_struct_ref_seq.pdbx_strand_id                A 
_struct_ref_seq.seq_align_beg                 8 
_struct_ref_seq.pdbx_seq_align_beg_ins_code   ? 
_struct_ref_seq.seq_align_end                 156 
_struct_ref_seq.pdbx_seq_align_end_ins_code   ? 
_struct_ref_seq.pdbx_db_accession             Q16873 
_struct_ref_seq.db_align_beg                  2 
_struct_ref_seq.pdbx_db_align_beg_ins_code    ? 
_struct_ref_seq.db_align_end                  150 
_struct_ref_seq.pdbx_db_align_end_ins_code    ? 
_struct_ref_seq.pdbx_auth_seq_align_beg       2 
_struct_ref_seq.pdbx_auth_seq_align_end       150 
# 
loop_
_struct_ref_seq_dif.align_id 
_struct_ref_seq_dif.pdbx_pdb_id_code 
_struct_ref_seq_dif.mon_id 
_struct_ref_seq_dif.pdbx_pdb_strand_id 
_struct_ref_seq_dif.seq_num 
_struct_ref_seq_dif.pdbx_pdb_ins_code 
_struct_ref_seq_dif.pdbx_seq_db_name 
_struct_ref_seq_dif.pdbx_seq_db_accession_code 
_struct_ref_seq_dif.db_mon_id 
_struct_ref_seq_dif.pdbx_seq_db_seq_num 
_struct_ref_seq_dif.details 
_struct_ref_seq_dif.pdbx_auth_seq_num 
_struct_ref_seq_dif.pdbx_ordinal 
1 3HKK MET A 1 ? UNP Q16873 ? ? 'expression tag' -5 1 
1 3HKK HIS A 2 ? UNP Q16873 ? ? 'expression tag' -4 2 
1 3HKK HIS A 3 ? UNP Q16873 ? ? 'expression tag' -3 3 
1 3HKK HIS A 4 ? UNP Q16873 ? ? 'expression tag' -2 4 
1 3HKK HIS A 5 ? UNP Q16873 ? ? 'expression tag' -1 5 
1 3HKK HIS A 6 ? UNP Q16873 ? ? 'expression tag' 0  6 
1 3HKK HIS A 7 ? UNP Q16873 ? ? 'expression tag' 1  7 
# 
loop_
_chem_comp.id 
_chem_comp.type 
_chem_comp.mon_nstd_flag 
_chem_comp.name 
_chem_comp.pdbx_synonyms 
_chem_comp.formula 
_chem_comp.formula_weight 
ALA 'L-peptide linking' y ALANINE                     ? 'C3 H7 N O2'      89.093  
ARG 'L-peptide linking' y ARGININE                    ? 'C6 H15 N4 O2 1'  175.209 
ASN 'L-peptide linking' y ASPARAGINE                  ? 'C4 H8 N2 O3'     132.118 
ASP 'L-peptide linking' y 'ASPARTIC ACID'             ? 'C4 H7 N O4'      133.103 
CYS 'L-peptide linking' y CYSTEINE                    ? 'C3 H7 N O2 S'    121.158 
GLN 'L-peptide linking' y GLUTAMINE                   ? 'C5 H10 N2 O3'    146.144 
GLU 'L-peptide linking' y 'GLUTAMIC ACID'             ? 'C5 H9 N O4'      147.129 
GLY 'peptide linking'   y GLYCINE                     ? 'C2 H5 N O2'      75.067  
GTS non-polymer         . 'GLUTATHIONE SULFONIC ACID' ? 'C10 H17 N3 O9 S' 355.322 
HIS 'L-peptide linking' y HISTIDINE                   ? 'C6 H10 N3 O2 1'  156.162 
HOH non-polymer         . WATER                       ? 'H2 O'            18.015  
ILE 'L-peptide linking' y ISOLEUCINE                  ? 'C6 H13 N O2'     131.173 
LEU 'L-peptide linking' y LEUCINE                     ? 'C6 H13 N O2'     131.173 
LYS 'L-peptide linking' y LYSINE                      ? 'C6 H15 N2 O2 1'  147.195 
MET 'L-peptide linking' y METHIONINE                  ? 'C5 H11 N O2 S'   149.211 
PAM non-polymer         . 'PALMITOLEIC ACID'          ? 'C16 H30 O2'      254.408 
PHE 'L-peptide linking' y PHENYLALANINE               ? 'C9 H11 N O2'     165.189 
PLM non-polymer         . 'PALMITIC ACID'             ? 'C16 H32 O2'      256.424 
PRO 'L-peptide linking' y PROLINE                     ? 'C5 H9 N O2'      115.130 
SER 'L-peptide linking' y SERINE                      ? 'C3 H7 N O3'      105.093 
THR 'L-peptide linking' y THREONINE                   ? 'C4 H9 N O3'      119.119 
TRP 'L-peptide linking' y TRYPTOPHAN                  ? 'C11 H12 N2 O2'   204.225 
TYR 'L-peptide linking' y TYROSINE                    ? 'C9 H11 N O3'     181.189 
VAL 'L-peptide linking' y VALINE                      ? 'C5 H11 N O2'     117.146 
# 
_exptl.crystals_number   1 
_exptl.entry_id          3HKK 
_exptl.method            'X-RAY DIFFRACTION' 
# 
_exptl_crystal.id                    1 
_exptl_crystal.pdbx_mosaicity        ? 
_exptl_crystal.pdbx_mosaicity_esd    ? 
_exptl_crystal.density_Matthews      5.9532 
_exptl_crystal.density_diffrn        ? 
_exptl_crystal.density_meas          ? 
_exptl_crystal.density_meas_temp     ? 
_exptl_crystal.density_percent_sol   79.3390 
_exptl_crystal.size_max              ? 
_exptl_crystal.size_mid              ? 
_exptl_crystal.size_min              ? 
_exptl_crystal.size_rad              ? 
_exptl_crystal.description           ? 
_exptl_crystal.F_000                 ? 
_exptl_crystal.preparation           ? 
# 
_exptl_crystal_grow.crystal_id      1 
_exptl_crystal_grow.method          'VAPOR DIFFUSION, SITTING DROP' 
_exptl_crystal_grow.pH              6.5 
_exptl_crystal_grow.temp            298 
_exptl_crystal_grow.pdbx_details    '2M AmSO4, 0.1M Bis-Tris, pH 6.5, VAPOR DIFFUSION, SITTING DROP, temperature 298K' 
_exptl_crystal_grow.temp_details    ? 
_exptl_crystal_grow.pdbx_pH_range   . 
# 
_diffrn.id                     1 
_diffrn.ambient_temp           100 
_diffrn.ambient_temp_details   ? 
_diffrn.crystal_id             1 
# 
_diffrn_detector.diffrn_id              1 
_diffrn_detector.detector               CCD 
_diffrn_detector.type                   'MARMOSAIC 225 mm CCD' 
_diffrn_detector.pdbx_collection_date   2009-01-30 
_diffrn_detector.details                ? 
# 
_diffrn_radiation.diffrn_id                        1 
_diffrn_radiation.pdbx_diffrn_protocol             'SINGLE WAVELENGTH' 
_diffrn_radiation.monochromator                    'Si(III)' 
_diffrn_radiation.wavelength_id                    1 
_diffrn_radiation.pdbx_monochromatic_or_laue_m_l   M 
_diffrn_radiation.pdbx_scattering_type             x-ray 
# 
_diffrn_radiation_wavelength.id           1 
_diffrn_radiation_wavelength.wavelength   0.8726 
_diffrn_radiation_wavelength.wt           1.0 
# 
_diffrn_source.diffrn_id                   1 
_diffrn_source.source                      SYNCHROTRON 
_diffrn_source.type                        'ESRF BEAMLINE ID23-2' 
_diffrn_source.pdbx_wavelength             ? 
_diffrn_source.pdbx_wavelength_list        0.8726 
_diffrn_source.pdbx_synchrotron_site       ESRF 
_diffrn_source.pdbx_synchrotron_beamline   ID23-2 
# 
_reflns.entry_id                     3HKK 
_reflns.d_resolution_high            2.90 
_reflns.d_resolution_low             98.564 
_reflns.number_all                   ? 
_reflns.number_obs                   9259 
_reflns.pdbx_Rmerge_I_obs            0.145 
_reflns.pdbx_netI_over_sigmaI        4.856 
_reflns.pdbx_Rsym_value              0.145 
_reflns.pdbx_redundancy              25.100 
_reflns.percent_possible_obs         99.900 
_reflns.observed_criterion_sigma_F   0 
_reflns.observed_criterion_sigma_I   0 
_reflns.B_iso_Wilson_estimate        61 
_reflns.R_free_details               ? 
_reflns.limit_h_max                  ? 
_reflns.limit_h_min                  ? 
_reflns.limit_k_max                  ? 
_reflns.limit_k_min                  ? 
_reflns.limit_l_max                  ? 
_reflns.limit_l_min                  ? 
_reflns.observed_criterion_F_max     ? 
_reflns.observed_criterion_F_min     ? 
_reflns.pdbx_chi_squared             ? 
_reflns.pdbx_scaling_rejects         ? 
_reflns.pdbx_diffrn_id               1 
_reflns.pdbx_ordinal                 1 
# 
_reflns_shell.d_res_high             2.90 
_reflns_shell.d_res_low              3.06 
_reflns_shell.number_measured_obs    ? 
_reflns_shell.number_measured_all    33674 
_reflns_shell.number_unique_obs      ? 
_reflns_shell.Rmerge_I_obs           0.855 
_reflns_shell.meanI_over_sigI_obs    0.9 
_reflns_shell.pdbx_Rsym_value        0.855 
_reflns_shell.pdbx_chi_squared       ? 
_reflns_shell.pdbx_redundancy        25.40 
_reflns_shell.percent_possible_obs   ? 
_reflns_shell.number_unique_all      1328 
_reflns_shell.percent_possible_all   100.00 
_reflns_shell.pdbx_diffrn_id         ? 
_reflns_shell.pdbx_ordinal           1 
# 
_refine.entry_id                                 3HKK 
_refine.ls_d_res_high                            2.900 
_refine.ls_d_res_low                             38.180 
_refine.pdbx_ls_sigma_F                          0.00 
_refine.pdbx_data_cutoff_high_absF               ? 
_refine.pdbx_data_cutoff_low_absF                ? 
_refine.ls_percent_reflns_obs                    99.980 
_refine.ls_number_reflns_obs                     9214 
_refine.ls_number_reflns_all                     ? 
_refine.pdbx_ls_cross_valid_method               THROUGHOUT 
_refine.pdbx_R_Free_selection_details            RANDOM 
_refine.details                                  'HYDROGENS HAVE BEEN ADDED IN THE RIDING POSITIONS' 
_refine.ls_R_factor_all                          0.187 
_refine.ls_R_factor_obs                          0.187 
_refine.ls_R_factor_R_work                       0.185 
_refine.ls_wR_factor_R_work                      0.175 
_refine.ls_R_factor_R_free                       0.232 
_refine.ls_wR_factor_R_free                      0.222 
_refine.ls_percent_reflns_R_free                 4.800 
_refine.ls_number_reflns_R_free                  440 
_refine.ls_R_factor_R_free_error                 ? 
_refine.B_iso_mean                               46.433 
_refine.solvent_model_param_bsol                 ? 
_refine.solvent_model_param_ksol                 ? 
_refine.pdbx_isotropic_thermal_model             isotropic 
_refine.aniso_B[1][1]                            ? 
_refine.aniso_B[2][2]                            ? 
_refine.aniso_B[3][3]                            ? 
_refine.aniso_B[1][2]                            ? 
_refine.aniso_B[1][3]                            ? 
_refine.aniso_B[2][3]                            ? 
_refine.correlation_coeff_Fo_to_Fc               0.924 
_refine.correlation_coeff_Fo_to_Fc_free          0.901 
_refine.overall_SU_R_Cruickshank_DPI             0.333 
_refine.overall_SU_R_free                        0.265 
_refine.pdbx_overall_ESU_R                       0.333 
_refine.pdbx_overall_ESU_R_Free                  0.265 
_refine.overall_SU_ML                            0.162 
_refine.overall_SU_B                             8.189 
_refine.solvent_model_details                    MASK 
_refine.pdbx_solvent_vdw_probe_radii             1.200 
_refine.pdbx_solvent_ion_probe_radii             0.800 
_refine.pdbx_solvent_shrinkage_radii             0.800 
_refine.ls_number_parameters                     ? 
_refine.ls_number_restraints                     ? 
_refine.pdbx_starting_model                      'PDB ENTRY 2uuh' 
_refine.pdbx_method_to_determine_struct          'MOLECULAR REPLACEMENT' 
_refine.pdbx_stereochemistry_target_values       'MAXIMUM LIKELIHOOD' 
_refine.pdbx_stereochem_target_val_spec_case     ? 
_refine.overall_FOM_work_R_set                   0.873 
_refine.B_iso_max                                89.36 
_refine.B_iso_min                                12.19 
_refine.occupancy_max                            1.00 
_refine.occupancy_min                            0.33 
_refine.pdbx_ls_sigma_I                          0 
_refine.ls_redundancy_reflns_obs                 ? 
_refine.ls_R_factor_R_free_error_details         ? 
_refine.pdbx_data_cutoff_high_rms_absF           ? 
_refine.overall_FOM_free_R_set                   ? 
_refine.pdbx_refine_id                           'X-RAY DIFFRACTION' 
_refine.pdbx_overall_phase_error                 ? 
_refine.pdbx_diffrn_id                           1 
_refine.pdbx_TLS_residual_ADP_flag               ? 
_refine.pdbx_overall_SU_R_free_Cruickshank_DPI   ? 
_refine.pdbx_overall_SU_R_Blow_DPI               ? 
_refine.pdbx_overall_SU_R_free_Blow_DPI          ? 
# 
_refine_hist.pdbx_refine_id                   'X-RAY DIFFRACTION' 
_refine_hist.cycle_id                         LAST 
_refine_hist.pdbx_number_atoms_protein        1135 
_refine_hist.pdbx_number_atoms_nucleic_acid   0 
_refine_hist.pdbx_number_atoms_ligand         87 
_refine_hist.number_atoms_solvent             62 
_refine_hist.number_atoms_total               1284 
_refine_hist.d_res_high                       2.900 
_refine_hist.d_res_low                        38.180 
# 
loop_
_refine_ls_restr.type 
_refine_ls_restr.number 
_refine_ls_restr.dev_ideal 
_refine_ls_restr.dev_ideal_target 
_refine_ls_restr.weight 
_refine_ls_restr.pdbx_refine_id 
_refine_ls_restr.pdbx_restraint_function 
r_bond_refined_d         1244 0.015  0.022  ? 'X-RAY DIFFRACTION' ? 
r_angle_refined_deg      1668 1.582  2.024  ? 'X-RAY DIFFRACTION' ? 
r_dihedral_angle_1_deg   144  5.592  5.000  ? 'X-RAY DIFFRACTION' ? 
r_dihedral_angle_2_deg   47   32.705 19.787 ? 'X-RAY DIFFRACTION' ? 
r_dihedral_angle_3_deg   174  18.227 15.000 ? 'X-RAY DIFFRACTION' ? 
r_dihedral_angle_4_deg   13   18.919 15.000 ? 'X-RAY DIFFRACTION' ? 
r_chiral_restr           187  0.095  0.200  ? 'X-RAY DIFFRACTION' ? 
r_gen_planes_refined     897  0.005  0.020  ? 'X-RAY DIFFRACTION' ? 
r_nbd_refined            558  0.237  0.200  ? 'X-RAY DIFFRACTION' ? 
r_nbtor_refined          837  0.313  0.200  ? 'X-RAY DIFFRACTION' ? 
r_xyhbond_nbd_refined    46   0.168  0.200  ? 'X-RAY DIFFRACTION' ? 
r_symmetry_vdw_refined   46   0.143  0.200  ? 'X-RAY DIFFRACTION' ? 
r_symmetry_hbond_refined 10   0.236  0.200  ? 'X-RAY DIFFRACTION' ? 
r_mcbond_it              739  0.761  1.500  ? 'X-RAY DIFFRACTION' ? 
r_mcangle_it             1144 1.398  2.000  ? 'X-RAY DIFFRACTION' ? 
r_scbond_it              567  1.804  3.000  ? 'X-RAY DIFFRACTION' ? 
r_scangle_it             524  2.954  4.500  ? 'X-RAY DIFFRACTION' ? 
# 
_refine_ls_shell.d_res_high                       2.904 
_refine_ls_shell.d_res_low                        2.979 
_refine_ls_shell.pdbx_total_number_of_bins_used   20 
_refine_ls_shell.percent_reflns_obs               100.000 
_refine_ls_shell.number_reflns_R_work             611 
_refine_ls_shell.R_factor_all                     ? 
_refine_ls_shell.R_factor_R_work                  0.221 
_refine_ls_shell.R_factor_R_free                  0.351 
_refine_ls_shell.percent_reflns_R_free            ? 
_refine_ls_shell.number_reflns_R_free             31 
_refine_ls_shell.R_factor_R_free_error            ? 
_refine_ls_shell.number_reflns_all                642 
_refine_ls_shell.number_reflns_obs                ? 
_refine_ls_shell.redundancy_reflns_obs            ? 
_refine_ls_shell.pdbx_refine_id                   'X-RAY DIFFRACTION' 
# 
_struct.entry_id                  3HKK 
_struct.title                     'Structure of human Leukotriene C4 synthase in complex with glutathione sulfonate' 
_struct.pdbx_model_details        ? 
_struct.pdbx_CASP_flag            ? 
_struct.pdbx_model_type_details   ? 
# 
_struct_keywords.entry_id        3HKK 
_struct_keywords.text            
'Leukotriene C4 synthase, Leukotriene biosynthesis, Lyase, Membrane, Nucleus, Polymorphism, Transmembrane' 
_struct_keywords.pdbx_keywords   LYASE 
# 
loop_
_struct_asym.id 
_struct_asym.pdbx_blank_PDB_chainid_flag 
_struct_asym.pdbx_modified 
_struct_asym.entity_id 
_struct_asym.details 
A N N 1 ? 
B N N 2 ? 
C N N 3 ? 
D N N 3 ? 
E N N 3 ? 
F N N 3 ? 
G N N 3 ? 
H N N 4 ? 
I N N 3 ? 
J N N 5 ? 
# 
_struct_biol.id        1 
_struct_biol.details   ? 
# 
loop_
_struct_conf.conf_type_id 
_struct_conf.id 
_struct_conf.pdbx_PDB_helix_id 
_struct_conf.beg_label_comp_id 
_struct_conf.beg_label_asym_id 
_struct_conf.beg_label_seq_id 
_struct_conf.pdbx_beg_PDB_ins_code 
_struct_conf.end_label_comp_id 
_struct_conf.end_label_asym_id 
_struct_conf.end_label_seq_id 
_struct_conf.pdbx_end_PDB_ins_code 
_struct_conf.beg_auth_comp_id 
_struct_conf.beg_auth_asym_id 
_struct_conf.beg_auth_seq_id 
_struct_conf.end_auth_comp_id 
_struct_conf.end_auth_asym_id 
_struct_conf.end_auth_seq_id 
_struct_conf.pdbx_PDB_helix_class 
_struct_conf.details 
_struct_conf.pdbx_PDB_helix_length 
HELX_P HELX_P1 1 HIS A 7   ? GLU A 10  ? HIS A 1   GLU A 4   5 ? 4  
HELX_P HELX_P2 2 VAL A 11  ? PHE A 39  ? VAL A 5   PHE A 33  1 ? 29 
HELX_P HELX_P3 3 PRO A 49  ? PHE A 80  ? PRO A 43  PHE A 74  1 ? 32 
HELX_P HELX_P4 4 HIS A 81  ? SER A 106 ? HIS A 75  SER A 100 1 ? 26 
HELX_P HELX_P5 5 ALA A 107 ? LEU A 109 ? ALA A 101 LEU A 103 5 ? 3  
HELX_P HELX_P6 6 ARG A 110 ? LEU A 149 ? ARG A 104 LEU A 143 1 ? 40 
# 
_struct_conf_type.id          HELX_P 
_struct_conf_type.criteria    ? 
_struct_conf_type.reference   ? 
# 
loop_
_struct_mon_prot_cis.pdbx_id 
_struct_mon_prot_cis.label_comp_id 
_struct_mon_prot_cis.label_seq_id 
_struct_mon_prot_cis.label_asym_id 
_struct_mon_prot_cis.label_alt_id 
_struct_mon_prot_cis.pdbx_PDB_ins_code 
_struct_mon_prot_cis.auth_comp_id 
_struct_mon_prot_cis.auth_seq_id 
_struct_mon_prot_cis.auth_asym_id 
_struct_mon_prot_cis.pdbx_label_comp_id_2 
_struct_mon_prot_cis.pdbx_label_seq_id_2 
_struct_mon_prot_cis.pdbx_label_asym_id_2 
_struct_mon_prot_cis.pdbx_PDB_ins_code_2 
_struct_mon_prot_cis.pdbx_auth_comp_id_2 
_struct_mon_prot_cis.pdbx_auth_seq_id_2 
_struct_mon_prot_cis.pdbx_auth_asym_id_2 
_struct_mon_prot_cis.pdbx_PDB_model_num 
_struct_mon_prot_cis.pdbx_omega_angle 
1 PRO 43  A . ? PRO 37  A PRO 44  A ? PRO 38  A 1 -11.39 
2 LEU 149 A . ? LEU 143 A ARG 150 A ? ARG 144 A 1 18.40  
# 
loop_
_struct_site.id 
_struct_site.pdbx_evidence_code 
_struct_site.pdbx_auth_asym_id 
_struct_site.pdbx_auth_comp_id 
_struct_site.pdbx_auth_seq_id 
_struct_site.pdbx_auth_ins_code 
_struct_site.pdbx_num_residues 
_struct_site.details 
AC1 Software A PAM 1151 ? 3  'BINDING SITE FOR RESIDUE PAM A 1151' 
AC2 Software A PLM 1152 ? 1  'BINDING SITE FOR RESIDUE PLM A 1152' 
AC3 Software A PLM 1153 ? 1  'BINDING SITE FOR RESIDUE PLM A 1153' 
AC4 Software A PLM 1154 ? 1  'BINDING SITE FOR RESIDUE PLM A 1154' 
AC5 Software A GTS 203  ? 13 'BINDING SITE FOR RESIDUE GTS A 203'  
AC6 Software A PLM 151  ? 3  'BINDING SITE FOR RESIDUE PLM A 151'  
# 
loop_
_struct_site_gen.id 
_struct_site_gen.site_id 
_struct_site_gen.pdbx_num_res 
_struct_site_gen.label_comp_id 
_struct_site_gen.label_asym_id 
_struct_site_gen.label_seq_id 
_struct_site_gen.pdbx_auth_ins_code 
_struct_site_gen.auth_comp_id 
_struct_site_gen.auth_asym_id 
_struct_site_gen.auth_seq_id 
_struct_site_gen.label_atom_id 
_struct_site_gen.label_alt_id 
_struct_site_gen.symmetry 
_struct_site_gen.details 
1  AC1 3  GLU A 10  ? GLU A 4   . ? 1_555  ? 
2  AC1 3  TRP A 74  ? TRP A 68  . ? 18_555 ? 
3  AC1 3  ILE A 78  ? ILE A 72  . ? 1_555  ? 
4  AC2 1  ARG A 142 ? ARG A 136 . ? 1_555  ? 
5  AC3 1  PHE A 136 ? PHE A 130 . ? 1_555  ? 
6  AC4 1  GLN A 101 ? GLN A 95  . ? 1_555  ? 
7  AC5 13 ILE A 33  ? ILE A 27  . ? 18_555 ? 
8  AC5 13 ARG A 36  ? ARG A 30  . ? 18_555 ? 
9  AC5 13 PRO A 43  ? PRO A 37  . ? 18_555 ? 
10 AC5 13 TYR A 56  ? TYR A 50  . ? 18_555 ? 
11 AC5 13 ARG A 57  ? ARG A 51  . ? 1_555  ? 
12 AC5 13 GLN A 59  ? GLN A 53  . ? 18_555 ? 
13 AC5 13 ASN A 61  ? ASN A 55  . ? 1_555  ? 
14 AC5 13 GLU A 64  ? GLU A 58  . ? 1_555  ? 
15 AC5 13 TYR A 65  ? TYR A 59  . ? 1_555  ? 
16 AC5 13 TYR A 99  ? TYR A 93  . ? 1_555  ? 
17 AC5 13 TYR A 103 ? TYR A 97  . ? 1_555  ? 
18 AC5 13 ARG A 110 ? ARG A 104 . ? 1_555  ? 
19 AC5 13 LEU A 114 ? LEU A 108 . ? 1_555  ? 
20 AC6 3  ILE A 33  ? ILE A 27  . ? 18_555 ? 
21 AC6 3  TYR A 65  ? TYR A 59  . ? 1_555  ? 
22 AC6 3  TYR A 115 ? TYR A 109 . ? 1_555  ? 
# 
_atom_sites.entry_id                    3HKK 
_atom_sites.fract_transf_matrix[1][1]   0.00044396 
_atom_sites.fract_transf_matrix[1][2]   0.00475246 
_atom_sites.fract_transf_matrix[1][3]   -0.00339606 
_atom_sites.fract_transf_matrix[2][1]   -0.00584043 
_atom_sites.fract_transf_matrix[2][2]   0.00041464 
_atom_sites.fract_transf_matrix[2][3]   -0.00018325 
_atom_sites.fract_transf_matrix[3][1]   0.00009171 
_atom_sites.fract_transf_matrix[3][2]   0.00339976 
_atom_sites.fract_transf_matrix[3][3]   0.00476963 
_atom_sites.fract_transf_vector[1]      0.090868 
_atom_sites.fract_transf_vector[2]      0.326849 
_atom_sites.fract_transf_vector[3]      0.111643 
# 
loop_
_atom_type.symbol 
C 
N 
O 
S 
# 
loop_
_atom_site.group_PDB 
_atom_site.id 
_atom_site.type_symbol 
_atom_site.label_atom_id 
_atom_site.label_alt_id 
_atom_site.label_comp_id 
_atom_site.label_asym_id 
_atom_site.label_entity_id 
_atom_site.label_seq_id 
_atom_site.pdbx_PDB_ins_code 
_atom_site.Cartn_x 
_atom_site.Cartn_y 
_atom_site.Cartn_z 
_atom_site.occupancy 
_atom_site.B_iso_or_equiv 
_atom_site.pdbx_formal_charge 
_atom_site.auth_seq_id 
_atom_site.auth_comp_id 
_atom_site.auth_asym_id 
_atom_site.auth_atom_id 
_atom_site.pdbx_PDB_model_num 
ATOM   1    N N   . HIS A 1 7   ? 9.151   21.985  -0.744  1.00 82.14 ? 1    HIS A N   1 
ATOM   2    C CA  . HIS A 1 7   ? 9.497   21.961  -2.201  1.00 82.26 ? 1    HIS A CA  1 
ATOM   3    C C   . HIS A 1 7   ? 9.560   20.515  -2.736  1.00 81.41 ? 1    HIS A C   1 
ATOM   4    O O   . HIS A 1 7   ? 9.778   19.563  -1.972  1.00 81.48 ? 1    HIS A O   1 
ATOM   5    C CB  . HIS A 1 7   ? 10.809  22.733  -2.471  1.00 82.91 ? 1    HIS A CB  1 
ATOM   6    C CG  . HIS A 1 7   ? 10.995  23.147  -3.904  1.00 85.46 ? 1    HIS A CG  1 
ATOM   7    N ND1 . HIS A 1 7   ? 10.198  24.091  -4.520  1.00 88.19 ? 1    HIS A ND1 1 
ATOM   8    C CD2 . HIS A 1 7   ? 11.891  22.746  -4.840  1.00 86.89 ? 1    HIS A CD2 1 
ATOM   9    C CE1 . HIS A 1 7   ? 10.591  24.247  -5.775  1.00 88.44 ? 1    HIS A CE1 1 
ATOM   10   N NE2 . HIS A 1 7   ? 11.615  23.440  -5.995  1.00 87.80 ? 1    HIS A NE2 1 
ATOM   11   N N   . LYS A 1 8   ? 9.378   20.373  -4.054  1.00 80.17 ? 2    LYS A N   1 
ATOM   12   C CA  . LYS A 1 8   ? 9.229   19.075  -4.727  1.00 78.58 ? 2    LYS A CA  1 
ATOM   13   C C   . LYS A 1 8   ? 10.493  18.191  -4.852  1.00 77.58 ? 2    LYS A C   1 
ATOM   14   O O   . LYS A 1 8   ? 10.401  17.026  -5.245  1.00 77.53 ? 2    LYS A O   1 
ATOM   15   C CB  . LYS A 1 8   ? 8.524   19.263  -6.090  1.00 78.78 ? 2    LYS A CB  1 
ATOM   16   C CG  . LYS A 1 8   ? 9.335   19.925  -7.216  1.00 78.28 ? 2    LYS A CG  1 
ATOM   17   C CD  . LYS A 1 8   ? 8.454   20.892  -8.032  1.00 77.26 ? 2    LYS A CD  1 
ATOM   18   C CE  . LYS A 1 8   ? 8.628   20.727  -9.532  1.00 76.72 ? 2    LYS A CE  1 
ATOM   19   N NZ  . LYS A 1 8   ? 9.987   20.255  -9.930  1.00 78.20 ? 2    LYS A NZ  1 
ATOM   20   N N   . ASP A 1 9   ? 11.658  18.723  -4.500  1.00 76.20 ? 3    ASP A N   1 
ATOM   21   C CA  . ASP A 1 9   ? 12.899  17.946  -4.577  1.00 74.90 ? 3    ASP A CA  1 
ATOM   22   C C   . ASP A 1 9   ? 12.944  16.763  -3.592  1.00 73.04 ? 3    ASP A C   1 
ATOM   23   O O   . ASP A 1 9   ? 13.626  15.762  -3.843  1.00 73.01 ? 3    ASP A O   1 
ATOM   24   C CB  . ASP A 1 9   ? 14.129  18.854  -4.417  1.00 75.62 ? 3    ASP A CB  1 
ATOM   25   C CG  . ASP A 1 9   ? 14.388  19.719  -5.659  1.00 77.83 ? 3    ASP A CG  1 
ATOM   26   O OD1 . ASP A 1 9   ? 13.586  20.646  -5.937  1.00 80.27 ? 3    ASP A OD1 1 
ATOM   27   O OD2 . ASP A 1 9   ? 15.399  19.472  -6.361  1.00 80.08 ? 3    ASP A OD2 1 
ATOM   28   N N   . GLU A 1 10  ? 12.200  16.867  -2.494  1.00 70.31 ? 4    GLU A N   1 
ATOM   29   C CA  . GLU A 1 10  ? 12.228  15.831  -1.457  1.00 67.81 ? 4    GLU A CA  1 
ATOM   30   C C   . GLU A 1 10  ? 11.000  14.898  -1.413  1.00 64.64 ? 4    GLU A C   1 
ATOM   31   O O   . GLU A 1 10  ? 10.885  14.060  -0.518  1.00 64.09 ? 4    GLU A O   1 
ATOM   32   C CB  . GLU A 1 10  ? 12.419  16.493  -0.096  1.00 68.74 ? 4    GLU A CB  1 
ATOM   33   C CG  . GLU A 1 10  ? 11.332  17.495  0.240   1.00 71.88 ? 4    GLU A CG  1 
ATOM   34   C CD  . GLU A 1 10  ? 11.764  18.459  1.332   1.00 77.40 ? 4    GLU A CD  1 
ATOM   35   O OE1 . GLU A 1 10  ? 12.994  18.700  1.441   1.00 79.31 ? 4    GLU A OE1 1 
ATOM   36   O OE2 . GLU A 1 10  ? 10.880  18.970  2.076   1.00 79.63 ? 4    GLU A OE2 1 
ATOM   37   N N   . VAL A 1 11  ? 10.080  15.074  -2.358  1.00 60.69 ? 5    VAL A N   1 
ATOM   38   C CA  . VAL A 1 11  ? 8.907   14.225  -2.475  1.00 56.47 ? 5    VAL A CA  1 
ATOM   39   C C   . VAL A 1 11  ? 8.855   13.544  -3.844  1.00 54.36 ? 5    VAL A C   1 
ATOM   40   O O   . VAL A 1 11  ? 7.886   12.860  -4.171  1.00 54.55 ? 5    VAL A O   1 
ATOM   41   C CB  . VAL A 1 11  ? 7.588   15.011  -2.211  1.00 56.48 ? 5    VAL A CB  1 
ATOM   42   C CG1 . VAL A 1 11  ? 7.547   15.546  -0.784  1.00 55.04 ? 5    VAL A CG1 1 
ATOM   43   C CG2 . VAL A 1 11  ? 7.369   16.117  -3.240  1.00 55.11 ? 5    VAL A CG2 1 
ATOM   44   N N   . ALA A 1 12  ? 9.904   13.720  -4.639  1.00 51.32 ? 6    ALA A N   1 
ATOM   45   C CA  . ALA A 1 12  ? 9.890   13.288  -6.021  1.00 48.12 ? 6    ALA A CA  1 
ATOM   46   C C   . ALA A 1 12  ? 9.989   11.775  -6.146  1.00 46.11 ? 6    ALA A C   1 
ATOM   47   O O   . ALA A 1 12  ? 9.385   11.200  -7.044  1.00 45.90 ? 6    ALA A O   1 
ATOM   48   C CB  . ALA A 1 12  ? 10.971  13.985  -6.810  1.00 48.00 ? 6    ALA A CB  1 
ATOM   49   N N   . LEU A 1 13  ? 10.741  11.123  -5.263  1.00 43.71 ? 7    LEU A N   1 
ATOM   50   C CA  . LEU A 1 13  ? 10.728  9.653   -5.231  1.00 41.75 ? 7    LEU A CA  1 
ATOM   51   C C   . LEU A 1 13  ? 9.353   9.117   -4.855  1.00 39.96 ? 7    LEU A C   1 
ATOM   52   O O   . LEU A 1 13  ? 8.845   8.194   -5.499  1.00 39.65 ? 7    LEU A O   1 
ATOM   53   C CB  . LEU A 1 13  ? 11.770  9.082   -4.267  1.00 41.95 ? 7    LEU A CB  1 
ATOM   54   C CG  . LEU A 1 13  ? 13.233  9.185   -4.677  1.00 42.71 ? 7    LEU A CG  1 
ATOM   55   C CD1 . LEU A 1 13  ? 14.144  8.526   -3.642  1.00 41.35 ? 7    LEU A CD1 1 
ATOM   56   C CD2 . LEU A 1 13  ? 13.444  8.577   -6.079  1.00 43.82 ? 7    LEU A CD2 1 
ATOM   57   N N   . LEU A 1 14  ? 8.758   9.700   -3.814  1.00 37.84 ? 8    LEU A N   1 
ATOM   58   C CA  . LEU A 1 14  ? 7.431   9.306   -3.366  1.00 36.07 ? 8    LEU A CA  1 
ATOM   59   C C   . LEU A 1 14  ? 6.403   9.460   -4.482  1.00 36.09 ? 8    LEU A C   1 
ATOM   60   O O   . LEU A 1 14  ? 5.626   8.542   -4.732  1.00 36.87 ? 8    LEU A O   1 
ATOM   61   C CB  . LEU A 1 14  ? 7.020   10.104  -2.154  1.00 35.17 ? 8    LEU A CB  1 
ATOM   62   C CG  . LEU A 1 14  ? 7.966   10.009  -0.962  1.00 33.21 ? 8    LEU A CG  1 
ATOM   63   C CD1 . LEU A 1 14  ? 7.399   10.878  0.144   1.00 30.66 ? 8    LEU A CD1 1 
ATOM   64   C CD2 . LEU A 1 14  ? 8.234   8.560   -0.476  1.00 29.10 ? 8    LEU A CD2 1 
ATOM   65   N N   . ALA A 1 15  ? 6.427   10.600  -5.167  1.00 35.18 ? 9    ALA A N   1 
ATOM   66   C CA  . ALA A 1 15  ? 5.605   10.822  -6.341  1.00 34.34 ? 9    ALA A CA  1 
ATOM   67   C C   . ALA A 1 15  ? 5.870   9.803   -7.447  1.00 34.02 ? 9    ALA A C   1 
ATOM   68   O O   . ALA A 1 15  ? 4.945   9.385   -8.138  1.00 34.57 ? 9    ALA A O   1 
ATOM   69   C CB  . ALA A 1 15  ? 5.798   12.228  -6.856  1.00 34.46 ? 9    ALA A CB  1 
ATOM   70   N N   . ALA A 1 16  ? 7.120   9.393   -7.613  1.00 33.59 ? 10   ALA A N   1 
ATOM   71   C CA  . ALA A 1 16  ? 7.472   8.417   -8.651  1.00 33.15 ? 10   ALA A CA  1 
ATOM   72   C C   . ALA A 1 16  ? 6.870   7.046   -8.325  1.00 33.14 ? 10   ALA A C   1 
ATOM   73   O O   . ALA A 1 16  ? 6.246   6.416   -9.195  1.00 33.14 ? 10   ALA A O   1 
ATOM   74   C CB  . ALA A 1 16  ? 8.992   8.318   -8.824  1.00 32.57 ? 10   ALA A CB  1 
ATOM   75   N N   . VAL A 1 17  ? 7.050   6.590   -7.076  1.00 32.65 ? 11   VAL A N   1 
ATOM   76   C CA  . VAL A 1 17  ? 6.457   5.327   -6.632  1.00 31.76 ? 11   VAL A CA  1 
ATOM   77   C C   . VAL A 1 17  ? 4.926   5.400   -6.704  1.00 31.73 ? 11   VAL A C   1 
ATOM   78   O O   . VAL A 1 17  ? 4.285   4.424   -7.122  1.00 31.42 ? 11   VAL A O   1 
ATOM   79   C CB  . VAL A 1 17  ? 6.958   4.909   -5.230  1.00 31.86 ? 11   VAL A CB  1 
ATOM   80   C CG1 . VAL A 1 17  ? 6.084   3.782   -4.604  1.00 30.03 ? 11   VAL A CG1 1 
ATOM   81   C CG2 . VAL A 1 17  ? 8.421   4.473   -5.303  1.00 32.21 ? 11   VAL A CG2 1 
ATOM   82   N N   . THR A 1 18  ? 4.357   6.559   -6.332  1.00 31.30 ? 12   THR A N   1 
ATOM   83   C CA  . THR A 1 18  ? 2.911   6.790   -6.433  1.00 31.14 ? 12   THR A CA  1 
ATOM   84   C C   . THR A 1 18  ? 2.387   6.596   -7.856  1.00 31.87 ? 12   THR A C   1 
ATOM   85   O O   . THR A 1 18  ? 1.410   5.863   -8.076  1.00 31.22 ? 12   THR A O   1 
ATOM   86   C CB  . THR A 1 18  ? 2.504   8.170   -5.917  1.00 30.69 ? 12   THR A CB  1 
ATOM   87   O OG1 . THR A 1 18  ? 2.865   8.277   -4.543  1.00 30.40 ? 12   THR A OG1 1 
ATOM   88   C CG2 . THR A 1 18  ? 1.004   8.364   -6.032  1.00 29.39 ? 12   THR A CG2 1 
ATOM   89   N N   . LEU A 1 19  ? 3.047   7.240   -8.818  1.00 32.90 ? 13   LEU A N   1 
ATOM   90   C CA  . LEU A 1 19  ? 2.694   7.057   -10.221 1.00 34.15 ? 13   LEU A CA  1 
ATOM   91   C C   . LEU A 1 19  ? 2.858   5.590   -10.647 1.00 34.76 ? 13   LEU A C   1 
ATOM   92   O O   . LEU A 1 19  ? 2.023   5.062   -11.378 1.00 35.28 ? 13   LEU A O   1 
ATOM   93   C CB  . LEU A 1 19  ? 3.498   7.988   -11.129 1.00 34.02 ? 13   LEU A CB  1 
ATOM   94   C CG  . LEU A 1 19  ? 3.004   8.091   -12.581 1.00 35.50 ? 13   LEU A CG  1 
ATOM   95   C CD1 . LEU A 1 19  ? 1.587   8.731   -12.607 1.00 36.26 ? 13   LEU A CD1 1 
ATOM   96   C CD2 . LEU A 1 19  ? 3.998   8.821   -13.527 1.00 34.08 ? 13   LEU A CD2 1 
ATOM   97   N N   . LEU A 1 20  ? 3.907   4.919   -10.185 1.00 35.37 ? 14   LEU A N   1 
ATOM   98   C CA  . LEU A 1 20  ? 4.058   3.510   -10.522 1.00 36.33 ? 14   LEU A CA  1 
ATOM   99   C C   . LEU A 1 20  ? 2.851   2.685   -10.063 1.00 36.17 ? 14   LEU A C   1 
ATOM   100  O O   . LEU A 1 20  ? 2.400   1.804   -10.797 1.00 36.13 ? 14   LEU A O   1 
ATOM   101  C CB  . LEU A 1 20  ? 5.353   2.922   -9.960  1.00 36.57 ? 14   LEU A CB  1 
ATOM   102  C CG  . LEU A 1 20  ? 5.627   1.472   -10.417 1.00 38.47 ? 14   LEU A CG  1 
ATOM   103  C CD1 . LEU A 1 20  ? 5.886   1.373   -11.954 1.00 39.33 ? 14   LEU A CD1 1 
ATOM   104  C CD2 . LEU A 1 20  ? 6.770   0.795   -9.619  1.00 37.20 ? 14   LEU A CD2 1 
ATOM   105  N N   . GLY A 1 21  ? 2.338   2.982   -8.862  1.00 36.12 ? 15   GLY A N   1 
ATOM   106  C CA  . GLY A 1 21  ? 1.166   2.307   -8.293  1.00 35.42 ? 15   GLY A CA  1 
ATOM   107  C C   . GLY A 1 21  ? -0.084  2.552   -9.123  1.00 35.54 ? 15   GLY A C   1 
ATOM   108  O O   . GLY A 1 21  ? -0.865  1.643   -9.352  1.00 36.04 ? 15   GLY A O   1 
ATOM   109  N N   . VAL A 1 22  ? -0.274  3.775   -9.605  1.00 35.29 ? 16   VAL A N   1 
ATOM   110  C CA  . VAL A 1 22  ? -1.424  4.079   -10.461 1.00 34.41 ? 16   VAL A CA  1 
ATOM   111  C C   . VAL A 1 22  ? -1.386  3.226   -11.726 1.00 34.83 ? 16   VAL A C   1 
ATOM   112  O O   . VAL A 1 22  ? -2.408  2.676   -12.151 1.00 35.12 ? 16   VAL A O   1 
ATOM   113  C CB  . VAL A 1 22  ? -1.505  5.586   -10.831 1.00 33.92 ? 16   VAL A CB  1 
ATOM   114  C CG1 . VAL A 1 22  ? -2.675  5.838   -11.788 1.00 31.87 ? 16   VAL A CG1 1 
ATOM   115  C CG2 . VAL A 1 22  ? -1.627  6.448   -9.552  1.00 32.55 ? 16   VAL A CG2 1 
ATOM   116  N N   . LEU A 1 23  ? -0.203  3.119   -12.322 1.00 34.90 ? 17   LEU A N   1 
ATOM   117  C CA  . LEU A 1 23  ? -0.046  2.389   -13.566 1.00 34.85 ? 17   LEU A CA  1 
ATOM   118  C C   . LEU A 1 23  ? -0.349  0.904   -13.338 1.00 35.16 ? 17   LEU A C   1 
ATOM   119  O O   . LEU A 1 23  ? -1.016  0.255   -14.158 1.00 35.39 ? 17   LEU A O   1 
ATOM   120  C CB  . LEU A 1 23  ? 1.360   2.582   -14.114 1.00 34.82 ? 17   LEU A CB  1 
ATOM   121  C CG  . LEU A 1 23  ? 1.680   3.927   -14.771 1.00 34.79 ? 17   LEU A CG  1 
ATOM   122  C CD1 . LEU A 1 23  ? 3.176   4.015   -15.066 1.00 34.13 ? 17   LEU A CD1 1 
ATOM   123  C CD2 . LEU A 1 23  ? 0.870   4.146   -16.050 1.00 33.97 ? 17   LEU A CD2 1 
ATOM   124  N N   . LEU A 1 24  ? 0.106   0.382   -12.203 1.00 34.91 ? 18   LEU A N   1 
ATOM   125  C CA  . LEU A 1 24  ? -0.185  -0.982  -11.837 1.00 34.87 ? 18   LEU A CA  1 
ATOM   126  C C   . LEU A 1 24  ? -1.701  -1.218  -11.729 1.00 35.18 ? 18   LEU A C   1 
ATOM   127  O O   . LEU A 1 24  ? -2.216  -2.189  -12.297 1.00 35.40 ? 18   LEU A O   1 
ATOM   128  C CB  . LEU A 1 24  ? 0.528   -1.340  -10.544 1.00 34.46 ? 18   LEU A CB  1 
ATOM   129  C CG  . LEU A 1 24  ? 0.653   -2.838  -10.240 1.00 35.41 ? 18   LEU A CG  1 
ATOM   130  C CD1 . LEU A 1 24  ? 1.417   -3.616  -11.351 1.00 35.82 ? 18   LEU A CD1 1 
ATOM   131  C CD2 . LEU A 1 24  ? 1.285   -3.069  -8.852  1.00 35.20 ? 18   LEU A CD2 1 
ATOM   132  N N   . GLN A 1 25  ? -2.407  -0.321  -11.032 1.00 35.19 ? 19   GLN A N   1 
ATOM   133  C CA  . GLN A 1 25  ? -3.854  -0.423  -10.856 1.00 35.04 ? 19   GLN A CA  1 
ATOM   134  C C   . GLN A 1 25  ? -4.569  -0.319  -12.189 1.00 35.70 ? 19   GLN A C   1 
ATOM   135  O O   . GLN A 1 25  ? -5.580  -0.999  -12.414 1.00 36.23 ? 19   GLN A O   1 
ATOM   136  C CB  . GLN A 1 25  ? -4.365  0.654   -9.914  1.00 34.53 ? 19   GLN A CB  1 
ATOM   137  C CG  . GLN A 1 25  ? -3.877  0.486   -8.499  1.00 34.91 ? 19   GLN A CG  1 
ATOM   138  C CD  . GLN A 1 25  ? -4.512  -0.681  -7.779  1.00 36.53 ? 19   GLN A CD  1 
ATOM   139  O OE1 . GLN A 1 25  ? -3.825  -1.543  -7.223  1.00 35.99 ? 19   GLN A OE1 1 
ATOM   140  N NE2 . GLN A 1 25  ? -5.836  -0.717  -7.782  1.00 38.69 ? 19   GLN A NE2 1 
ATOM   141  N N   . ALA A 1 26  ? -4.049  0.527   -13.078 1.00 36.10 ? 20   ALA A N   1 
ATOM   142  C CA  . ALA A 1 26  ? -4.600  0.652   -14.427 1.00 36.30 ? 20   ALA A CA  1 
ATOM   143  C C   . ALA A 1 26  ? -4.480  -0.684  -15.171 1.00 36.50 ? 20   ALA A C   1 
ATOM   144  O O   . ALA A 1 26  ? -5.390  -1.106  -15.882 1.00 36.09 ? 20   ALA A O   1 
ATOM   145  C CB  . ALA A 1 26  ? -3.882  1.749   -15.175 1.00 36.14 ? 20   ALA A CB  1 
ATOM   146  N N   . TYR A 1 27  ? -3.343  -1.344  -14.980 1.00 37.07 ? 21   TYR A N   1 
ATOM   147  C CA  . TYR A 1 27  ? -3.077  -2.641  -15.582 1.00 37.59 ? 21   TYR A CA  1 
ATOM   148  C C   . TYR A 1 27  ? -4.052  -3.730  -15.068 1.00 37.52 ? 21   TYR A C   1 
ATOM   149  O O   . TYR A 1 27  ? -4.597  -4.520  -15.853 1.00 37.50 ? 21   TYR A O   1 
ATOM   150  C CB  . TYR A 1 27  ? -1.623  -3.035  -15.333 1.00 37.91 ? 21   TYR A CB  1 
ATOM   151  C CG  . TYR A 1 27  ? -1.335  -4.449  -15.724 1.00 39.25 ? 21   TYR A CG  1 
ATOM   152  C CD1 . TYR A 1 27  ? -1.253  -4.806  -17.074 1.00 40.80 ? 21   TYR A CD1 1 
ATOM   153  C CD2 . TYR A 1 27  ? -1.160  -5.450  -14.751 1.00 39.87 ? 21   TYR A CD2 1 
ATOM   154  C CE1 . TYR A 1 27  ? -0.995  -6.116  -17.459 1.00 40.83 ? 21   TYR A CE1 1 
ATOM   155  C CE2 . TYR A 1 27  ? -0.906  -6.773  -15.118 1.00 39.78 ? 21   TYR A CE2 1 
ATOM   156  C CZ  . TYR A 1 27  ? -0.832  -7.097  -16.483 1.00 40.92 ? 21   TYR A CZ  1 
ATOM   157  O OH  . TYR A 1 27  ? -0.577  -8.393  -16.896 1.00 41.39 ? 21   TYR A OH  1 
ATOM   158  N N   . PHE A 1 28  ? -4.268  -3.772  -13.760 1.00 37.14 ? 22   PHE A N   1 
ATOM   159  C CA  . PHE A 1 28  ? -5.258  -4.672  -13.194 1.00 37.41 ? 22   PHE A CA  1 
ATOM   160  C C   . PHE A 1 28  ? -6.636  -4.444  -13.810 1.00 38.14 ? 22   PHE A C   1 
ATOM   161  O O   . PHE A 1 28  ? -7.339  -5.397  -14.138 1.00 38.20 ? 22   PHE A O   1 
ATOM   162  C CB  . PHE A 1 28  ? -5.349  -4.489  -11.679 1.00 36.72 ? 22   PHE A CB  1 
ATOM   163  C CG  . PHE A 1 28  ? -4.084  -4.832  -10.953 1.00 36.74 ? 22   PHE A CG  1 
ATOM   164  C CD1 . PHE A 1 28  ? -3.131  -5.671  -11.535 1.00 34.36 ? 22   PHE A CD1 1 
ATOM   165  C CD2 . PHE A 1 28  ? -3.844  -4.331  -9.662  1.00 36.90 ? 22   PHE A CD2 1 
ATOM   166  C CE1 . PHE A 1 28  ? -1.967  -5.975  -10.863 1.00 34.31 ? 22   PHE A CE1 1 
ATOM   167  C CE2 . PHE A 1 28  ? -2.666  -4.654  -8.969  1.00 34.65 ? 22   PHE A CE2 1 
ATOM   168  C CZ  . PHE A 1 28  ? -1.734  -5.475  -9.572  1.00 34.72 ? 22   PHE A CZ  1 
ATOM   169  N N   . SER A 1 29  ? -7.019  -3.177  -13.952 1.00 39.00 ? 23   SER A N   1 
ATOM   170  C CA  . SER A 1 29  ? -8.319  -2.836  -14.497 1.00 39.85 ? 23   SER A CA  1 
ATOM   171  C C   . SER A 1 29  ? -8.491  -3.357  -15.905 1.00 40.52 ? 23   SER A C   1 
ATOM   172  O O   . SER A 1 29  ? -9.524  -3.969  -16.216 1.00 40.77 ? 23   SER A O   1 
ATOM   173  C CB  . SER A 1 29  ? -8.551  -1.338  -14.446 1.00 39.36 ? 23   SER A CB  1 
ATOM   174  O OG  . SER A 1 29  ? -8.820  -1.005  -13.108 1.00 40.41 ? 23   SER A OG  1 
ATOM   175  N N   . LEU A 1 30  ? -7.471  -3.131  -16.739 1.00 41.11 ? 24   LEU A N   1 
ATOM   176  C CA  . LEU A 1 30  ? -7.493  -3.577  -18.124 1.00 41.53 ? 24   LEU A CA  1 
ATOM   177  C C   . LEU A 1 30  ? -7.617  -5.101  -18.191 1.00 42.05 ? 24   LEU A C   1 
ATOM   178  O O   . LEU A 1 30  ? -8.307  -5.617  -19.062 1.00 42.35 ? 24   LEU A O   1 
ATOM   179  C CB  . LEU A 1 30  ? -6.269  -3.067  -18.898 1.00 41.44 ? 24   LEU A CB  1 
ATOM   180  C CG  . LEU A 1 30  ? -6.209  -1.555  -19.195 1.00 41.65 ? 24   LEU A CG  1 
ATOM   181  C CD1 . LEU A 1 30  ? -4.788  -1.080  -19.519 1.00 41.65 ? 24   LEU A CD1 1 
ATOM   182  C CD2 . LEU A 1 30  ? -7.168  -1.119  -20.301 1.00 40.42 ? 24   LEU A CD2 1 
ATOM   183  N N   . GLN A 1 31  ? -6.981  -5.804  -17.253 1.00 42.52 ? 25   GLN A N   1 
ATOM   184  C CA  . GLN A 1 31  ? -7.074  -7.266  -17.153 1.00 43.31 ? 25   GLN A CA  1 
ATOM   185  C C   . GLN A 1 31  ? -8.478  -7.758  -16.805 1.00 43.60 ? 25   GLN A C   1 
ATOM   186  O O   . GLN A 1 31  ? -8.939  -8.762  -17.374 1.00 44.33 ? 25   GLN A O   1 
ATOM   187  C CB  . GLN A 1 31  ? -6.077  -7.811  -16.128 1.00 43.46 ? 25   GLN A CB  1 
ATOM   188  C CG  . GLN A 1 31  ? -4.615  -7.631  -16.504 1.00 46.53 ? 25   GLN A CG  1 
ATOM   189  C CD  . GLN A 1 31  ? -4.214  -8.404  -17.757 1.00 49.19 ? 25   GLN A CD  1 
ATOM   190  O OE1 . GLN A 1 31  ? -4.653  -8.095  -18.863 1.00 50.29 ? 25   GLN A OE1 1 
ATOM   191  N NE2 . GLN A 1 31  ? -3.361  -9.401  -17.586 1.00 49.92 ? 25   GLN A NE2 1 
ATOM   192  N N   . VAL A 1 32  ? -9.150  -7.075  -15.870 1.00 43.26 ? 26   VAL A N   1 
ATOM   193  C CA  . VAL A 1 32  ? -10.550 -7.381  -15.574 1.00 42.79 ? 26   VAL A CA  1 
ATOM   194  C C   . VAL A 1 32  ? -11.437 -7.122  -16.800 1.00 43.16 ? 26   VAL A C   1 
ATOM   195  O O   . VAL A 1 32  ? -12.375 -7.867  -17.028 1.00 43.11 ? 26   VAL A O   1 
ATOM   196  C CB  . VAL A 1 32  ? -11.096 -6.633  -14.317 1.00 42.36 ? 26   VAL A CB  1 
ATOM   197  C CG1 . VAL A 1 32  ? -12.574 -6.910  -14.110 1.00 40.00 ? 26   VAL A CG1 1 
ATOM   198  C CG2 . VAL A 1 32  ? -10.345 -7.066  -13.099 1.00 42.62 ? 26   VAL A CG2 1 
ATOM   199  N N   . ILE A 1 33  ? -11.149 -6.081  -17.578 1.00 43.56 ? 27   ILE A N   1 
ATOM   200  C CA  . ILE A 1 33  ? -11.942 -5.798  -18.768 1.00 44.55 ? 27   ILE A CA  1 
ATOM   201  C C   . ILE A 1 33  ? -11.817 -6.965  -19.765 1.00 45.73 ? 27   ILE A C   1 
ATOM   202  O O   . ILE A 1 33  ? -12.817 -7.421  -20.349 1.00 46.16 ? 27   ILE A O   1 
ATOM   203  C CB  . ILE A 1 33  ? -11.545 -4.462  -19.445 1.00 44.47 ? 27   ILE A CB  1 
ATOM   204  C CG1 . ILE A 1 33  ? -11.982 -3.277  -18.572 1.00 45.38 ? 27   ILE A CG1 1 
ATOM   205  C CG2 . ILE A 1 33  ? -12.192 -4.334  -20.814 1.00 43.33 ? 27   ILE A CG2 1 
ATOM   206  C CD1 . ILE A 1 33  ? -11.355 -1.911  -18.949 1.00 44.04 ? 27   ILE A CD1 1 
ATOM   207  N N   . SER A 1 34  ? -10.599 -7.470  -19.941 1.00 46.29 ? 28   SER A N   1 
ATOM   208  C CA  . SER A 1 34  ? -10.377 -8.500  -20.935 1.00 46.83 ? 28   SER A CA  1 
ATOM   209  C C   . SER A 1 34  ? -10.834 -9.878  -20.434 1.00 47.33 ? 28   SER A C   1 
ATOM   210  O O   . SER A 1 34  ? -11.129 -10.768 -21.231 1.00 47.44 ? 28   SER A O   1 
ATOM   211  C CB  . SER A 1 34  ? -8.927  -8.510  -21.396 1.00 46.37 ? 28   SER A CB  1 
ATOM   212  O OG  . SER A 1 34  ? -8.162  -9.198  -20.454 1.00 46.75 ? 28   SER A OG  1 
ATOM   213  N N   . ALA A 1 35  ? -10.893 -10.061 -19.121 1.00 48.16 ? 29   ALA A N   1 
ATOM   214  C CA  . ALA A 1 35  ? -11.519 -11.271 -18.570 1.00 48.85 ? 29   ALA A CA  1 
ATOM   215  C C   . ALA A 1 35  ? -13.025 -11.290 -18.859 1.00 49.23 ? 29   ALA A C   1 
ATOM   216  O O   . ALA A 1 35  ? -13.594 -12.339 -19.077 1.00 49.32 ? 29   ALA A O   1 
ATOM   217  C CB  . ALA A 1 35  ? -11.236 -11.408 -17.070 1.00 48.50 ? 29   ALA A CB  1 
ATOM   218  N N   . ARG A 1 36  ? -13.653 -10.119 -18.876 1.00 50.33 ? 30   ARG A N   1 
ATOM   219  C CA  . ARG A 1 36  ? -15.084 -9.997  -19.128 1.00 51.01 ? 30   ARG A CA  1 
ATOM   220  C C   . ARG A 1 36  ? -15.405 -10.463 -20.561 1.00 52.66 ? 30   ARG A C   1 
ATOM   221  O O   . ARG A 1 36  ? -16.371 -11.183 -20.785 1.00 52.81 ? 30   ARG A O   1 
ATOM   222  C CB  . ARG A 1 36  ? -15.553 -8.551  -18.886 1.00 50.40 ? 30   ARG A CB  1 
ATOM   223  C CG  . ARG A 1 36  ? -15.879 -8.213  -17.440 1.00 49.61 ? 30   ARG A CG  1 
ATOM   224  C CD  . ARG A 1 36  ? -16.750 -6.950  -17.328 1.00 49.70 ? 30   ARG A CD  1 
ATOM   225  N NE  . ARG A 1 36  ? -16.942 -6.474  -15.955 1.00 47.72 ? 30   ARG A NE  1 
ATOM   226  C CZ  . ARG A 1 36  ? -17.891 -6.895  -15.106 1.00 48.63 ? 30   ARG A CZ  1 
ATOM   227  N NH1 . ARG A 1 36  ? -18.764 -7.826  -15.458 1.00 47.61 ? 30   ARG A NH1 1 
ATOM   228  N NH2 . ARG A 1 36  ? -17.974 -6.381  -13.881 1.00 48.88 ? 30   ARG A NH2 1 
ATOM   229  N N   . ARG A 1 37  ? -14.587 -10.035 -21.517 1.00 54.35 ? 31   ARG A N   1 
ATOM   230  C CA  . ARG A 1 37  ? -14.655 -10.487 -22.888 1.00 56.52 ? 31   ARG A CA  1 
ATOM   231  C C   . ARG A 1 37  ? -14.397 -12.010 -22.971 1.00 57.01 ? 31   ARG A C   1 
ATOM   232  O O   . ARG A 1 37  ? -15.322 -12.774 -23.262 1.00 57.90 ? 31   ARG A O   1 
ATOM   233  C CB  . ARG A 1 37  ? -13.648 -9.688  -23.711 1.00 57.26 ? 31   ARG A CB  1 
ATOM   234  C CG  . ARG A 1 37  ? -13.749 -9.834  -25.244 1.00 62.64 ? 31   ARG A CG  1 
ATOM   235  C CD  . ARG A 1 37  ? -13.821 -8.451  -25.948 1.00 69.73 ? 31   ARG A CD  1 
ATOM   236  N NE  . ARG A 1 37  ? -13.212 -7.379  -25.139 1.00 76.04 ? 31   ARG A NE  1 
ATOM   237  C CZ  . ARG A 1 37  ? -13.506 -6.074  -25.237 1.00 78.85 ? 31   ARG A CZ  1 
ATOM   238  N NH1 . ARG A 1 37  ? -14.418 -5.651  -26.123 1.00 80.78 ? 31   ARG A NH1 1 
ATOM   239  N NH2 . ARG A 1 37  ? -12.886 -5.189  -24.448 1.00 77.65 ? 31   ARG A NH2 1 
ATOM   240  N N   . ALA A 1 38  ? -13.174 -12.456 -22.678 1.00 57.27 ? 32   ALA A N   1 
ATOM   241  C CA  . ALA A 1 38  ? -12.818 -13.884 -22.666 1.00 57.63 ? 32   ALA A CA  1 
ATOM   242  C C   . ALA A 1 38  ? -13.904 -14.863 -22.157 1.00 58.45 ? 32   ALA A C   1 
ATOM   243  O O   . ALA A 1 38  ? -14.211 -15.841 -22.845 1.00 58.96 ? 32   ALA A O   1 
ATOM   244  C CB  . ALA A 1 38  ? -11.506 -14.099 -21.914 1.00 56.98 ? 32   ALA A CB  1 
ATOM   245  N N   . PHE A 1 39  ? -14.474 -14.606 -20.973 1.00 59.07 ? 33   PHE A N   1 
ATOM   246  C CA  . PHE A 1 39  ? -15.388 -15.546 -20.313 1.00 59.46 ? 33   PHE A CA  1 
ATOM   247  C C   . PHE A 1 39  ? -16.819 -15.087 -20.395 1.00 59.70 ? 33   PHE A C   1 
ATOM   248  O O   . PHE A 1 39  ? -17.712 -15.678 -19.779 1.00 59.45 ? 33   PHE A O   1 
ATOM   249  C CB  . PHE A 1 39  ? -15.023 -15.719 -18.851 1.00 59.95 ? 33   PHE A CB  1 
ATOM   250  C CG  . PHE A 1 39  ? -13.575 -15.998 -18.617 1.00 61.36 ? 33   PHE A CG  1 
ATOM   251  C CD1 . PHE A 1 39  ? -13.045 -17.260 -18.873 1.00 63.94 ? 33   PHE A CD1 1 
ATOM   252  C CD2 . PHE A 1 39  ? -12.736 -15.004 -18.117 1.00 63.02 ? 33   PHE A CD2 1 
ATOM   253  C CE1 . PHE A 1 39  ? -11.686 -17.529 -18.654 1.00 64.75 ? 33   PHE A CE1 1 
ATOM   254  C CE2 . PHE A 1 39  ? -11.383 -15.249 -17.885 1.00 64.43 ? 33   PHE A CE2 1 
ATOM   255  C CZ  . PHE A 1 39  ? -10.853 -16.519 -18.155 1.00 64.29 ? 33   PHE A CZ  1 
ATOM   256  N N   . ARG A 1 40  ? -17.026 -14.018 -21.155 1.00 60.14 ? 34   ARG A N   1 
ATOM   257  C CA  . ARG A 1 40  ? -18.358 -13.475 -21.431 1.00 60.98 ? 34   ARG A CA  1 
ATOM   258  C C   . ARG A 1 40  ? -19.201 -13.230 -20.160 1.00 59.83 ? 34   ARG A C   1 
ATOM   259  O O   . ARG A 1 40  ? -20.341 -13.686 -20.066 1.00 60.84 ? 34   ARG A O   1 
ATOM   260  C CB  . ARG A 1 40  ? -19.091 -14.346 -22.474 1.00 61.01 ? 34   ARG A CB  1 
ATOM   261  C CG  . ARG A 1 40  ? -18.361 -14.418 -23.834 1.00 63.26 ? 34   ARG A CG  1 
ATOM   262  C CD  . ARG A 1 40  ? -19.267 -14.838 -25.007 1.00 64.02 ? 34   ARG A CD  1 
ATOM   263  N NE  . ARG A 1 40  ? -19.648 -16.256 -24.928 1.00 71.59 ? 34   ARG A NE  1 
ATOM   264  C CZ  . ARG A 1 40  ? -18.942 -17.280 -25.425 1.00 74.11 ? 34   ARG A CZ  1 
ATOM   265  N NH1 . ARG A 1 40  ? -17.787 -17.063 -26.064 1.00 74.33 ? 34   ARG A NH1 1 
ATOM   266  N NH2 . ARG A 1 40  ? -19.398 -18.535 -25.287 1.00 74.72 ? 34   ARG A NH2 1 
ATOM   267  N N   . VAL A 1 41  ? -18.622 -12.523 -19.188 1.00 58.21 ? 35   VAL A N   1 
ATOM   268  C CA  . VAL A 1 41  ? -19.337 -12.042 -18.000 1.00 56.57 ? 35   VAL A CA  1 
ATOM   269  C C   . VAL A 1 41  ? -19.583 -10.549 -18.204 1.00 55.84 ? 35   VAL A C   1 
ATOM   270  O O   . VAL A 1 41  ? -18.630 -9.792  -18.344 1.00 55.91 ? 35   VAL A O   1 
ATOM   271  C CB  . VAL A 1 41  ? -18.480 -12.218 -16.716 1.00 56.63 ? 35   VAL A CB  1 
ATOM   272  C CG1 . VAL A 1 41  ? -19.224 -11.722 -15.479 1.00 55.37 ? 35   VAL A CG1 1 
ATOM   273  C CG2 . VAL A 1 41  ? -18.017 -13.672 -16.536 1.00 56.77 ? 35   VAL A CG2 1 
ATOM   274  N N   . SER A 1 42  ? -20.828 -10.096 -18.228 1.00 54.62 ? 36   SER A N   1 
ATOM   275  C CA  . SER A 1 42  ? -21.031 -8.708  -18.626 1.00 54.21 ? 36   SER A CA  1 
ATOM   276  C C   . SER A 1 42  ? -21.883 -7.843  -17.676 1.00 53.35 ? 36   SER A C   1 
ATOM   277  O O   . SER A 1 42  ? -22.893 -8.303  -17.171 1.00 53.28 ? 36   SER A O   1 
ATOM   278  C CB  . SER A 1 42  ? -21.501 -8.619  -20.094 1.00 54.53 ? 36   SER A CB  1 
ATOM   279  O OG  . SER A 1 42  ? -22.885 -8.851  -20.221 1.00 55.64 ? 36   SER A OG  1 
ATOM   280  N N   . PRO A 1 43  ? -21.456 -6.604  -17.455 1.00 52.48 ? 37   PRO A N   1 
ATOM   281  C CA  . PRO A 1 43  ? -22.108 -5.728  -16.476 1.00 51.94 ? 37   PRO A CA  1 
ATOM   282  C C   . PRO A 1 43  ? -23.628 -5.774  -16.597 1.00 51.35 ? 37   PRO A C   1 
ATOM   283  O O   . PRO A 1 43  ? -24.153 -5.943  -17.697 1.00 51.45 ? 37   PRO A O   1 
ATOM   284  C CB  . PRO A 1 43  ? -21.592 -4.339  -16.859 1.00 52.08 ? 37   PRO A CB  1 
ATOM   285  C CG  . PRO A 1 43  ? -20.268 -4.596  -17.484 1.00 52.07 ? 37   PRO A CG  1 
ATOM   286  C CD  . PRO A 1 43  ? -20.403 -5.904  -18.211 1.00 51.97 ? 37   PRO A CD  1 
ATOM   287  N N   . PRO A 1 44  ? -24.320 -5.623  -15.473 1.00 50.74 ? 38   PRO A N   1 
ATOM   288  C CA  . PRO A 1 44  ? -23.673 -5.669  -14.157 1.00 50.17 ? 38   PRO A CA  1 
ATOM   289  C C   . PRO A 1 44  ? -22.867 -6.949  -13.967 1.00 50.13 ? 38   PRO A C   1 
ATOM   290  O O   . PRO A 1 44  ? -21.933 -7.209  -14.725 1.00 51.08 ? 38   PRO A O   1 
ATOM   291  C CB  . PRO A 1 44  ? -24.857 -5.643  -13.189 1.00 50.17 ? 38   PRO A CB  1 
ATOM   292  C CG  . PRO A 1 44  ? -25.925 -4.921  -13.932 1.00 49.92 ? 38   PRO A CG  1 
ATOM   293  C CD  . PRO A 1 44  ? -25.755 -5.305  -15.374 1.00 50.06 ? 38   PRO A CD  1 
ATOM   294  N N   . LEU A 1 45  ? -23.232 -7.739  -12.961 1.00 49.31 ? 39   LEU A N   1 
ATOM   295  C CA  . LEU A 1 45  ? -22.755 -9.112  -12.855 1.00 48.77 ? 39   LEU A CA  1 
ATOM   296  C C   . LEU A 1 45  ? -21.251 -9.158  -12.602 1.00 48.45 ? 39   LEU A C   1 
ATOM   297  O O   . LEU A 1 45  ? -20.455 -8.819  -13.478 1.00 47.42 ? 39   LEU A O   1 
ATOM   298  C CB  . LEU A 1 45  ? -23.100 -9.899  -14.121 1.00 48.33 ? 39   LEU A CB  1 
ATOM   299  C CG  . LEU A 1 45  ? -24.387 -10.724 -14.077 1.00 48.27 ? 39   LEU A CG  1 
ATOM   300  C CD1 . LEU A 1 45  ? -24.073 -12.202 -13.905 1.00 47.89 ? 39   LEU A CD1 1 
ATOM   301  C CD2 . LEU A 1 45  ? -25.301 -10.234 -12.964 1.00 46.86 ? 39   LEU A CD2 1 
ATOM   302  N N   . THR A 1 46  ? -20.872 -9.579  -11.400 1.00 48.47 ? 40   THR A N   1 
ATOM   303  C CA  . THR A 1 46  ? -19.484 -9.681  -11.039 1.00 48.30 ? 40   THR A CA  1 
ATOM   304  C C   . THR A 1 46  ? -19.207 -11.137 -10.681 1.00 48.17 ? 40   THR A C   1 
ATOM   305  O O   . THR A 1 46  ? -18.130 -11.465 -10.199 1.00 48.72 ? 40   THR A O   1 
ATOM   306  C CB  . THR A 1 46  ? -19.129 -8.673  -9.915  1.00 48.13 ? 40   THR A CB  1 
ATOM   307  O OG1 . THR A 1 46  ? -20.060 -8.802  -8.845  1.00 48.50 ? 40   THR A OG1 1 
ATOM   308  C CG2 . THR A 1 46  ? -19.224 -7.256  -10.427 1.00 47.36 ? 40   THR A CG2 1 
ATOM   309  N N   . THR A 1 47  ? -20.186 -12.005 -10.959 1.00 48.01 ? 41   THR A N   1 
ATOM   310  C CA  . THR A 1 47  ? -20.030 -13.470 -10.839 1.00 47.53 ? 41   THR A CA  1 
ATOM   311  C C   . THR A 1 47  ? -20.176 -14.219 -12.179 1.00 47.44 ? 41   THR A C   1 
ATOM   312  O O   . THR A 1 47  ? -20.890 -13.770 -13.086 1.00 47.29 ? 41   THR A O   1 
ATOM   313  C CB  . THR A 1 47  ? -20.985 -14.073 -9.794  1.00 47.22 ? 41   THR A CB  1 
ATOM   314  O OG1 . THR A 1 47  ? -22.336 -13.724 -10.116 1.00 47.78 ? 41   THR A OG1 1 
ATOM   315  C CG2 . THR A 1 47  ? -20.652 -13.567 -8.417  1.00 45.82 ? 41   THR A CG2 1 
ATOM   316  N N   . GLY A 1 48  ? -19.486 -15.352 -12.285 1.00 47.27 ? 42   GLY A N   1 
ATOM   317  C CA  . GLY A 1 48  ? -19.401 -16.123 -13.526 1.00 47.58 ? 42   GLY A CA  1 
ATOM   318  C C   . GLY A 1 48  ? -18.515 -17.346 -13.329 1.00 48.02 ? 42   GLY A C   1 
ATOM   319  O O   . GLY A 1 48  ? -18.448 -17.891 -12.230 1.00 47.67 ? 42   GLY A O   1 
ATOM   320  N N   . PRO A 1 49  ? -17.841 -17.800 -14.393 1.00 48.74 ? 43   PRO A N   1 
ATOM   321  C CA  . PRO A 1 49  ? -16.803 -18.832 -14.239 1.00 49.85 ? 43   PRO A CA  1 
ATOM   322  C C   . PRO A 1 49  ? -15.751 -18.426 -13.192 1.00 51.09 ? 43   PRO A C   1 
ATOM   323  O O   . PRO A 1 49  ? -15.407 -17.234 -13.117 1.00 51.26 ? 43   PRO A O   1 
ATOM   324  C CB  . PRO A 1 49  ? -16.145 -18.905 -15.630 1.00 49.73 ? 43   PRO A CB  1 
ATOM   325  C CG  . PRO A 1 49  ? -16.813 -17.854 -16.481 1.00 49.21 ? 43   PRO A CG  1 
ATOM   326  C CD  . PRO A 1 49  ? -18.053 -17.403 -15.797 1.00 48.71 ? 43   PRO A CD  1 
ATOM   327  N N   . PRO A 1 50  ? -15.226 -19.400 -12.400 1.00 52.04 ? 44   PRO A N   1 
ATOM   328  C CA  . PRO A 1 50  ? -14.275 -19.083 -11.298 1.00 52.56 ? 44   PRO A CA  1 
ATOM   329  C C   . PRO A 1 50  ? -12.994 -18.412 -11.761 1.00 52.72 ? 44   PRO A C   1 
ATOM   330  O O   . PRO A 1 50  ? -12.429 -17.618 -11.023 1.00 52.80 ? 44   PRO A O   1 
ATOM   331  C CB  . PRO A 1 50  ? -13.957 -20.454 -10.672 1.00 52.44 ? 44   PRO A CB  1 
ATOM   332  C CG  . PRO A 1 50  ? -15.088 -21.311 -11.094 1.00 52.93 ? 44   PRO A CG  1 
ATOM   333  C CD  . PRO A 1 50  ? -15.476 -20.846 -12.479 1.00 51.97 ? 44   PRO A CD  1 
ATOM   334  N N   . GLU A 1 51  ? -12.546 -18.727 -12.974 1.00 53.17 ? 45   GLU A N   1 
ATOM   335  C CA  . GLU A 1 51  ? -11.380 -18.049 -13.542 1.00 53.61 ? 45   GLU A CA  1 
ATOM   336  C C   . GLU A 1 51  ? -11.687 -16.587 -13.882 1.00 52.59 ? 45   GLU A C   1 
ATOM   337  O O   . GLU A 1 51  ? -10.768 -15.784 -13.947 1.00 52.89 ? 45   GLU A O   1 
ATOM   338  C CB  . GLU A 1 51  ? -10.715 -18.820 -14.722 1.00 54.24 ? 45   GLU A CB  1 
ATOM   339  C CG  . GLU A 1 51  ? -11.664 -19.419 -15.790 1.00 57.92 ? 45   GLU A CG  1 
ATOM   340  C CD  . GLU A 1 51  ? -12.272 -20.774 -15.376 1.00 63.04 ? 45   GLU A CD  1 
ATOM   341  O OE1 . GLU A 1 51  ? -11.545 -21.807 -15.412 1.00 65.22 ? 45   GLU A OE1 1 
ATOM   342  O OE2 . GLU A 1 51  ? -13.483 -20.809 -15.024 1.00 65.54 ? 45   GLU A OE2 1 
ATOM   343  N N   . PHE A 1 52  ? -12.962 -16.231 -14.077 1.00 51.34 ? 46   PHE A N   1 
ATOM   344  C CA  . PHE A 1 52  ? -13.312 -14.807 -14.099 1.00 49.99 ? 46   PHE A CA  1 
ATOM   345  C C   . PHE A 1 52  ? -13.290 -14.166 -12.704 1.00 49.24 ? 46   PHE A C   1 
ATOM   346  O O   . PHE A 1 52  ? -12.840 -13.025 -12.560 1.00 49.29 ? 46   PHE A O   1 
ATOM   347  C CB  . PHE A 1 52  ? -14.672 -14.495 -14.734 1.00 49.71 ? 46   PHE A CB  1 
ATOM   348  C CG  . PHE A 1 52  ? -15.097 -13.059 -14.517 1.00 49.04 ? 46   PHE A CG  1 
ATOM   349  C CD1 . PHE A 1 52  ? -14.612 -12.045 -15.344 1.00 48.15 ? 46   PHE A CD1 1 
ATOM   350  C CD2 . PHE A 1 52  ? -15.917 -12.712 -13.435 1.00 47.99 ? 46   PHE A CD2 1 
ATOM   351  C CE1 . PHE A 1 52  ? -14.964 -10.708 -15.120 1.00 47.54 ? 46   PHE A CE1 1 
ATOM   352  C CE2 . PHE A 1 52  ? -16.285 -11.383 -13.207 1.00 46.95 ? 46   PHE A CE2 1 
ATOM   353  C CZ  . PHE A 1 52  ? -15.799 -10.375 -14.047 1.00 47.44 ? 46   PHE A CZ  1 
ATOM   354  N N   . GLU A 1 53  ? -13.803 -14.879 -11.701 1.00 47.86 ? 47   GLU A N   1 
ATOM   355  C CA  . GLU A 1 53  ? -14.005 -14.310 -10.369 1.00 46.80 ? 47   GLU A CA  1 
ATOM   356  C C   . GLU A 1 53  ? -12.700 -14.038 -9.670  1.00 45.76 ? 47   GLU A C   1 
ATOM   357  O O   . GLU A 1 53  ? -12.589 -13.122 -8.862  1.00 46.03 ? 47   GLU A O   1 
ATOM   358  C CB  . GLU A 1 53  ? -14.867 -15.224 -9.499  1.00 46.84 ? 47   GLU A CB  1 
ATOM   359  C CG  . GLU A 1 53  ? -16.182 -15.551 -10.152 1.00 48.35 ? 47   GLU A CG  1 
ATOM   360  C CD  . GLU A 1 53  ? -17.318 -15.843 -9.182  1.00 50.38 ? 47   GLU A CD  1 
ATOM   361  O OE1 . GLU A 1 53  ? -17.095 -16.015 -7.941  1.00 50.65 ? 47   GLU A OE1 1 
ATOM   362  O OE2 . GLU A 1 53  ? -18.458 -15.899 -9.705  1.00 49.56 ? 47   GLU A OE2 1 
ATOM   363  N N   . ARG A 1 54  ? -11.705 -14.853 -9.974  1.00 44.44 ? 48   ARG A N   1 
ATOM   364  C CA  . ARG A 1 54  ? -10.420 -14.727 -9.314  1.00 42.95 ? 48   ARG A CA  1 
ATOM   365  C C   . ARG A 1 54  ? -9.731  -13.444 -9.799  1.00 42.14 ? 48   ARG A C   1 
ATOM   366  O O   . ARG A 1 54  ? -9.127  -12.731 -9.012  1.00 41.88 ? 48   ARG A O   1 
ATOM   367  C CB  . ARG A 1 54  ? -9.561  -15.993 -9.532  1.00 42.56 ? 48   ARG A CB  1 
ATOM   368  C CG  . ARG A 1 54  ? -9.943  -17.162 -8.640  1.00 40.47 ? 48   ARG A CG  1 
ATOM   369  C CD  . ARG A 1 54  ? -8.880  -18.259 -8.685  1.00 42.83 ? 48   ARG A CD  1 
ATOM   370  N NE  . ARG A 1 54  ? -8.428  -18.526 -10.062 1.00 43.65 ? 48   ARG A NE  1 
ATOM   371  C CZ  . ARG A 1 54  ? -8.940  -19.463 -10.863 1.00 41.05 ? 48   ARG A CZ  1 
ATOM   372  N NH1 . ARG A 1 54  ? -9.918  -20.255 -10.434 1.00 41.34 ? 48   ARG A NH1 1 
ATOM   373  N NH2 . ARG A 1 54  ? -8.479  -19.601 -12.089 1.00 38.42 ? 48   ARG A NH2 1 
ATOM   374  N N   . VAL A 1 55  ? -9.856  -13.155 -11.092 1.00 41.39 ? 49   VAL A N   1 
ATOM   375  C CA  . VAL A 1 55  ? -9.300  -11.942 -11.690 1.00 40.76 ? 49   VAL A CA  1 
ATOM   376  C C   . VAL A 1 55  ? -9.999  -10.693 -11.148 1.00 40.27 ? 49   VAL A C   1 
ATOM   377  O O   . VAL A 1 55  ? -9.330  -9.748  -10.727 1.00 40.71 ? 49   VAL A O   1 
ATOM   378  C CB  . VAL A 1 55  ? -9.381  -11.981 -13.222 1.00 40.56 ? 49   VAL A CB  1 
ATOM   379  C CG1 . VAL A 1 55  ? -8.785  -10.705 -13.843 1.00 40.86 ? 49   VAL A CG1 1 
ATOM   380  C CG2 . VAL A 1 55  ? -8.660  -13.173 -13.718 1.00 40.40 ? 49   VAL A CG2 1 
ATOM   381  N N   . TYR A 1 56  ? -11.328 -10.714 -11.154 1.00 39.31 ? 50   TYR A N   1 
ATOM   382  C CA  . TYR A 1 56  ? -12.143 -9.698  -10.512 1.00 38.66 ? 50   TYR A CA  1 
ATOM   383  C C   . TYR A 1 56  ? -11.754 -9.430  -9.047  1.00 38.29 ? 50   TYR A C   1 
ATOM   384  O O   . TYR A 1 56  ? -11.641 -8.284  -8.606  1.00 38.52 ? 50   TYR A O   1 
ATOM   385  C CB  . TYR A 1 56  ? -13.619 -10.097 -10.574 1.00 38.49 ? 50   TYR A CB  1 
ATOM   386  C CG  . TYR A 1 56  ? -14.515 -9.145  -9.831  1.00 37.76 ? 50   TYR A CG  1 
ATOM   387  C CD1 . TYR A 1 56  ? -14.807 -7.884  -10.352 1.00 37.53 ? 50   TYR A CD1 1 
ATOM   388  C CD2 . TYR A 1 56  ? -15.059 -9.498  -8.604  1.00 37.24 ? 50   TYR A CD2 1 
ATOM   389  C CE1 . TYR A 1 56  ? -15.620 -6.996  -9.666  1.00 38.24 ? 50   TYR A CE1 1 
ATOM   390  C CE2 . TYR A 1 56  ? -15.870 -8.626  -7.909  1.00 37.49 ? 50   TYR A CE2 1 
ATOM   391  C CZ  . TYR A 1 56  ? -16.148 -7.377  -8.441  1.00 38.58 ? 50   TYR A CZ  1 
ATOM   392  O OH  . TYR A 1 56  ? -16.950 -6.503  -7.734  1.00 39.97 ? 50   TYR A OH  1 
ATOM   393  N N   . ARG A 1 57  ? -11.558 -10.488 -8.287  1.00 37.69 ? 51   ARG A N   1 
ATOM   394  C CA  . ARG A 1 57  ? -11.379 -10.325 -6.862  1.00 37.13 ? 51   ARG A CA  1 
ATOM   395  C C   . ARG A 1 57  ? -9.998  -9.843  -6.572  1.00 37.14 ? 51   ARG A C   1 
ATOM   396  O O   . ARG A 1 57  ? -9.811  -9.074  -5.629  1.00 37.85 ? 51   ARG A O   1 
ATOM   397  C CB  . ARG A 1 57  ? -11.647 -11.630 -6.129  1.00 36.90 ? 51   ARG A CB  1 
ATOM   398  C CG  . ARG A 1 57  ? -13.099 -11.883 -5.949  1.00 35.92 ? 51   ARG A CG  1 
ATOM   399  C CD  . ARG A 1 57  ? -13.464 -11.580 -4.532  1.00 37.63 ? 51   ARG A CD  1 
ATOM   400  N NE  . ARG A 1 57  ? -14.074 -10.269 -4.365  1.00 40.60 ? 51   ARG A NE  1 
ATOM   401  C CZ  . ARG A 1 57  ? -13.658 -9.330  -3.517  1.00 39.77 ? 51   ARG A CZ  1 
ATOM   402  N NH1 . ARG A 1 57  ? -12.596 -9.525  -2.739  1.00 39.69 ? 51   ARG A NH1 1 
ATOM   403  N NH2 . ARG A 1 57  ? -14.323 -8.185  -3.453  1.00 39.86 ? 51   ARG A NH2 1 
ATOM   404  N N   . ALA A 1 58  ? -9.033  -10.295 -7.377  1.00 36.74 ? 52   ALA A N   1 
ATOM   405  C CA  . ALA A 1 58  ? -7.645  -9.828  -7.283  1.00 36.41 ? 52   ALA A CA  1 
ATOM   406  C C   . ALA A 1 58  ? -7.561  -8.300  -7.481  1.00 36.23 ? 52   ALA A C   1 
ATOM   407  O O   . ALA A 1 58  ? -6.879  -7.598  -6.721  1.00 35.99 ? 52   ALA A O   1 
ATOM   408  C CB  . ALA A 1 58  ? -6.754  -10.562 -8.310  1.00 36.43 ? 52   ALA A CB  1 
ATOM   409  N N   . GLN A 1 59  ? -8.258  -7.795  -8.498  1.00 35.67 ? 53   GLN A N   1 
ATOM   410  C CA  . GLN A 1 59  ? -8.262  -6.368  -8.776  1.00 35.36 ? 53   GLN A CA  1 
ATOM   411  C C   . GLN A 1 59  ? -8.956  -5.592  -7.650  1.00 35.21 ? 53   GLN A C   1 
ATOM   412  O O   . GLN A 1 59  ? -8.511  -4.498  -7.276  1.00 35.74 ? 53   GLN A O   1 
ATOM   413  C CB  . GLN A 1 59  ? -8.888  -6.080  -10.140 1.00 35.08 ? 53   GLN A CB  1 
ATOM   414  C CG  . GLN A 1 59  ? -9.075  -4.608  -10.453 1.00 35.58 ? 53   GLN A CG  1 
ATOM   415  C CD  . GLN A 1 59  ? -10.480 -4.118  -10.111 1.00 38.06 ? 53   GLN A CD  1 
ATOM   416  O OE1 . GLN A 1 59  ? -11.471 -4.607  -10.657 1.00 40.53 ? 53   GLN A OE1 1 
ATOM   417  N NE2 . GLN A 1 59  ? -10.574 -3.153  -9.205  1.00 37.47 ? 53   GLN A NE2 1 
ATOM   418  N N   . VAL A 1 60  ? -10.025 -6.154  -7.102  1.00 34.07 ? 54   VAL A N   1 
ATOM   419  C CA  . VAL A 1 60  ? -10.777 -5.455  -6.090  1.00 33.47 ? 54   VAL A CA  1 
ATOM   420  C C   . VAL A 1 60  ? -9.960  -5.406  -4.792  1.00 33.91 ? 54   VAL A C   1 
ATOM   421  O O   . VAL A 1 60  ? -9.892  -4.376  -4.115  1.00 34.32 ? 54   VAL A O   1 
ATOM   422  C CB  . VAL A 1 60  ? -12.161 -6.121  -5.878  1.00 33.48 ? 54   VAL A CB  1 
ATOM   423  C CG1 . VAL A 1 60  ? -12.863 -5.559  -4.661  1.00 31.49 ? 54   VAL A CG1 1 
ATOM   424  C CG2 . VAL A 1 60  ? -13.029 -5.965  -7.133  1.00 32.55 ? 54   VAL A CG2 1 
ATOM   425  N N   . ASN A 1 61  ? -9.330  -6.520  -4.444  1.00 34.14 ? 55   ASN A N   1 
ATOM   426  C CA  . ASN A 1 61  ? -8.557  -6.612  -3.206  1.00 34.14 ? 55   ASN A CA  1 
ATOM   427  C C   . ASN A 1 61  ? -7.401  -5.598  -3.251  1.00 34.01 ? 55   ASN A C   1 
ATOM   428  O O   . ASN A 1 61  ? -7.140  -4.883  -2.279  1.00 33.81 ? 55   ASN A O   1 
ATOM   429  C CB  . ASN A 1 61  ? -8.077  -8.056  -3.006  1.00 34.02 ? 55   ASN A CB  1 
ATOM   430  C CG  . ASN A 1 61  ? -7.399  -8.280  -1.655  1.00 35.89 ? 55   ASN A CG  1 
ATOM   431  O OD1 . ASN A 1 61  ? -6.193  -8.032  -1.504  1.00 39.59 ? 55   ASN A OD1 1 
ATOM   432  N ND2 . ASN A 1 61  ? -8.161  -8.758  -0.673  1.00 35.53 ? 55   ASN A ND2 1 
ATOM   433  N N   . CYS A 1 62  ? -6.755  -5.521  -4.413  1.00 33.89 ? 56   CYS A N   1 
ATOM   434  C CA  . CYS A 1 62  ? -5.707  -4.559  -4.679  1.00 34.42 ? 56   CYS A CA  1 
ATOM   435  C C   . CYS A 1 62  ? -6.179  -3.100  -4.565  1.00 34.49 ? 56   CYS A C   1 
ATOM   436  O O   . CYS A 1 62  ? -5.501  -2.283  -3.978  1.00 34.56 ? 56   CYS A O   1 
ATOM   437  C CB  . CYS A 1 62  ? -5.107  -4.832  -6.059  1.00 34.37 ? 56   CYS A CB  1 
ATOM   438  S SG  . CYS A 1 62  ? -3.957  -6.263  -6.056  1.00 36.58 ? 56   CYS A SG  1 
ATOM   439  N N   . SER A 1 63  ? -7.337  -2.790  -5.139  1.00 34.60 ? 57   SER A N   1 
ATOM   440  C CA  . SER A 1 63  ? -7.950  -1.486  -5.041  1.00 34.34 ? 57   SER A CA  1 
ATOM   441  C C   . SER A 1 63  ? -8.304  -1.113  -3.627  1.00 34.91 ? 57   SER A C   1 
ATOM   442  O O   . SER A 1 63  ? -8.337  0.069   -3.298  1.00 35.36 ? 57   SER A O   1 
ATOM   443  C CB  . SER A 1 63  ? -9.251  -1.466  -5.832  1.00 34.00 ? 57   SER A CB  1 
ATOM   444  O OG  . SER A 1 63  ? -8.987  -1.378  -7.206  1.00 35.15 ? 57   SER A OG  1 
ATOM   445  N N   . GLU A 1 64  ? -8.652  -2.080  -2.788  1.00 35.33 ? 58   GLU A N   1 
ATOM   446  C CA  . GLU A 1 64  ? -9.104  -1.668  -1.467  1.00 36.64 ? 58   GLU A CA  1 
ATOM   447  C C   . GLU A 1 64  ? -7.939  -1.352  -0.552  1.00 35.24 ? 58   GLU A C   1 
ATOM   448  O O   . GLU A 1 64  ? -8.081  -0.651  0.444   1.00 35.28 ? 58   GLU A O   1 
ATOM   449  C CB  . GLU A 1 64  ? -10.191 -2.592  -0.874  1.00 36.62 ? 58   GLU A CB  1 
ATOM   450  C CG  . GLU A 1 64  ? -9.764  -3.869  -0.136  1.00 39.43 ? 58   GLU A CG  1 
ATOM   451  C CD  . GLU A 1 64  ? -10.946 -4.874  -0.029  1.00 40.65 ? 58   GLU A CD  1 
ATOM   452  O OE1 . GLU A 1 64  ? -12.127 -4.429  0.022   1.00 41.72 ? 58   GLU A OE1 1 
ATOM   453  O OE2 . GLU A 1 64  ? -10.692 -6.118  -0.025  1.00 47.58 ? 58   GLU A OE2 1 
ATOM   454  N N   . TYR A 1 65  ? -6.744  -1.804  -0.960  1.00 34.83 ? 59   TYR A N   1 
ATOM   455  C CA  . TYR A 1 65  ? -5.503  -1.456  -0.295  1.00 34.56 ? 59   TYR A CA  1 
ATOM   456  C C   . TYR A 1 65  ? -4.710  -0.285  -0.898  1.00 34.14 ? 59   TYR A C   1 
ATOM   457  O O   . TYR A 1 65  ? -3.768  0.125   -0.211  1.00 34.57 ? 59   TYR A O   1 
ATOM   458  C CB  . TYR A 1 65  ? -4.600  -2.736  -0.234  1.00 34.44 ? 59   TYR A CB  1 
ATOM   459  C CG  . TYR A 1 65  ? -5.054  -3.759  0.741   1.00 35.98 ? 59   TYR A CG  1 
ATOM   460  C CD1 . TYR A 1 65  ? -4.628  -3.699  2.070   1.00 35.73 ? 59   TYR A CD1 1 
ATOM   461  C CD2 . TYR A 1 65  ? -5.915  -4.786  0.350   1.00 35.87 ? 59   TYR A CD2 1 
ATOM   462  C CE1 . TYR A 1 65  ? -5.059  -4.639  3.014   1.00 35.11 ? 59   TYR A CE1 1 
ATOM   463  C CE2 . TYR A 1 65  ? -6.364  -5.732  1.269   1.00 36.87 ? 59   TYR A CE2 1 
ATOM   464  C CZ  . TYR A 1 65  ? -5.935  -5.651  2.605   1.00 35.77 ? 59   TYR A CZ  1 
ATOM   465  O OH  . TYR A 1 65  ? -6.375  -6.610  3.533   1.00 37.07 ? 59   TYR A OH  1 
ATOM   466  N N   . PHE A 1 66  ? -5.018  0.150   -2.117  1.00 32.34 ? 60   PHE A N   1 
ATOM   467  C CA  . PHE A 1 66  ? -4.245  1.190   -2.749  1.00 31.19 ? 60   PHE A CA  1 
ATOM   468  C C   . PHE A 1 66  ? -4.102  2.492   -1.828  1.00 31.94 ? 60   PHE A C   1 
ATOM   469  O O   . PHE A 1 66  ? -2.972  3.064   -1.661  1.00 31.83 ? 60   PHE A O   1 
ATOM   470  C CB  . PHE A 1 66  ? -4.762  1.431   -4.106  1.00 30.55 ? 60   PHE A CB  1 
ATOM   471  C CG  . PHE A 1 66  ? -3.774  2.277   -4.964  1.00 29.74 ? 60   PHE A CG  1 
ATOM   472  C CD1 . PHE A 1 66  ? -2.462  1.831   -5.108  1.00 30.24 ? 60   PHE A CD1 1 
ATOM   473  C CD2 . PHE A 1 66  ? -4.138  3.476   -5.551  1.00 30.72 ? 60   PHE A CD2 1 
ATOM   474  C CE1 . PHE A 1 66  ? -1.525  2.515   -5.839  1.00 29.41 ? 60   PHE A CE1 1 
ATOM   475  C CE2 . PHE A 1 66  ? -3.199  4.227   -6.333  1.00 30.45 ? 60   PHE A CE2 1 
ATOM   476  C CZ  . PHE A 1 66  ? -1.898  3.720   -6.472  1.00 29.29 ? 60   PHE A CZ  1 
ATOM   477  N N   . PRO A 1 67  ? -5.224  2.960   -1.194  1.00 31.50 ? 61   PRO A N   1 
ATOM   478  C CA  . PRO A 1 67  ? -5.200  4.176   -0.369  1.00 31.05 ? 61   PRO A CA  1 
ATOM   479  C C   . PRO A 1 67  ? -4.387  4.023   0.896   1.00 31.00 ? 61   PRO A C   1 
ATOM   480  O O   . PRO A 1 67  ? -3.861  5.007   1.402   1.00 30.64 ? 61   PRO A O   1 
ATOM   481  C CB  . PRO A 1 67  ? -6.687  4.392   -0.027  1.00 30.81 ? 61   PRO A CB  1 
ATOM   482  C CG  . PRO A 1 67  ? -7.411  3.698   -1.075  1.00 30.84 ? 61   PRO A CG  1 
ATOM   483  C CD  . PRO A 1 67  ? -6.612  2.459   -1.269  1.00 31.28 ? 61   PRO A CD  1 
ATOM   484  N N   . LEU A 1 68  ? -4.287  2.790   1.375   1.00 31.06 ? 62   LEU A N   1 
ATOM   485  C CA  . LEU A 1 68  ? -3.561  2.500   2.581   1.00 31.35 ? 62   LEU A CA  1 
ATOM   486  C C   . LEU A 1 68  ? -2.099  2.639   2.234   1.00 31.26 ? 62   LEU A C   1 
ATOM   487  O O   . LEU A 1 68  ? -1.378  3.353   2.885   1.00 32.40 ? 62   LEU A O   1 
ATOM   488  C CB  . LEU A 1 68  ? -3.901  1.084   3.058   1.00 31.67 ? 62   LEU A CB  1 
ATOM   489  C CG  . LEU A 1 68  ? -5.055  0.967   4.060   1.00 31.62 ? 62   LEU A CG  1 
ATOM   490  C CD1 . LEU A 1 68  ? -6.359  1.491   3.508   1.00 32.29 ? 62   LEU A CD1 1 
ATOM   491  C CD2 . LEU A 1 68  ? -5.212  -0.457  4.482   1.00 30.81 ? 62   LEU A CD2 1 
ATOM   492  N N   . PHE A 1 69  ? -1.689  2.003   1.153   1.00 31.12 ? 63   PHE A N   1 
ATOM   493  C CA  . PHE A 1 69  ? -0.342  2.104   0.656   1.00 30.53 ? 63   PHE A CA  1 
ATOM   494  C C   . PHE A 1 69  ? 0.067   3.578   0.441   1.00 30.40 ? 63   PHE A C   1 
ATOM   495  O O   . PHE A 1 69  ? 1.090   4.018   0.963   1.00 29.97 ? 63   PHE A O   1 
ATOM   496  C CB  . PHE A 1 69  ? -0.251  1.255   -0.609  1.00 30.34 ? 63   PHE A CB  1 
ATOM   497  C CG  . PHE A 1 69  ? 0.850   1.615   -1.476  1.00 30.29 ? 63   PHE A CG  1 
ATOM   498  C CD1 . PHE A 1 69  ? 2.159   1.324   -1.100  1.00 30.59 ? 63   PHE A CD1 1 
ATOM   499  C CD2 . PHE A 1 69  ? 0.597   2.277   -2.678  1.00 31.65 ? 63   PHE A CD2 1 
ATOM   500  C CE1 . PHE A 1 69  ? 3.223   1.678   -1.919  1.00 30.39 ? 63   PHE A CE1 1 
ATOM   501  C CE2 . PHE A 1 69  ? 1.653   2.637   -3.517  1.00 31.41 ? 63   PHE A CE2 1 
ATOM   502  C CZ  . PHE A 1 69  ? 2.975   2.321   -3.137  1.00 30.28 ? 63   PHE A CZ  1 
ATOM   503  N N   . LEU A 1 70  ? -0.748  4.335   -0.287  1.00 30.41 ? 64   LEU A N   1 
ATOM   504  C CA  . LEU A 1 70  ? -0.516  5.760   -0.501  1.00 30.73 ? 64   LEU A CA  1 
ATOM   505  C C   . LEU A 1 70  ? -0.369  6.584   0.774   1.00 30.94 ? 64   LEU A C   1 
ATOM   506  O O   . LEU A 1 70  ? 0.588   7.377   0.919   1.00 30.52 ? 64   LEU A O   1 
ATOM   507  C CB  . LEU A 1 70  ? -1.622  6.369   -1.368  1.00 30.79 ? 64   LEU A CB  1 
ATOM   508  C CG  . LEU A 1 70  ? -1.619  5.926   -2.838  1.00 33.27 ? 64   LEU A CG  1 
ATOM   509  C CD1 . LEU A 1 70  ? -2.618  6.740   -3.666  1.00 34.58 ? 64   LEU A CD1 1 
ATOM   510  C CD2 . LEU A 1 70  ? -0.214  5.941   -3.510  1.00 32.83 ? 64   LEU A CD2 1 
ATOM   511  N N   . ALA A 1 71  ? -1.321  6.414   1.690   1.00 31.08 ? 65   ALA A N   1 
ATOM   512  C CA  . ALA A 1 71  ? -1.350  7.214   2.911   1.00 31.49 ? 65   ALA A CA  1 
ATOM   513  C C   . ALA A 1 71  ? -0.049  6.978   3.654   1.00 31.84 ? 65   ALA A C   1 
ATOM   514  O O   . ALA A 1 71  ? 0.689   7.901   4.006   1.00 31.63 ? 65   ALA A O   1 
ATOM   515  C CB  . ALA A 1 71  ? -2.541  6.826   3.789   1.00 30.93 ? 65   ALA A CB  1 
ATOM   516  N N   . THR A 1 72  ? 0.220   5.704   3.867   1.00 32.29 ? 66   THR A N   1 
ATOM   517  C CA  . THR A 1 72  ? 1.315   5.321   4.696   1.00 33.19 ? 66   THR A CA  1 
ATOM   518  C C   . THR A 1 72  ? 2.677   5.599   3.979   1.00 32.29 ? 66   THR A C   1 
ATOM   519  O O   . THR A 1 72  ? 3.645   5.998   4.615   1.00 31.81 ? 66   THR A O   1 
ATOM   520  C CB  . THR A 1 72  ? 1.081   3.884   5.231   1.00 32.78 ? 66   THR A CB  1 
ATOM   521  O OG1 . THR A 1 72  ? 2.247   3.455   5.932   1.00 37.50 ? 66   THR A OG1 1 
ATOM   522  C CG2 . THR A 1 72  ? 0.894   2.959   4.112   1.00 34.51 ? 66   THR A CG2 1 
ATOM   523  N N   . LEU A 1 73  ? 2.717   5.436   2.657   1.00 31.87 ? 67   LEU A N   1 
ATOM   524  C CA  . LEU A 1 73  ? 3.875   5.837   1.855   1.00 31.60 ? 67   LEU A CA  1 
ATOM   525  C C   . LEU A 1 73  ? 4.238   7.310   2.073   1.00 32.25 ? 67   LEU A C   1 
ATOM   526  O O   . LEU A 1 73  ? 5.376   7.633   2.328   1.00 33.04 ? 67   LEU A O   1 
ATOM   527  C CB  . LEU A 1 73  ? 3.635   5.569   0.362   1.00 31.41 ? 67   LEU A CB  1 
ATOM   528  C CG  . LEU A 1 73  ? 4.722   5.991   -0.643  1.00 31.01 ? 67   LEU A CG  1 
ATOM   529  C CD1 . LEU A 1 73  ? 5.926   5.088   -0.525  1.00 28.98 ? 67   LEU A CD1 1 
ATOM   530  C CD2 . LEU A 1 73  ? 4.228   6.055   -2.096  1.00 30.09 ? 67   LEU A CD2 1 
ATOM   531  N N   . TRP A 1 74  ? 3.271   8.208   1.986   1.00 32.65 ? 68   TRP A N   1 
ATOM   532  C CA  . TRP A 1 74  ? 3.553   9.629   2.158   1.00 32.60 ? 68   TRP A CA  1 
ATOM   533  C C   . TRP A 1 74  ? 3.949   9.994   3.587   1.00 33.02 ? 68   TRP A C   1 
ATOM   534  O O   . TRP A 1 74  ? 4.895   10.771  3.786   1.00 33.98 ? 68   TRP A O   1 
ATOM   535  C CB  . TRP A 1 74  ? 2.389   10.481  1.623   1.00 32.43 ? 68   TRP A CB  1 
ATOM   536  C CG  . TRP A 1 74  ? 2.453   10.514  0.126   1.00 32.36 ? 68   TRP A CG  1 
ATOM   537  C CD1 . TRP A 1 74  ? 1.957   9.579   -0.730  1.00 32.70 ? 68   TRP A CD1 1 
ATOM   538  C CD2 . TRP A 1 74  ? 3.139   11.475  -0.690  1.00 32.24 ? 68   TRP A CD2 1 
ATOM   539  N NE1 . TRP A 1 74  ? 2.255   9.910   -2.031  1.00 32.75 ? 68   TRP A NE1 1 
ATOM   540  C CE2 . TRP A 1 74  ? 2.979   11.070  -2.036  1.00 32.62 ? 68   TRP A CE2 1 
ATOM   541  C CE3 . TRP A 1 74  ? 3.852   12.650  -0.417  1.00 31.44 ? 68   TRP A CE3 1 
ATOM   542  C CZ2 . TRP A 1 74  ? 3.510   11.799  -3.112  1.00 33.72 ? 68   TRP A CZ2 1 
ATOM   543  C CZ3 . TRP A 1 74  ? 4.377   13.373  -1.481  1.00 32.08 ? 68   TRP A CZ3 1 
ATOM   544  C CH2 . TRP A 1 74  ? 4.209   12.946  -2.814  1.00 32.80 ? 68   TRP A CH2 1 
ATOM   545  N N   . VAL A 1 75  ? 3.268   9.426   4.582   1.00 32.67 ? 69   VAL A N   1 
ATOM   546  C CA  . VAL A 1 75  ? 3.563   9.763   5.963   1.00 32.17 ? 69   VAL A CA  1 
ATOM   547  C C   . VAL A 1 75  ? 4.928   9.246   6.332   1.00 33.24 ? 69   VAL A C   1 
ATOM   548  O O   . VAL A 1 75  ? 5.712   9.985   6.907   1.00 33.55 ? 69   VAL A O   1 
ATOM   549  C CB  . VAL A 1 75  ? 2.499   9.264   6.925   1.00 31.85 ? 69   VAL A CB  1 
ATOM   550  C CG1 . VAL A 1 75  ? 2.905   9.518   8.356   1.00 30.64 ? 69   VAL A CG1 1 
ATOM   551  C CG2 . VAL A 1 75  ? 1.177   9.964   6.644   1.00 31.61 ? 69   VAL A CG2 1 
ATOM   552  N N   . ALA A 1 76  ? 5.237   8.002   5.972   1.00 34.29 ? 70   ALA A N   1 
ATOM   553  C CA  . ALA A 1 76  ? 6.556   7.429   6.266   1.00 35.04 ? 70   ALA A CA  1 
ATOM   554  C C   . ALA A 1 76  ? 7.620   8.213   5.533   1.00 35.67 ? 70   ALA A C   1 
ATOM   555  O O   . ALA A 1 76  ? 8.694   8.491   6.083   1.00 35.65 ? 70   ALA A O   1 
ATOM   556  C CB  . ALA A 1 76  ? 6.643   5.941   5.865   1.00 34.95 ? 70   ALA A CB  1 
ATOM   557  N N   . GLY A 1 77  ? 7.317   8.572   4.287   1.00 36.20 ? 71   GLY A N   1 
ATOM   558  C CA  . GLY A 1 77  ? 8.304   9.208   3.412   1.00 37.01 ? 71   GLY A CA  1 
ATOM   559  C C   . GLY A 1 77  ? 8.716   10.563  3.934   1.00 37.57 ? 71   GLY A C   1 
ATOM   560  O O   . GLY A 1 77  ? 9.867   10.940  3.831   1.00 38.06 ? 71   GLY A O   1 
ATOM   561  N N   . ILE A 1 78  ? 7.760   11.269  4.519   1.00 37.90 ? 72   ILE A N   1 
ATOM   562  C CA  . ILE A 1 78  ? 7.958   12.608  5.013   1.00 38.33 ? 72   ILE A CA  1 
ATOM   563  C C   . ILE A 1 78  ? 8.456   12.690  6.468   1.00 38.69 ? 72   ILE A C   1 
ATOM   564  O O   . ILE A 1 78  ? 9.200   13.604  6.803   1.00 39.54 ? 72   ILE A O   1 
ATOM   565  C CB  . ILE A 1 78  ? 6.664   13.410  4.808   1.00 38.51 ? 72   ILE A CB  1 
ATOM   566  C CG1 . ILE A 1 78  ? 6.637   13.883  3.362   1.00 39.43 ? 72   ILE A CG1 1 
ATOM   567  C CG2 . ILE A 1 78  ? 6.532   14.582  5.803   1.00 37.29 ? 72   ILE A CG2 1 
ATOM   568  C CD1 . ILE A 1 78  ? 5.317   14.481  2.951   1.00 43.83 ? 72   ILE A CD1 1 
ATOM   569  N N   . PHE A 1 79  ? 8.057   11.753  7.322   1.00 38.57 ? 73   PHE A N   1 
ATOM   570  C CA  . PHE A 1 79  ? 8.388   11.829  8.729   1.00 38.71 ? 73   PHE A CA  1 
ATOM   571  C C   . PHE A 1 79  ? 9.511   10.883  9.154   1.00 39.59 ? 73   PHE A C   1 
ATOM   572  O O   . PHE A 1 79  ? 10.037  10.997  10.270  1.00 40.48 ? 73   PHE A O   1 
ATOM   573  C CB  . PHE A 1 79  ? 7.146   11.582  9.581   1.00 38.26 ? 73   PHE A CB  1 
ATOM   574  C CG  . PHE A 1 79  ? 6.198   12.739  9.609   1.00 38.33 ? 73   PHE A CG  1 
ATOM   575  C CD1 . PHE A 1 79  ? 6.284   13.704  10.623  1.00 38.16 ? 73   PHE A CD1 1 
ATOM   576  C CD2 . PHE A 1 79  ? 5.198   12.867  8.627   1.00 38.40 ? 73   PHE A CD2 1 
ATOM   577  C CE1 . PHE A 1 79  ? 5.394   14.807  10.663  1.00 37.91 ? 73   PHE A CE1 1 
ATOM   578  C CE2 . PHE A 1 79  ? 4.301   13.942  8.650   1.00 38.83 ? 73   PHE A CE2 1 
ATOM   579  C CZ  . PHE A 1 79  ? 4.403   14.929  9.677   1.00 39.04 ? 73   PHE A CZ  1 
ATOM   580  N N   . PHE A 1 80  ? 9.873   9.959   8.270   1.00 39.84 ? 74   PHE A N   1 
ATOM   581  C CA  . PHE A 1 80  ? 10.992  9.057   8.519   1.00 39.68 ? 74   PHE A CA  1 
ATOM   582  C C   . PHE A 1 80  ? 12.147  9.332   7.563   1.00 40.31 ? 74   PHE A C   1 
ATOM   583  O O   . PHE A 1 80  ? 13.156  9.924   7.945   1.00 40.83 ? 74   PHE A O   1 
ATOM   584  C CB  . PHE A 1 80  ? 10.542  7.600   8.397   1.00 39.36 ? 74   PHE A CB  1 
ATOM   585  C CG  . PHE A 1 80  ? 11.544  6.611   8.923   1.00 40.36 ? 74   PHE A CG  1 
ATOM   586  C CD1 . PHE A 1 80  ? 11.654  6.372   10.283  1.00 40.04 ? 74   PHE A CD1 1 
ATOM   587  C CD2 . PHE A 1 80  ? 12.376  5.920   8.057   1.00 39.96 ? 74   PHE A CD2 1 
ATOM   588  C CE1 . PHE A 1 80  ? 12.574  5.463   10.769  1.00 38.54 ? 74   PHE A CE1 1 
ATOM   589  C CE2 . PHE A 1 80  ? 13.298  5.011   8.538   1.00 39.88 ? 74   PHE A CE2 1 
ATOM   590  C CZ  . PHE A 1 80  ? 13.398  4.782   9.895   1.00 38.97 ? 74   PHE A CZ  1 
ATOM   591  N N   . HIS A 1 81  ? 11.992  8.898   6.315   1.00 40.75 ? 75   HIS A N   1 
ATOM   592  C CA  . HIS A 1 81  ? 13.090  8.911   5.358   1.00 41.17 ? 75   HIS A CA  1 
ATOM   593  C C   . HIS A 1 81  ? 12.613  8.509   3.966   1.00 41.36 ? 75   HIS A C   1 
ATOM   594  O O   . HIS A 1 81  ? 12.079  7.416   3.774   1.00 41.96 ? 75   HIS A O   1 
ATOM   595  C CB  . HIS A 1 81  ? 14.213  7.979   5.818   1.00 41.34 ? 75   HIS A CB  1 
ATOM   596  C CG  . HIS A 1 81  ? 15.389  7.946   4.891   1.00 43.63 ? 75   HIS A CG  1 
ATOM   597  N ND1 . HIS A 1 81  ? 15.400  7.205   3.729   1.00 44.72 ? 75   HIS A ND1 1 
ATOM   598  C CD2 . HIS A 1 81  ? 16.592  8.563   4.956   1.00 43.20 ? 75   HIS A CD2 1 
ATOM   599  C CE1 . HIS A 1 81  ? 16.560  7.367   3.117   1.00 43.14 ? 75   HIS A CE1 1 
ATOM   600  N NE2 . HIS A 1 81  ? 17.302  8.186   3.841   1.00 43.78 ? 75   HIS A NE2 1 
ATOM   601  N N   . GLU A 1 82  ? 12.809  9.399   2.999   1.00 41.34 ? 76   GLU A N   1 
ATOM   602  C CA  . GLU A 1 82  ? 12.125  9.298   1.715   1.00 41.97 ? 76   GLU A CA  1 
ATOM   603  C C   . GLU A 1 82  ? 12.578  8.063   0.945   1.00 42.17 ? 76   GLU A C   1 
ATOM   604  O O   . GLU A 1 82  ? 11.767  7.375   0.325   1.00 42.61 ? 76   GLU A O   1 
ATOM   605  C CB  . GLU A 1 82  ? 12.367  10.557  0.880   1.00 41.86 ? 76   GLU A CB  1 
ATOM   606  C CG  . GLU A 1 82  ? 11.282  10.839  -0.146  1.00 46.12 ? 76   GLU A CG  1 
ATOM   607  C CD  . GLU A 1 82  ? 11.822  11.501  -1.399  1.00 52.48 ? 76   GLU A CD  1 
ATOM   608  O OE1 . GLU A 1 82  ? 13.037  11.784  -1.447  1.00 57.37 ? 76   GLU A OE1 1 
ATOM   609  O OE2 . GLU A 1 82  ? 11.030  11.737  -2.336  1.00 53.70 ? 76   GLU A OE2 1 
ATOM   610  N N   . GLY A 1 83  ? 13.877  7.788   0.987   1.00 42.27 ? 77   GLY A N   1 
ATOM   611  C CA  . GLY A 1 83  ? 14.456  6.687   0.214   1.00 40.99 ? 77   GLY A CA  1 
ATOM   612  C C   . GLY A 1 83  ? 13.988  5.344   0.714   1.00 40.80 ? 77   GLY A C   1 
ATOM   613  O O   . GLY A 1 83  ? 13.699  4.468   -0.085  1.00 41.41 ? 77   GLY A O   1 
ATOM   614  N N   . ALA A 1 84  ? 13.894  5.177   2.030   1.00 40.47 ? 78   ALA A N   1 
ATOM   615  C CA  . ALA A 1 84  ? 13.445  3.906   2.615   1.00 40.27 ? 78   ALA A CA  1 
ATOM   616  C C   . ALA A 1 84  ? 11.970  3.648   2.309   1.00 40.48 ? 78   ALA A C   1 
ATOM   617  O O   . ALA A 1 84  ? 11.583  2.525   1.963   1.00 40.76 ? 78   ALA A O   1 
ATOM   618  C CB  . ALA A 1 84  ? 13.684  3.883   4.126   1.00 39.89 ? 78   ALA A CB  1 
ATOM   619  N N   . ALA A 1 85  ? 11.148  4.687   2.455   1.00 40.16 ? 79   ALA A N   1 
ATOM   620  C CA  . ALA A 1 85  ? 9.745   4.585   2.144   1.00 39.70 ? 79   ALA A CA  1 
ATOM   621  C C   . ALA A 1 85  ? 9.555   4.165   0.685   1.00 40.04 ? 79   ALA A C   1 
ATOM   622  O O   . ALA A 1 85  ? 8.761   3.251   0.394   1.00 39.84 ? 79   ALA A O   1 
ATOM   623  C CB  . ALA A 1 85  ? 9.059   5.883   2.419   1.00 39.39 ? 79   ALA A CB  1 
ATOM   624  N N   . ALA A 1 86  ? 10.292  4.802   -0.231  1.00 40.42 ? 80   ALA A N   1 
ATOM   625  C CA  . ALA A 1 86  ? 10.119  4.517   -1.657  1.00 41.06 ? 80   ALA A CA  1 
ATOM   626  C C   . ALA A 1 86  ? 10.490  3.073   -1.910  1.00 42.02 ? 80   ALA A C   1 
ATOM   627  O O   . ALA A 1 86  ? 9.834   2.382   -2.690  1.00 42.75 ? 80   ALA A O   1 
ATOM   628  C CB  . ALA A 1 86  ? 10.938  5.434   -2.509  1.00 40.69 ? 80   ALA A CB  1 
ATOM   629  N N   . LEU A 1 87  ? 11.518  2.609   -1.212  1.00 42.50 ? 81   LEU A N   1 
ATOM   630  C CA  . LEU A 1 87  ? 11.975  1.255   -1.348  1.00 43.21 ? 81   LEU A CA  1 
ATOM   631  C C   . LEU A 1 87  ? 10.949  0.215   -0.908  1.00 43.33 ? 81   LEU A C   1 
ATOM   632  O O   . LEU A 1 87  ? 10.727  -0.764  -1.631  1.00 43.78 ? 81   LEU A O   1 
ATOM   633  C CB  . LEU A 1 87  ? 13.252  1.078   -0.554  1.00 44.05 ? 81   LEU A CB  1 
ATOM   634  C CG  . LEU A 1 87  ? 14.178  0.062   -1.215  1.00 46.93 ? 81   LEU A CG  1 
ATOM   635  C CD1 . LEU A 1 87  ? 14.862  0.691   -2.478  1.00 48.88 ? 81   LEU A CD1 1 
ATOM   636  C CD2 . LEU A 1 87  ? 15.196  -0.431  -0.185  1.00 48.48 ? 81   LEU A CD2 1 
ATOM   637  N N   . CYS A 1 88  ? 10.341  0.396   0.267   1.00 42.97 ? 82   CYS A N   1 
ATOM   638  C CA  . CYS A 1 88  ? 9.217   -0.459  0.650   1.00 43.45 ? 82   CYS A CA  1 
ATOM   639  C C   . CYS A 1 88  ? 8.081   -0.368  -0.355  1.00 42.53 ? 82   CYS A C   1 
ATOM   640  O O   . CYS A 1 88  ? 7.459   -1.376  -0.681  1.00 42.62 ? 82   CYS A O   1 
ATOM   641  C CB  . CYS A 1 88  ? 8.636   -0.058  1.979   1.00 43.77 ? 82   CYS A CB  1 
ATOM   642  S SG  . CYS A 1 88  ? 9.687   -0.307  3.336   1.00 48.89 ? 82   CYS A SG  1 
ATOM   643  N N   . GLY A 1 89  ? 7.806   0.850   -0.824  1.00 41.30 ? 83   GLY A N   1 
ATOM   644  C CA  . GLY A 1 89  ? 6.790   1.072   -1.836  1.00 40.05 ? 83   GLY A CA  1 
ATOM   645  C C   . GLY A 1 89  ? 6.949   0.179   -3.051  1.00 39.12 ? 83   GLY A C   1 
ATOM   646  O O   . GLY A 1 89  ? 5.983   -0.458  -3.488  1.00 39.21 ? 83   GLY A O   1 
ATOM   647  N N   . LEU A 1 90  ? 8.166   0.130   -3.595  1.00 38.14 ? 84   LEU A N   1 
ATOM   648  C CA  . LEU A 1 90  ? 8.476   -0.768  -4.704  1.00 37.21 ? 84   LEU A CA  1 
ATOM   649  C C   . LEU A 1 90  ? 8.297   -2.224  -4.312  1.00 36.58 ? 84   LEU A C   1 
ATOM   650  O O   . LEU A 1 90  ? 7.669   -2.982  -5.054  1.00 36.50 ? 84   LEU A O   1 
ATOM   651  C CB  . LEU A 1 90  ? 9.899   -0.591  -5.182  1.00 36.95 ? 84   LEU A CB  1 
ATOM   652  C CG  . LEU A 1 90  ? 10.301  0.599   -6.022  1.00 38.38 ? 84   LEU A CG  1 
ATOM   653  C CD1 . LEU A 1 90  ? 11.662  0.236   -6.591  1.00 39.29 ? 84   LEU A CD1 1 
ATOM   654  C CD2 . LEU A 1 90  ? 9.305   0.930   -7.140  1.00 38.54 ? 84   LEU A CD2 1 
ATOM   655  N N   . VAL A 1 91  ? 8.847   -2.619  -3.161  1.00 35.36 ? 85   VAL A N   1 
ATOM   656  C CA  . VAL A 1 91  ? 8.706   -3.999  -2.736  1.00 34.90 ? 85   VAL A CA  1 
ATOM   657  C C   . VAL A 1 91  ? 7.207   -4.372  -2.645  1.00 35.01 ? 85   VAL A C   1 
ATOM   658  O O   . VAL A 1 91  ? 6.789   -5.434  -3.144  1.00 34.73 ? 85   VAL A O   1 
ATOM   659  C CB  . VAL A 1 91  ? 9.488   -4.304  -1.415  1.00 35.14 ? 85   VAL A CB  1 
ATOM   660  C CG1 . VAL A 1 91  ? 9.080   -5.665  -0.823  1.00 32.36 ? 85   VAL A CG1 1 
ATOM   661  C CG2 . VAL A 1 91  ? 10.996  -4.241  -1.666  1.00 33.30 ? 85   VAL A CG2 1 
ATOM   662  N N   . TYR A 1 92  ? 6.414   -3.483  -2.039  1.00 34.85 ? 86   TYR A N   1 
ATOM   663  C CA  . TYR A 1 92  ? 4.974   -3.684  -1.906  1.00 34.93 ? 86   TYR A CA  1 
ATOM   664  C C   . TYR A 1 92  ? 4.320   -3.890  -3.282  1.00 35.23 ? 86   TYR A C   1 
ATOM   665  O O   . TYR A 1 92  ? 3.562   -4.855  -3.492  1.00 35.06 ? 86   TYR A O   1 
ATOM   666  C CB  . TYR A 1 92  ? 4.303   -2.514  -1.178  1.00 34.78 ? 86   TYR A CB  1 
ATOM   667  C CG  . TYR A 1 92  ? 2.798   -2.623  -1.163  1.00 35.04 ? 86   TYR A CG  1 
ATOM   668  C CD1 . TYR A 1 92  ? 2.148   -3.361  -0.162  1.00 35.76 ? 86   TYR A CD1 1 
ATOM   669  C CD2 . TYR A 1 92  ? 2.018   -2.024  -2.170  1.00 33.69 ? 86   TYR A CD2 1 
ATOM   670  C CE1 . TYR A 1 92  ? 0.756   -3.486  -0.151  1.00 35.97 ? 86   TYR A CE1 1 
ATOM   671  C CE2 . TYR A 1 92  ? 0.635   -2.135  -2.176  1.00 33.09 ? 86   TYR A CE2 1 
ATOM   672  C CZ  . TYR A 1 92  ? 0.002   -2.871  -1.167  1.00 35.77 ? 86   TYR A CZ  1 
ATOM   673  O OH  . TYR A 1 92  ? -1.385  -2.994  -1.144  1.00 36.09 ? 86   TYR A OH  1 
ATOM   674  N N   . LEU A 1 93  ? 4.608   -2.985  -4.212  1.00 34.93 ? 87   LEU A N   1 
ATOM   675  C CA  . LEU A 1 93  ? 3.926   -3.014  -5.485  1.00 35.01 ? 87   LEU A CA  1 
ATOM   676  C C   . LEU A 1 93  ? 4.309   -4.267  -6.255  1.00 35.29 ? 87   LEU A C   1 
ATOM   677  O O   . LEU A 1 93  ? 3.479   -4.890  -6.925  1.00 34.96 ? 87   LEU A O   1 
ATOM   678  C CB  . LEU A 1 93  ? 4.245   -1.759  -6.305  1.00 35.08 ? 87   LEU A CB  1 
ATOM   679  C CG  . LEU A 1 93  ? 3.701   -0.396  -5.848  1.00 34.35 ? 87   LEU A CG  1 
ATOM   680  C CD1 . LEU A 1 93  ? 4.142   0.700   -6.837  1.00 33.03 ? 87   LEU A CD1 1 
ATOM   681  C CD2 . LEU A 1 93  ? 2.191   -0.425  -5.670  1.00 31.40 ? 87   LEU A CD2 1 
ATOM   682  N N   . PHE A 1 94  ? 5.578   -4.635  -6.160  1.00 35.86 ? 88   PHE A N   1 
ATOM   683  C CA  . PHE A 1 94  ? 6.040   -5.795  -6.870  1.00 36.51 ? 88   PHE A CA  1 
ATOM   684  C C   . PHE A 1 94  ? 5.314   -7.023  -6.288  1.00 36.08 ? 88   PHE A C   1 
ATOM   685  O O   . PHE A 1 94  ? 4.770   -7.841  -7.027  1.00 35.46 ? 88   PHE A O   1 
ATOM   686  C CB  . PHE A 1 94  ? 7.565   -5.899  -6.825  1.00 37.18 ? 88   PHE A CB  1 
ATOM   687  C CG  . PHE A 1 94  ? 8.101   -7.093  -7.554  1.00 41.05 ? 88   PHE A CG  1 
ATOM   688  C CD1 . PHE A 1 94  ? 7.807   -7.293  -8.918  1.00 44.46 ? 88   PHE A CD1 1 
ATOM   689  C CD2 . PHE A 1 94  ? 8.876   -8.059  -6.880  1.00 43.96 ? 88   PHE A CD2 1 
ATOM   690  C CE1 . PHE A 1 94  ? 8.287   -8.443  -9.607  1.00 45.32 ? 88   PHE A CE1 1 
ATOM   691  C CE2 . PHE A 1 94  ? 9.372   -9.207  -7.558  1.00 43.83 ? 88   PHE A CE2 1 
ATOM   692  C CZ  . PHE A 1 94  ? 9.078   -9.397  -8.918  1.00 43.11 ? 88   PHE A CZ  1 
ATOM   693  N N   . ALA A 1 95  ? 5.252   -7.112  -4.963  1.00 35.79 ? 89   ALA A N   1 
ATOM   694  C CA  . ALA A 1 95  ? 4.494   -8.174  -4.325  1.00 35.72 ? 89   ALA A CA  1 
ATOM   695  C C   . ALA A 1 95  ? 3.014   -8.186  -4.767  1.00 35.80 ? 89   ALA A C   1 
ATOM   696  O O   . ALA A 1 95  ? 2.422   -9.247  -4.923  1.00 36.19 ? 89   ALA A O   1 
ATOM   697  C CB  . ALA A 1 95  ? 4.614   -8.078  -2.797  1.00 35.54 ? 89   ALA A CB  1 
ATOM   698  N N   . ARG A 1 96  ? 2.422   -7.009  -4.963  1.00 35.75 ? 90   ARG A N   1 
ATOM   699  C CA  . ARG A 1 96  ? 1.054   -6.901  -5.451  1.00 35.35 ? 90   ARG A CA  1 
ATOM   700  C C   . ARG A 1 96  ? 0.871   -7.395  -6.893  1.00 35.39 ? 90   ARG A C   1 
ATOM   701  O O   . ARG A 1 96  ? -0.111  -8.058  -7.198  1.00 34.67 ? 90   ARG A O   1 
ATOM   702  C CB  . ARG A 1 96  ? 0.555   -5.471  -5.303  1.00 35.50 ? 90   ARG A CB  1 
ATOM   703  C CG  . ARG A 1 96  ? -0.006  -5.179  -3.921  1.00 36.22 ? 90   ARG A CG  1 
ATOM   704  C CD  . ARG A 1 96  ? -1.361  -5.815  -3.753  1.00 36.84 ? 90   ARG A CD  1 
ATOM   705  N NE  . ARG A 1 96  ? -1.805  -5.842  -2.371  1.00 39.75 ? 90   ARG A NE  1 
ATOM   706  C CZ  . ARG A 1 96  ? -2.953  -6.385  -1.957  1.00 41.63 ? 90   ARG A CZ  1 
ATOM   707  N NH1 . ARG A 1 96  ? -3.796  -6.947  -2.817  1.00 40.85 ? 90   ARG A NH1 1 
ATOM   708  N NH2 . ARG A 1 96  ? -3.281  -6.345  -0.672  1.00 42.36 ? 90   ARG A NH2 1 
ATOM   709  N N   . LEU A 1 97  ? 1.818   -7.080  -7.774  1.00 36.11 ? 91   LEU A N   1 
ATOM   710  C CA  . LEU A 1 97  ? 1.880   -7.737  -9.084  1.00 36.92 ? 91   LEU A CA  1 
ATOM   711  C C   . LEU A 1 97  ? 1.820   -9.271  -8.893  1.00 37.21 ? 91   LEU A C   1 
ATOM   712  O O   . LEU A 1 97  ? 0.912   -9.901  -9.402  1.00 38.17 ? 91   LEU A O   1 
ATOM   713  C CB  . LEU A 1 97  ? 3.179   -7.371  -9.832  1.00 36.64 ? 91   LEU A CB  1 
ATOM   714  C CG  . LEU A 1 97  ? 3.097   -7.157  -11.353 1.00 37.75 ? 91   LEU A CG  1 
ATOM   715  C CD1 . LEU A 1 97  ? 4.450   -7.352  -12.050 1.00 34.87 ? 91   LEU A CD1 1 
ATOM   716  C CD2 . LEU A 1 97  ? 1.991   -8.007  -12.037 1.00 39.15 ? 91   LEU A CD2 1 
ATOM   717  N N   . ARG A 1 98  ? 2.791   -9.849  -8.171  1.00 36.95 ? 92   ARG A N   1 
ATOM   718  C CA  . ARG A 1 98  ? 2.973   -11.324 -8.128  1.00 37.29 ? 92   ARG A CA  1 
ATOM   719  C C   . ARG A 1 98  ? 1.644   -11.872 -7.590  1.00 37.04 ? 92   ARG A C   1 
ATOM   720  O O   . ARG A 1 98  ? 1.047   -12.915 -7.966  1.00 37.57 ? 92   ARG A O   1 
ATOM   721  C CB  . ARG A 1 98  ? 4.155   -11.676 -7.219  1.00 36.46 ? 92   ARG A CB  1 
ATOM   722  C CG  . ARG A 1 98  ? 5.432   -11.872 -7.998  1.00 37.29 ? 92   ARG A CG  1 
ATOM   723  C CD  . ARG A 1 98  ? 6.676   -11.875 -7.064  1.00 40.72 ? 92   ARG A CD  1 
ATOM   724  N NE  . ARG A 1 98  ? 6.431   -12.246 -5.641  1.00 49.80 ? 92   ARG A NE  1 
ATOM   725  C CZ  . ARG A 1 98  ? 6.756   -11.470 -4.590  1.00 52.75 ? 92   ARG A CZ  1 
ATOM   726  N NH1 . ARG A 1 98  ? 7.332   -10.263 -4.782  1.00 52.18 ? 92   ARG A NH1 1 
ATOM   727  N NH2 . ARG A 1 98  ? 6.524   -11.907 -3.342  1.00 53.60 ? 92   ARG A NH2 1 
ATOM   728  N N   . TYR A 1 99  ? 1.124   -11.098 -6.694  1.00 36.29 ? 93   TYR A N   1 
ATOM   729  C CA  . TYR A 1 99  ? -0.170  -11.464 -6.104  1.00 35.83 ? 93   TYR A CA  1 
ATOM   730  C C   . TYR A 1 99  ? -1.387  -11.490 -7.079  1.00 36.26 ? 93   TYR A C   1 
ATOM   731  O O   . TYR A 1 99  ? -2.295  -12.395 -7.043  1.00 36.53 ? 93   TYR A O   1 
ATOM   732  C CB  . TYR A 1 99  ? -0.583  -10.477 -4.989  1.00 34.30 ? 93   TYR A CB  1 
ATOM   733  C CG  . TYR A 1 99  ? -2.014  -10.553 -4.478  1.00 32.35 ? 93   TYR A CG  1 
ATOM   734  C CD1 . TYR A 1 99  ? -2.329  -11.342 -3.362  1.00 30.57 ? 93   TYR A CD1 1 
ATOM   735  C CD2 . TYR A 1 99  ? -3.067  -9.848  -5.106  1.00 29.48 ? 93   TYR A CD2 1 
ATOM   736  C CE1 . TYR A 1 99  ? -3.647  -11.451 -2.863  1.00 29.59 ? 93   TYR A CE1 1 
ATOM   737  C CE2 . TYR A 1 99  ? -4.400  -9.929  -4.641  1.00 29.40 ? 93   TYR A CE2 1 
ATOM   738  C CZ  . TYR A 1 99  ? -4.681  -10.753 -3.514  1.00 29.84 ? 93   TYR A CZ  1 
ATOM   739  O OH  . TYR A 1 99  ? -5.982  -10.878 -3.029  1.00 32.83 ? 93   TYR A OH  1 
ATOM   740  N N   . PHE A 1 100 ? -1.508  -10.489 -7.955  1.00 36.65 ? 94   PHE A N   1 
ATOM   741  C CA  . PHE A 1 100 ? -2.597  -10.469 -8.913  1.00 37.83 ? 94   PHE A CA  1 
ATOM   742  C C   . PHE A 1 100 ? -2.437  -11.632 -9.906  1.00 38.65 ? 94   PHE A C   1 
ATOM   743  O O   . PHE A 1 100 ? -3.417  -12.281 -10.290 1.00 38.56 ? 94   PHE A O   1 
ATOM   744  C CB  . PHE A 1 100 ? -2.628  -9.116  -9.631  1.00 37.52 ? 94   PHE A CB  1 
ATOM   745  C CG  . PHE A 1 100 ? -3.646  -9.032  -10.720 1.00 37.68 ? 94   PHE A CG  1 
ATOM   746  C CD1 . PHE A 1 100 ? -4.919  -8.564  -10.452 1.00 38.03 ? 94   PHE A CD1 1 
ATOM   747  C CD2 . PHE A 1 100 ? -3.328  -9.426  -12.024 1.00 37.60 ? 94   PHE A CD2 1 
ATOM   748  C CE1 . PHE A 1 100 ? -5.873  -8.492  -11.470 1.00 39.30 ? 94   PHE A CE1 1 
ATOM   749  C CE2 . PHE A 1 100 ? -4.259  -9.355  -13.051 1.00 37.16 ? 94   PHE A CE2 1 
ATOM   750  C CZ  . PHE A 1 100 ? -5.530  -8.886  -12.782 1.00 38.73 ? 94   PHE A CZ  1 
ATOM   751  N N   . GLN A 1 101 ? -1.194  -11.901 -10.298 1.00 40.05 ? 95   GLN A N   1 
ATOM   752  C CA  . GLN A 1 101 ? -0.888  -13.002 -11.222 1.00 41.02 ? 95   GLN A CA  1 
ATOM   753  C C   . GLN A 1 101 ? -1.095  -14.400 -10.630 1.00 41.65 ? 95   GLN A C   1 
ATOM   754  O O   . GLN A 1 101 ? -1.571  -15.301 -11.313 1.00 41.75 ? 95   GLN A O   1 
ATOM   755  C CB  . GLN A 1 101 ? 0.498   -12.829 -11.802 1.00 40.65 ? 95   GLN A CB  1 
ATOM   756  C CG  . GLN A 1 101 ? 0.513   -11.686 -12.805 1.00 42.64 ? 95   GLN A CG  1 
ATOM   757  C CD  . GLN A 1 101 ? 1.901   -11.354 -13.313 1.00 45.48 ? 95   GLN A CD  1 
ATOM   758  O OE1 . GLN A 1 101 ? 2.920   -11.621 -12.650 1.00 44.35 ? 95   GLN A OE1 1 
ATOM   759  N NE2 . GLN A 1 101 ? 1.952   -10.737 -14.498 1.00 48.85 ? 95   GLN A NE2 1 
ATOM   760  N N   . GLY A 1 102 ? -0.757  -14.563 -9.357  1.00 42.54 ? 96   GLY A N   1 
ATOM   761  C CA  . GLY A 1 102 ? -1.007  -15.803 -8.641  1.00 43.48 ? 96   GLY A CA  1 
ATOM   762  C C   . GLY A 1 102 ? -2.487  -16.131 -8.555  1.00 44.19 ? 96   GLY A C   1 
ATOM   763  O O   . GLY A 1 102 ? -2.937  -17.199 -9.007  1.00 44.71 ? 96   GLY A O   1 
ATOM   764  N N   . TYR A 1 103 ? -3.241  -15.203 -7.971  1.00 44.44 ? 97   TYR A N   1 
ATOM   765  C CA  . TYR A 1 103 ? -4.671  -15.373 -7.712  1.00 44.34 ? 97   TYR A CA  1 
ATOM   766  C C   . TYR A 1 103 ? -5.432  -15.670 -9.011  1.00 44.84 ? 97   TYR A C   1 
ATOM   767  O O   . TYR A 1 103 ? -6.403  -16.415 -9.003  1.00 44.28 ? 97   TYR A O   1 
ATOM   768  C CB  . TYR A 1 103 ? -5.194  -14.070 -7.111  1.00 44.00 ? 97   TYR A CB  1 
ATOM   769  C CG  . TYR A 1 103 ? -6.496  -14.120 -6.337  1.00 43.12 ? 97   TYR A CG  1 
ATOM   770  C CD1 . TYR A 1 103 ? -7.356  -15.218 -6.403  1.00 41.65 ? 97   TYR A CD1 1 
ATOM   771  C CD2 . TYR A 1 103 ? -6.877  -13.035 -5.550  1.00 42.63 ? 97   TYR A CD2 1 
ATOM   772  C CE1 . TYR A 1 103 ? -8.556  -15.252 -5.685  1.00 42.01 ? 97   TYR A CE1 1 
ATOM   773  C CE2 . TYR A 1 103 ? -8.083  -13.050 -4.822  1.00 43.89 ? 97   TYR A CE2 1 
ATOM   774  C CZ  . TYR A 1 103 ? -8.927  -14.166 -4.896  1.00 43.18 ? 97   TYR A CZ  1 
ATOM   775  O OH  . TYR A 1 103 ? -10.119 -14.188 -4.184  1.00 42.04 ? 97   TYR A OH  1 
ATOM   776  N N   . ALA A 1 104 ? -4.990  -15.075 -10.123 1.00 45.60 ? 98   ALA A N   1 
ATOM   777  C CA  . ALA A 1 104 ? -5.622  -15.318 -11.421 1.00 46.42 ? 98   ALA A CA  1 
ATOM   778  C C   . ALA A 1 104 ? -5.487  -16.792 -11.866 1.00 47.18 ? 98   ALA A C   1 
ATOM   779  O O   . ALA A 1 104 ? -6.441  -17.380 -12.389 1.00 47.17 ? 98   ALA A O   1 
ATOM   780  C CB  . ALA A 1 104 ? -5.080  -14.365 -12.479 1.00 45.94 ? 98   ALA A CB  1 
ATOM   781  N N   . ARG A 1 105 ? -4.319  -17.386 -11.639 1.00 47.87 ? 99   ARG A N   1 
ATOM   782  C CA  . ARG A 1 105 ? -4.123  -18.801 -11.917 1.00 49.26 ? 99   ARG A CA  1 
ATOM   783  C C   . ARG A 1 105 ? -4.871  -19.685 -10.918 1.00 49.09 ? 99   ARG A C   1 
ATOM   784  O O   . ARG A 1 105 ? -5.477  -20.695 -11.299 1.00 49.70 ? 99   ARG A O   1 
ATOM   785  C CB  . ARG A 1 105 ? -2.644  -19.176 -11.838 1.00 50.10 ? 99   ARG A CB  1 
ATOM   786  C CG  . ARG A 1 105 ? -1.770  -18.639 -12.949 1.00 54.25 ? 99   ARG A CG  1 
ATOM   787  C CD  . ARG A 1 105 ? -0.308  -18.991 -12.654 1.00 61.10 ? 99   ARG A CD  1 
ATOM   788  N NE  . ARG A 1 105 ? 0.014   -20.378 -13.016 1.00 65.92 ? 99   ARG A NE  1 
ATOM   789  C CZ  . ARG A 1 105 ? 1.140   -21.012 -12.676 1.00 68.50 ? 99   ARG A CZ  1 
ATOM   790  N NH1 . ARG A 1 105 ? 2.071   -20.400 -11.939 1.00 68.90 ? 99   ARG A NH1 1 
ATOM   791  N NH2 . ARG A 1 105 ? 1.337   -22.273 -13.069 1.00 70.05 ? 99   ARG A NH2 1 
ATOM   792  N N   . SER A 1 106 ? -4.825  -19.311 -9.640  1.00 48.16 ? 100  SER A N   1 
ATOM   793  C CA  . SER A 1 106 ? -5.182  -20.227 -8.580  1.00 47.23 ? 100  SER A CA  1 
ATOM   794  C C   . SER A 1 106 ? -5.385  -19.464 -7.279  1.00 47.01 ? 100  SER A C   1 
ATOM   795  O O   . SER A 1 106 ? -4.492  -18.718 -6.858  1.00 47.52 ? 100  SER A O   1 
ATOM   796  C CB  . SER A 1 106 ? -4.060  -21.283 -8.457  1.00 47.17 ? 100  SER A CB  1 
ATOM   797  O OG  . SER A 1 106 ? -4.029  -21.984 -7.219  1.00 46.66 ? 100  SER A OG  1 
ATOM   798  N N   . ALA A 1 107 ? -6.548  -19.631 -6.646  1.00 46.29 ? 101  ALA A N   1 
ATOM   799  C CA  . ALA A 1 107 ? -6.776  -19.034 -5.328  1.00 46.26 ? 101  ALA A CA  1 
ATOM   800  C C   . ALA A 1 107 ? -5.580  -19.235 -4.394  1.00 46.62 ? 101  ALA A C   1 
ATOM   801  O O   . ALA A 1 107 ? -5.121  -18.289 -3.758  1.00 47.20 ? 101  ALA A O   1 
ATOM   802  C CB  . ALA A 1 107 ? -8.054  -19.550 -4.680  1.00 45.68 ? 101  ALA A CB  1 
ATOM   803  N N   . GLN A 1 108 ? -5.053  -20.453 -4.338  1.00 46.79 ? 102  GLN A N   1 
ATOM   804  C CA  . GLN A 1 108 ? -3.992  -20.790 -3.391  1.00 46.81 ? 102  GLN A CA  1 
ATOM   805  C C   . GLN A 1 108 ? -2.707  -20.011 -3.660  1.00 46.49 ? 102  GLN A C   1 
ATOM   806  O O   . GLN A 1 108 ? -1.944  -19.739 -2.739  1.00 46.54 ? 102  GLN A O   1 
ATOM   807  C CB  . GLN A 1 108 ? -3.732  -22.305 -3.407  1.00 47.04 ? 102  GLN A CB  1 
ATOM   808  C CG  . GLN A 1 108 ? -2.989  -22.844 -2.186  1.00 47.41 ? 102  GLN A CG  1 
ATOM   809  C CD  . GLN A 1 108 ? -1.469  -22.934 -2.381  1.00 49.76 ? 102  GLN A CD  1 
ATOM   810  O OE1 . GLN A 1 108 ? -0.934  -22.838 -3.505  1.00 49.29 ? 102  GLN A OE1 1 
ATOM   811  N NE2 . GLN A 1 108 ? -0.761  -23.128 -1.270  1.00 51.38 ? 102  GLN A NE2 1 
ATOM   812  N N   . LEU A 1 109 ? -2.475  -19.646 -4.918  1.00 46.43 ? 103  LEU A N   1 
ATOM   813  C CA  . LEU A 1 109 ? -1.247  -18.943 -5.301  1.00 46.41 ? 103  LEU A CA  1 
ATOM   814  C C   . LEU A 1 109 ? -1.199  -17.494 -4.809  1.00 46.51 ? 103  LEU A C   1 
ATOM   815  O O   . LEU A 1 109 ? -0.127  -16.883 -4.796  1.00 46.80 ? 103  LEU A O   1 
ATOM   816  C CB  . LEU A 1 109 ? -1.021  -18.997 -6.816  1.00 46.12 ? 103  LEU A CB  1 
ATOM   817  C CG  . LEU A 1 109 ? -0.555  -20.349 -7.370  1.00 45.85 ? 103  LEU A CG  1 
ATOM   818  C CD1 . LEU A 1 109 ? -0.528  -20.311 -8.901  1.00 46.99 ? 103  LEU A CD1 1 
ATOM   819  C CD2 . LEU A 1 109 ? 0.789   -20.770 -6.820  1.00 44.06 ? 103  LEU A CD2 1 
ATOM   820  N N   . ARG A 1 110 ? -2.351  -16.963 -4.394  1.00 46.25 ? 104  ARG A N   1 
ATOM   821  C CA  . ARG A 1 110 ? -2.444  -15.609 -3.862  1.00 45.77 ? 104  ARG A CA  1 
ATOM   822  C C   . ARG A 1 110 ? -1.723  -15.425 -2.519  1.00 46.14 ? 104  ARG A C   1 
ATOM   823  O O   . ARG A 1 110 ? -1.245  -14.324 -2.214  1.00 47.13 ? 104  ARG A O   1 
ATOM   824  C CB  . ARG A 1 110 ? -3.899  -15.204 -3.708  1.00 45.79 ? 104  ARG A CB  1 
ATOM   825  C CG  . ARG A 1 110 ? -4.485  -15.499 -2.337  1.00 44.88 ? 104  ARG A CG  1 
ATOM   826  C CD  . ARG A 1 110 ? -5.993  -15.267 -2.304  1.00 45.25 ? 104  ARG A CD  1 
ATOM   827  N NE  . ARG A 1 110 ? -6.546  -15.593 -0.984  1.00 47.19 ? 104  ARG A NE  1 
ATOM   828  C CZ  . ARG A 1 110 ? -6.743  -16.839 -0.525  1.00 46.92 ? 104  ARG A CZ  1 
ATOM   829  N NH1 . ARG A 1 110 ? -7.235  -17.030 0.690   1.00 44.76 ? 104  ARG A NH1 1 
ATOM   830  N NH2 . ARG A 1 110 ? -6.434  -17.905 -1.266  1.00 46.85 ? 104  ARG A NH2 1 
ATOM   831  N N   . LEU A 1 111 ? -1.620  -16.491 -1.735  1.00 45.58 ? 105  LEU A N   1 
ATOM   832  C CA  . LEU A 1 111 ? -1.171  -16.392 -0.352  1.00 45.11 ? 105  LEU A CA  1 
ATOM   833  C C   . LEU A 1 111 ? 0.292   -16.000 -0.110  1.00 45.01 ? 105  LEU A C   1 
ATOM   834  O O   . LEU A 1 111 ? 0.581   -15.172 0.753   1.00 44.83 ? 105  LEU A O   1 
ATOM   835  C CB  . LEU A 1 111 ? -1.515  -17.676 0.383   1.00 45.03 ? 105  LEU A CB  1 
ATOM   836  C CG  . LEU A 1 111 ? -3.014  -17.911 0.539   1.00 44.85 ? 105  LEU A CG  1 
ATOM   837  C CD1 . LEU A 1 111 ? -3.227  -19.288 1.079   1.00 44.75 ? 105  LEU A CD1 1 
ATOM   838  C CD2 . LEU A 1 111 ? -3.646  -16.881 1.455   1.00 44.83 ? 105  LEU A CD2 1 
ATOM   839  N N   . ALA A 1 112 ? 1.227   -16.602 -0.835  1.00 45.26 ? 106  ALA A N   1 
ATOM   840  C CA  . ALA A 1 112 ? 2.651   -16.274 -0.628  1.00 45.24 ? 106  ALA A CA  1 
ATOM   841  C C   . ALA A 1 112 ? 2.901   -14.765 -0.856  1.00 45.30 ? 106  ALA A C   1 
ATOM   842  O O   . ALA A 1 112 ? 3.322   -14.075 0.088   1.00 45.64 ? 106  ALA A O   1 
ATOM   843  C CB  . ALA A 1 112 ? 3.570   -17.142 -1.500  1.00 44.74 ? 106  ALA A CB  1 
ATOM   844  N N   . PRO A 1 113 ? 2.564   -14.238 -2.070  1.00 44.83 ? 107  PRO A N   1 
ATOM   845  C CA  . PRO A 1 113 ? 2.755   -12.808 -2.343  1.00 44.20 ? 107  PRO A CA  1 
ATOM   846  C C   . PRO A 1 113 ? 1.851   -11.860 -1.526  1.00 43.49 ? 107  PRO A C   1 
ATOM   847  O O   . PRO A 1 113 ? 2.181   -10.683 -1.403  1.00 43.01 ? 107  PRO A O   1 
ATOM   848  C CB  . PRO A 1 113 ? 2.456   -12.695 -3.843  1.00 44.31 ? 107  PRO A CB  1 
ATOM   849  C CG  . PRO A 1 113 ? 1.509   -13.784 -4.100  1.00 44.45 ? 107  PRO A CG  1 
ATOM   850  C CD  . PRO A 1 113 ? 1.962   -14.922 -3.233  1.00 44.44 ? 107  PRO A CD  1 
ATOM   851  N N   . LEU A 1 114 ? 0.731   -12.352 -0.993  1.00 43.23 ? 108  LEU A N   1 
ATOM   852  C CA  . LEU A 1 114 ? -0.052  -11.562 -0.052  1.00 43.69 ? 108  LEU A CA  1 
ATOM   853  C C   . LEU A 1 114 ? 0.762   -11.275 1.206   1.00 44.47 ? 108  LEU A C   1 
ATOM   854  O O   . LEU A 1 114 ? 0.797   -10.128 1.661   1.00 44.89 ? 108  LEU A O   1 
ATOM   855  C CB  . LEU A 1 114 ? -1.384  -12.212 0.328   1.00 43.29 ? 108  LEU A CB  1 
ATOM   856  C CG  . LEU A 1 114 ? -2.223  -11.367 1.324   1.00 44.03 ? 108  LEU A CG  1 
ATOM   857  C CD1 . LEU A 1 114 ? -2.798  -10.062 0.722   1.00 42.92 ? 108  LEU A CD1 1 
ATOM   858  C CD2 . LEU A 1 114 ? -3.341  -12.154 2.008   1.00 43.29 ? 108  LEU A CD2 1 
ATOM   859  N N   . TYR A 1 115 ? 1.416   -12.305 1.753   1.00 45.21 ? 109  TYR A N   1 
ATOM   860  C CA  . TYR A 1 115 ? 2.276   -12.149 2.933   1.00 45.69 ? 109  TYR A CA  1 
ATOM   861  C C   . TYR A 1 115 ? 3.450   -11.196 2.686   1.00 44.62 ? 109  TYR A C   1 
ATOM   862  O O   . TYR A 1 115 ? 3.768   -10.362 3.544   1.00 44.05 ? 109  TYR A O   1 
ATOM   863  C CB  . TYR A 1 115 ? 2.796   -13.500 3.440   1.00 47.35 ? 109  TYR A CB  1 
ATOM   864  C CG  . TYR A 1 115 ? 1.711   -14.463 3.856   1.00 50.03 ? 109  TYR A CG  1 
ATOM   865  C CD1 . TYR A 1 115 ? 0.535   -14.008 4.459   1.00 51.46 ? 109  TYR A CD1 1 
ATOM   866  C CD2 . TYR A 1 115 ? 1.862   -15.846 3.650   1.00 53.23 ? 109  TYR A CD2 1 
ATOM   867  C CE1 . TYR A 1 115 ? -0.477  -14.899 4.834   1.00 52.60 ? 109  TYR A CE1 1 
ATOM   868  C CE2 . TYR A 1 115 ? 0.853   -16.756 4.020   1.00 53.04 ? 109  TYR A CE2 1 
ATOM   869  C CZ  . TYR A 1 115 ? -0.313  -16.270 4.612   1.00 52.83 ? 109  TYR A CZ  1 
ATOM   870  O OH  . TYR A 1 115 ? -1.319  -17.151 4.994   1.00 53.42 ? 109  TYR A OH  1 
ATOM   871  N N   . ALA A 1 116 ? 4.092   -11.336 1.524   1.00 43.40 ? 110  ALA A N   1 
ATOM   872  C CA  . ALA A 1 116 ? 5.154   -10.426 1.113   1.00 42.86 ? 110  ALA A CA  1 
ATOM   873  C C   . ALA A 1 116 ? 4.652   -8.957  1.131   1.00 43.00 ? 110  ALA A C   1 
ATOM   874  O O   . ALA A 1 116 ? 5.262   -8.082  1.756   1.00 43.10 ? 110  ALA A O   1 
ATOM   875  C CB  . ALA A 1 116 ? 5.678   -10.810 -0.257  1.00 42.05 ? 110  ALA A CB  1 
ATOM   876  N N   . SER A 1 117 ? 3.517   -8.706  0.480   1.00 42.44 ? 111  SER A N   1 
ATOM   877  C CA  . SER A 1 117 ? 2.929   -7.395  0.469   1.00 41.66 ? 111  SER A CA  1 
ATOM   878  C C   . SER A 1 117 ? 2.555   -6.927  1.884   1.00 41.48 ? 111  SER A C   1 
ATOM   879  O O   . SER A 1 117 ? 2.610   -5.739  2.167   1.00 41.33 ? 111  SER A O   1 
ATOM   880  C CB  . SER A 1 117 ? 1.721   -7.376  -0.470  1.00 41.63 ? 111  SER A CB  1 
ATOM   881  O OG  . SER A 1 117 ? 0.561   -7.837  0.191   1.00 41.00 ? 111  SER A OG  1 
ATOM   882  N N   . ALA A 1 118 ? 2.174   -7.845  2.768   1.00 41.31 ? 112  ALA A N   1 
ATOM   883  C CA  . ALA A 1 118 ? 1.829   -7.459  4.145   1.00 41.42 ? 112  ALA A CA  1 
ATOM   884  C C   . ALA A 1 118 ? 3.063   -7.067  4.974   1.00 41.85 ? 112  ALA A C   1 
ATOM   885  O O   . ALA A 1 118 ? 3.006   -6.140  5.797   1.00 41.83 ? 112  ALA A O   1 
ATOM   886  C CB  . ALA A 1 118 ? 1.031   -8.539  4.839   1.00 40.60 ? 112  ALA A CB  1 
ATOM   887  N N   . ARG A 1 119 ? 4.180   -7.759  4.746   1.00 42.19 ? 113  ARG A N   1 
ATOM   888  C CA  . ARG A 1 119 ? 5.429   -7.416  5.417   1.00 42.68 ? 113  ARG A CA  1 
ATOM   889  C C   . ARG A 1 119 ? 5.839   -6.012  5.020   1.00 41.80 ? 113  ARG A C   1 
ATOM   890  O O   . ARG A 1 119 ? 6.100   -5.187  5.891   1.00 42.69 ? 113  ARG A O   1 
ATOM   891  C CB  . ARG A 1 119 ? 6.543   -8.425  5.116   1.00 42.52 ? 113  ARG A CB  1 
ATOM   892  C CG  . ARG A 1 119 ? 6.354   -9.760  5.850   1.00 44.44 ? 113  ARG A CG  1 
ATOM   893  C CD  . ARG A 1 119 ? 7.579   -10.694 5.712   1.00 45.62 ? 113  ARG A CD  1 
ATOM   894  N NE  . ARG A 1 119 ? 7.710   -11.320 4.377   1.00 52.10 ? 113  ARG A NE  1 
ATOM   895  C CZ  . ARG A 1 119 ? 6.977   -12.355 3.919   1.00 52.66 ? 113  ARG A CZ  1 
ATOM   896  N NH1 . ARG A 1 119 ? 6.012   -12.916 4.676   1.00 51.80 ? 113  ARG A NH1 1 
ATOM   897  N NH2 . ARG A 1 119 ? 7.207   -12.828 2.684   1.00 51.62 ? 113  ARG A NH2 1 
ATOM   898  N N   . ALA A 1 120 ? 5.840   -5.725  3.721   1.00 40.59 ? 114  ALA A N   1 
ATOM   899  C CA  . ALA A 1 120 ? 6.258   -4.428  3.232   1.00 39.89 ? 114  ALA A CA  1 
ATOM   900  C C   . ALA A 1 120 ? 5.343   -3.297  3.736   1.00 40.02 ? 114  ALA A C   1 
ATOM   901  O O   . ALA A 1 120 ? 5.809   -2.209  4.065   1.00 40.37 ? 114  ALA A O   1 
ATOM   902  C CB  . ALA A 1 120 ? 6.343   -4.436  1.718   1.00 39.80 ? 114  ALA A CB  1 
ATOM   903  N N   . LEU A 1 121 ? 4.048   -3.560  3.823   1.00 39.73 ? 115  LEU A N   1 
ATOM   904  C CA  . LEU A 1 121 ? 3.114   -2.550  4.258   1.00 39.71 ? 115  LEU A CA  1 
ATOM   905  C C   . LEU A 1 121 ? 3.192   -2.307  5.760   1.00 40.21 ? 115  LEU A C   1 
ATOM   906  O O   . LEU A 1 121 ? 3.182   -1.147  6.217   1.00 40.29 ? 115  LEU A O   1 
ATOM   907  C CB  . LEU A 1 121 ? 1.693   -2.931  3.863   1.00 39.57 ? 115  LEU A CB  1 
ATOM   908  C CG  . LEU A 1 121 ? 0.624   -1.857  4.029   1.00 38.70 ? 115  LEU A CG  1 
ATOM   909  C CD1 . LEU A 1 121 ? 1.089   -0.555  3.405   1.00 39.19 ? 115  LEU A CD1 1 
ATOM   910  C CD2 . LEU A 1 121 ? -0.667  -2.318  3.385   1.00 39.11 ? 115  LEU A CD2 1 
ATOM   911  N N   . TRP A 1 122 ? 3.246   -3.392  6.529   1.00 40.25 ? 116  TRP A N   1 
ATOM   912  C CA  . TRP A 1 122 ? 3.437   -3.276  7.961   1.00 40.18 ? 116  TRP A CA  1 
ATOM   913  C C   . TRP A 1 122 ? 4.726   -2.523  8.279   1.00 39.68 ? 116  TRP A C   1 
ATOM   914  O O   . TRP A 1 122 ? 4.772   -1.706  9.207   1.00 39.29 ? 116  TRP A O   1 
ATOM   915  C CB  . TRP A 1 122 ? 3.438   -4.650  8.607   1.00 40.73 ? 116  TRP A CB  1 
ATOM   916  C CG  . TRP A 1 122 ? 2.034   -5.170  8.926   1.00 42.59 ? 116  TRP A CG  1 
ATOM   917  C CD1 . TRP A 1 122 ? 1.456   -6.335  8.476   1.00 41.86 ? 116  TRP A CD1 1 
ATOM   918  C CD2 . TRP A 1 122 ? 1.051   -4.543  9.784   1.00 43.82 ? 116  TRP A CD2 1 
ATOM   919  N NE1 . TRP A 1 122 ? 0.187   -6.465  8.997   1.00 41.67 ? 116  TRP A NE1 1 
ATOM   920  C CE2 . TRP A 1 122 ? -0.091  -5.393  9.799   1.00 41.60 ? 116  TRP A CE2 1 
ATOM   921  C CE3 . TRP A 1 122 ? 1.035   -3.357  10.552  1.00 43.19 ? 116  TRP A CE3 1 
ATOM   922  C CZ2 . TRP A 1 122 ? -1.243  -5.091  10.536  1.00 41.34 ? 116  TRP A CZ2 1 
ATOM   923  C CZ3 . TRP A 1 122 ? -0.122  -3.057  11.293  1.00 42.21 ? 116  TRP A CZ3 1 
ATOM   924  C CH2 . TRP A 1 122 ? -1.247  -3.924  11.274  1.00 42.09 ? 116  TRP A CH2 1 
ATOM   925  N N   . LEU A 1 123 ? 5.768   -2.785  7.500   1.00 39.11 ? 117  LEU A N   1 
ATOM   926  C CA  . LEU A 1 123 ? 7.003   -2.048  7.664   1.00 39.47 ? 117  LEU A CA  1 
ATOM   927  C C   . LEU A 1 123 ? 6.807   -0.529  7.481   1.00 38.95 ? 117  LEU A C   1 
ATOM   928  O O   . LEU A 1 123 ? 7.292   0.244   8.303   1.00 39.64 ? 117  LEU A O   1 
ATOM   929  C CB  . LEU A 1 123 ? 8.093   -2.574  6.728   1.00 39.60 ? 117  LEU A CB  1 
ATOM   930  C CG  . LEU A 1 123 ? 9.521   -2.077  7.014   1.00 40.96 ? 117  LEU A CG  1 
ATOM   931  C CD1 . LEU A 1 123 ? 9.941   -2.343  8.475   1.00 39.41 ? 117  LEU A CD1 1 
ATOM   932  C CD2 . LEU A 1 123 ? 10.544  -2.703  6.022   1.00 40.30 ? 117  LEU A CD2 1 
ATOM   933  N N   . LEU A 1 124 ? 6.096   -0.109  6.430   1.00 37.77 ? 118  LEU A N   1 
ATOM   934  C CA  . LEU A 1 124 ? 5.809   1.306   6.208   1.00 36.56 ? 118  LEU A CA  1 
ATOM   935  C C   . LEU A 1 124 ? 5.027   1.899   7.345   1.00 36.15 ? 118  LEU A C   1 
ATOM   936  O O   . LEU A 1 124 ? 5.248   3.026   7.691   1.00 36.60 ? 118  LEU A O   1 
ATOM   937  C CB  . LEU A 1 124 ? 5.033   1.548   4.917   1.00 36.61 ? 118  LEU A CB  1 
ATOM   938  C CG  . LEU A 1 124 ? 5.762   1.457   3.576   1.00 35.70 ? 118  LEU A CG  1 
ATOM   939  C CD1 . LEU A 1 124 ? 4.746   1.447   2.420   1.00 36.08 ? 118  LEU A CD1 1 
ATOM   940  C CD2 . LEU A 1 124 ? 6.748   2.585   3.409   1.00 33.32 ? 118  LEU A CD2 1 
ATOM   941  N N   . VAL A 1 125 ? 4.104   1.141   7.909   1.00 35.62 ? 119  VAL A N   1 
ATOM   942  C CA  . VAL A 1 125 ? 3.390   1.559   9.100   1.00 35.34 ? 119  VAL A CA  1 
ATOM   943  C C   . VAL A 1 125 ? 4.373   1.753   10.281  1.00 35.72 ? 119  VAL A C   1 
ATOM   944  O O   . VAL A 1 125 ? 4.346   2.776   10.962  1.00 35.57 ? 119  VAL A O   1 
ATOM   945  C CB  . VAL A 1 125 ? 2.254   0.545   9.438   1.00 35.10 ? 119  VAL A CB  1 
ATOM   946  C CG1 . VAL A 1 125 ? 1.620   0.826   10.789  1.00 35.41 ? 119  VAL A CG1 1 
ATOM   947  C CG2 . VAL A 1 125 ? 1.198   0.582   8.380   1.00 34.46 ? 119  VAL A CG2 1 
ATOM   948  N N   . ALA A 1 126 ? 5.244   0.778   10.524  1.00 36.56 ? 120  ALA A N   1 
ATOM   949  C CA  . ALA A 1 126 ? 6.260   0.920   11.588  1.00 36.88 ? 120  ALA A CA  1 
ATOM   950  C C   . ALA A 1 126 ? 7.047   2.228   11.394  1.00 37.16 ? 120  ALA A C   1 
ATOM   951  O O   . ALA A 1 126 ? 7.156   3.031   12.332  1.00 37.62 ? 120  ALA A O   1 
ATOM   952  C CB  . ALA A 1 126 ? 7.197   -0.287  11.632  1.00 36.19 ? 120  ALA A CB  1 
ATOM   953  N N   . LEU A 1 127 ? 7.543   2.460   10.176  1.00 36.60 ? 121  LEU A N   1 
ATOM   954  C CA  . LEU A 1 127 ? 8.284   3.675   9.884   1.00 36.59 ? 121  LEU A CA  1 
ATOM   955  C C   . LEU A 1 127 ? 7.444   4.941   10.123  1.00 36.57 ? 121  LEU A C   1 
ATOM   956  O O   . LEU A 1 127 ? 7.903   5.910   10.745  1.00 36.33 ? 121  LEU A O   1 
ATOM   957  C CB  . LEU A 1 127 ? 8.856   3.649   8.455   1.00 36.87 ? 121  LEU A CB  1 
ATOM   958  C CG  . LEU A 1 127 ? 9.883   2.567   8.041   1.00 36.61 ? 121  LEU A CG  1 
ATOM   959  C CD1 . LEU A 1 127 ? 10.460  2.867   6.668   1.00 35.54 ? 121  LEU A CD1 1 
ATOM   960  C CD2 . LEU A 1 127 ? 11.002  2.375   9.073   1.00 35.94 ? 121  LEU A CD2 1 
ATOM   961  N N   . ALA A 1 128 ? 6.209   4.929   9.639   1.00 36.55 ? 122  ALA A N   1 
ATOM   962  C CA  . ALA A 1 128 ? 5.311   6.052   9.844   1.00 36.52 ? 122  ALA A CA  1 
ATOM   963  C C   . ALA A 1 128 ? 5.175   6.345   11.346  1.00 36.80 ? 122  ALA A C   1 
ATOM   964  O O   . ALA A 1 128 ? 5.411   7.491   11.768  1.00 36.84 ? 122  ALA A O   1 
ATOM   965  C CB  . ALA A 1 128 ? 3.961   5.797   9.199   1.00 36.11 ? 122  ALA A CB  1 
ATOM   966  N N   . ALA A 1 129 ? 4.842   5.323   12.147  1.00 37.06 ? 123  ALA A N   1 
ATOM   967  C CA  . ALA A 1 129 ? 4.735   5.471   13.627  1.00 37.25 ? 123  ALA A CA  1 
ATOM   968  C C   . ALA A 1 129 ? 6.024   5.971   14.314  1.00 37.60 ? 123  ALA A C   1 
ATOM   969  O O   . ALA A 1 129 ? 5.954   6.847   15.180  1.00 37.43 ? 123  ALA A O   1 
ATOM   970  C CB  . ALA A 1 129 ? 4.211   4.191   14.297  1.00 36.44 ? 123  ALA A CB  1 
ATOM   971  N N   . LEU A 1 130 ? 7.185   5.432   13.922  1.00 38.00 ? 124  LEU A N   1 
ATOM   972  C CA  . LEU A 1 130 ? 8.467   5.898   14.472  1.00 38.72 ? 124  LEU A CA  1 
ATOM   973  C C   . LEU A 1 130 ? 8.726   7.387   14.167  1.00 39.10 ? 124  LEU A C   1 
ATOM   974  O O   . LEU A 1 130 ? 9.045   8.154   15.080  1.00 39.42 ? 124  LEU A O   1 
ATOM   975  C CB  . LEU A 1 130 ? 9.649   5.031   14.020  1.00 38.50 ? 124  LEU A CB  1 
ATOM   976  C CG  . LEU A 1 130 ? 9.620   3.592   14.556  1.00 39.97 ? 124  LEU A CG  1 
ATOM   977  C CD1 . LEU A 1 130 ? 10.653  2.638   13.875  1.00 39.76 ? 124  LEU A CD1 1 
ATOM   978  C CD2 . LEU A 1 130 ? 9.737   3.558   16.084  1.00 40.19 ? 124  LEU A CD2 1 
ATOM   979  N N   . GLY A 1 131 ? 8.581   7.796   12.907  1.00 39.08 ? 125  GLY A N   1 
ATOM   980  C CA  . GLY A 1 131 ? 8.686   9.205   12.548  1.00 39.02 ? 125  GLY A CA  1 
ATOM   981  C C   . GLY A 1 131 ? 7.791   10.098  13.400  1.00 39.49 ? 125  GLY A C   1 
ATOM   982  O O   . GLY A 1 131 ? 8.240   11.127  13.887  1.00 39.66 ? 125  GLY A O   1 
ATOM   983  N N   . LEU A 1 132 ? 6.529   9.719   13.598  1.00 39.91 ? 126  LEU A N   1 
ATOM   984  C CA  . LEU A 1 132 ? 5.604   10.577  14.341  1.00 40.27 ? 126  LEU A CA  1 
ATOM   985  C C   . LEU A 1 132 ? 5.910   10.602  15.841  1.00 41.29 ? 126  LEU A C   1 
ATOM   986  O O   . LEU A 1 132 ? 5.710   11.619  16.498  1.00 41.73 ? 126  LEU A O   1 
ATOM   987  C CB  . LEU A 1 132 ? 4.143   10.203  14.088  1.00 39.64 ? 126  LEU A CB  1 
ATOM   988  C CG  . LEU A 1 132 ? 3.560   10.448  12.694  1.00 38.86 ? 126  LEU A CG  1 
ATOM   989  C CD1 . LEU A 1 132 ? 2.205   9.753   12.577  1.00 38.16 ? 126  LEU A CD1 1 
ATOM   990  C CD2 . LEU A 1 132 ? 3.402   11.922  12.374  1.00 36.01 ? 126  LEU A CD2 1 
ATOM   991  N N   . LEU A 1 133 ? 6.385   9.486   16.384  1.00 42.15 ? 127  LEU A N   1 
ATOM   992  C CA  . LEU A 1 133 ? 6.973   9.475   17.720  1.00 42.96 ? 127  LEU A CA  1 
ATOM   993  C C   . LEU A 1 133 ? 8.139   10.471  17.874  1.00 43.20 ? 127  LEU A C   1 
ATOM   994  O O   . LEU A 1 133 ? 8.136   11.331  18.769  1.00 43.13 ? 127  LEU A O   1 
ATOM   995  C CB  . LEU A 1 133 ? 7.489   8.085   18.039  1.00 43.27 ? 127  LEU A CB  1 
ATOM   996  C CG  . LEU A 1 133 ? 6.512   7.097   18.651  1.00 45.97 ? 127  LEU A CG  1 
ATOM   997  C CD1 . LEU A 1 133 ? 7.349   6.005   19.322  1.00 48.86 ? 127  LEU A CD1 1 
ATOM   998  C CD2 . LEU A 1 133 ? 5.573   7.777   19.669  1.00 47.10 ? 127  LEU A CD2 1 
ATOM   999  N N   . ALA A 1 134 ? 9.141   10.331  17.007  1.00 43.14 ? 128  ALA A N   1 
ATOM   1000 C CA  . ALA A 1 134 ? 10.284  11.214  16.989  1.00 43.09 ? 128  ALA A CA  1 
ATOM   1001 C C   . ALA A 1 134 ? 9.808   12.665  16.986  1.00 43.63 ? 128  ALA A C   1 
ATOM   1002 O O   . ALA A 1 134 ? 10.398  13.526  17.653  1.00 44.64 ? 128  ALA A O   1 
ATOM   1003 C CB  . ALA A 1 134 ? 11.145  10.927  15.780  1.00 42.65 ? 128  ALA A CB  1 
ATOM   1004 N N   . HIS A 1 135 ? 8.735   12.941  16.256  1.00 43.32 ? 129  HIS A N   1 
ATOM   1005 C CA  . HIS A 1 135 ? 8.223   14.294  16.179  1.00 43.28 ? 129  HIS A CA  1 
ATOM   1006 C C   . HIS A 1 135 ? 7.469   14.757  17.446  1.00 43.61 ? 129  HIS A C   1 
ATOM   1007 O O   . HIS A 1 135 ? 7.679   15.847  17.914  1.00 44.00 ? 129  HIS A O   1 
ATOM   1008 C CB  . HIS A 1 135 ? 7.355   14.464  14.927  1.00 43.12 ? 129  HIS A CB  1 
ATOM   1009 C CG  . HIS A 1 135 ? 6.724   15.814  14.817  1.00 42.34 ? 129  HIS A CG  1 
ATOM   1010 N ND1 . HIS A 1 135 ? 7.224   16.804  14.001  1.00 41.61 ? 129  HIS A ND1 1 
ATOM   1011 C CD2 . HIS A 1 135 ? 5.654   16.353  15.452  1.00 41.77 ? 129  HIS A CD2 1 
ATOM   1012 C CE1 . HIS A 1 135 ? 6.474   17.887  14.120  1.00 40.57 ? 129  HIS A CE1 1 
ATOM   1013 N NE2 . HIS A 1 135 ? 5.521   17.644  15.001  1.00 39.77 ? 129  HIS A NE2 1 
ATOM   1014 N N   . PHE A 1 136 ? 6.576   13.943  17.987  1.00 44.28 ? 130  PHE A N   1 
ATOM   1015 C CA  . PHE A 1 136 ? 5.684   14.392  19.054  1.00 44.82 ? 130  PHE A CA  1 
ATOM   1016 C C   . PHE A 1 136 ? 6.255   14.165  20.468  1.00 45.43 ? 130  PHE A C   1 
ATOM   1017 O O   . PHE A 1 136 ? 5.894   14.874  21.410  1.00 44.85 ? 130  PHE A O   1 
ATOM   1018 C CB  . PHE A 1 136 ? 4.308   13.697  18.932  1.00 44.68 ? 130  PHE A CB  1 
ATOM   1019 C CG  . PHE A 1 136 ? 3.367   14.365  17.960  1.00 45.17 ? 130  PHE A CG  1 
ATOM   1020 C CD1 . PHE A 1 136 ? 2.824   15.631  18.241  1.00 44.60 ? 130  PHE A CD1 1 
ATOM   1021 C CD2 . PHE A 1 136 ? 3.020   13.734  16.754  1.00 44.84 ? 130  PHE A CD2 1 
ATOM   1022 C CE1 . PHE A 1 136 ? 1.952   16.262  17.325  1.00 44.35 ? 130  PHE A CE1 1 
ATOM   1023 C CE2 . PHE A 1 136 ? 2.157   14.356  15.839  1.00 44.32 ? 130  PHE A CE2 1 
ATOM   1024 C CZ  . PHE A 1 136 ? 1.621   15.627  16.125  1.00 44.05 ? 130  PHE A CZ  1 
ATOM   1025 N N   . LEU A 1 137 ? 7.121   13.162  20.606  1.00 46.31 ? 131  LEU A N   1 
ATOM   1026 C CA  . LEU A 1 137 ? 7.561   12.689  21.917  1.00 47.17 ? 131  LEU A CA  1 
ATOM   1027 C C   . LEU A 1 137 ? 8.455   13.660  22.715  1.00 47.71 ? 131  LEU A C   1 
ATOM   1028 O O   . LEU A 1 137 ? 8.138   13.926  23.886  1.00 48.31 ? 131  LEU A O   1 
ATOM   1029 C CB  . LEU A 1 137 ? 8.202   11.305  21.818  1.00 47.22 ? 131  LEU A CB  1 
ATOM   1030 C CG  . LEU A 1 137 ? 8.325   10.520  23.132  1.00 48.06 ? 131  LEU A CG  1 
ATOM   1031 C CD1 . LEU A 1 137 ? 6.938   10.161  23.719  1.00 45.58 ? 131  LEU A CD1 1 
ATOM   1032 C CD2 . LEU A 1 137 ? 9.210   9.265   22.930  1.00 47.24 ? 131  LEU A CD2 1 
ATOM   1033 N N   . PRO A 1 138 ? 9.582   14.155  22.120  1.00 47.87 ? 132  PRO A N   1 
ATOM   1034 C CA  . PRO A 1 138 ? 10.365  15.257  22.721  1.00 47.63 ? 132  PRO A CA  1 
ATOM   1035 C C   . PRO A 1 138 ? 9.541   16.343  23.424  1.00 47.14 ? 132  PRO A C   1 
ATOM   1036 O O   . PRO A 1 138 ? 9.608   16.441  24.644  1.00 47.29 ? 132  PRO A O   1 
ATOM   1037 C CB  . PRO A 1 138 ? 11.147  15.840  21.529  1.00 47.76 ? 132  PRO A CB  1 
ATOM   1038 C CG  . PRO A 1 138 ? 10.815  14.952  20.343  1.00 48.04 ? 132  PRO A CG  1 
ATOM   1039 C CD  . PRO A 1 138 ? 10.244  13.683  20.894  1.00 47.78 ? 132  PRO A CD  1 
ATOM   1040 N N   . ALA A 1 139 ? 8.757   17.116  22.676  1.00 46.79 ? 133  ALA A N   1 
ATOM   1041 C CA  . ALA A 1 139 ? 7.946   18.195  23.258  1.00 46.61 ? 133  ALA A CA  1 
ATOM   1042 C C   . ALA A 1 139 ? 6.930   17.707  24.289  1.00 46.77 ? 133  ALA A C   1 
ATOM   1043 O O   . ALA A 1 139 ? 6.568   18.443  25.196  1.00 46.67 ? 133  ALA A O   1 
ATOM   1044 C CB  . ALA A 1 139 ? 7.260   18.993  22.184  1.00 46.16 ? 133  ALA A CB  1 
ATOM   1045 N N   . ALA A 1 140 ? 6.477   16.472  24.167  1.00 47.50 ? 134  ALA A N   1 
ATOM   1046 C CA  . ALA A 1 140 ? 5.520   15.943  25.126  1.00 49.10 ? 134  ALA A CA  1 
ATOM   1047 C C   . ALA A 1 140 ? 6.208   15.696  26.463  1.00 50.30 ? 134  ALA A C   1 
ATOM   1048 O O   . ALA A 1 140 ? 5.666   16.074  27.517  1.00 50.34 ? 134  ALA A O   1 
ATOM   1049 C CB  . ALA A 1 140 ? 4.861   14.646  24.609  1.00 49.01 ? 134  ALA A CB  1 
ATOM   1050 N N   . LEU A 1 141 ? 7.392   15.062  26.407  1.00 51.23 ? 135  LEU A N   1 
ATOM   1051 C CA  . LEU A 1 141 ? 8.167   14.759  27.600  1.00 52.05 ? 135  LEU A CA  1 
ATOM   1052 C C   . LEU A 1 141 ? 8.674   16.034  28.269  1.00 52.34 ? 135  LEU A C   1 
ATOM   1053 O O   . LEU A 1 141 ? 8.636   16.142  29.495  1.00 52.75 ? 135  LEU A O   1 
ATOM   1054 C CB  . LEU A 1 141 ? 9.308   13.771  27.313  1.00 52.17 ? 135  LEU A CB  1 
ATOM   1055 C CG  . LEU A 1 141 ? 8.867   12.294  27.152  1.00 54.48 ? 135  LEU A CG  1 
ATOM   1056 C CD1 . LEU A 1 141 ? 9.988   11.345  26.646  1.00 54.53 ? 135  LEU A CD1 1 
ATOM   1057 C CD2 . LEU A 1 141 ? 8.198   11.704  28.422  1.00 55.61 ? 135  LEU A CD2 1 
ATOM   1058 N N   . ARG A 1 142 ? 9.127   17.004  27.479  1.00 52.29 ? 136  ARG A N   1 
ATOM   1059 C CA  . ARG A 1 142 ? 9.536   18.258  28.054  1.00 52.39 ? 136  ARG A CA  1 
ATOM   1060 C C   . ARG A 1 142 ? 8.385   18.901  28.840  1.00 52.76 ? 136  ARG A C   1 
ATOM   1061 O O   . ARG A 1 142 ? 8.546   19.239  30.015  1.00 52.84 ? 136  ARG A O   1 
ATOM   1062 C CB  . ARG A 1 142 ? 10.071  19.218  27.000  1.00 52.34 ? 136  ARG A CB  1 
ATOM   1063 C CG  . ARG A 1 142 ? 10.204  20.640  27.559  1.00 53.10 ? 136  ARG A CG  1 
ATOM   1064 C CD  . ARG A 1 142 ? 11.062  21.516  26.739  1.00 54.06 ? 136  ARG A CD  1 
ATOM   1065 N NE  . ARG A 1 142 ? 10.648  21.441  25.359  1.00 57.89 ? 136  ARG A NE  1 
ATOM   1066 C CZ  . ARG A 1 142 ? 10.813  22.411  24.477  1.00 60.87 ? 136  ARG A CZ  1 
ATOM   1067 N NH1 . ARG A 1 142 ? 11.382  23.556  24.848  1.00 62.84 ? 136  ARG A NH1 1 
ATOM   1068 N NH2 . ARG A 1 142 ? 10.410  22.232  23.219  1.00 63.00 ? 136  ARG A NH2 1 
ATOM   1069 N N   . ALA A 1 143 ? 7.229   19.064  28.196  1.00 53.22 ? 137  ALA A N   1 
ATOM   1070 C CA  . ALA A 1 143 ? 6.049   19.667  28.835  1.00 53.36 ? 137  ALA A CA  1 
ATOM   1071 C C   . ALA A 1 143 ? 5.647   18.957  30.142  1.00 53.74 ? 137  ALA A C   1 
ATOM   1072 O O   . ALA A 1 143 ? 5.264   19.612  31.109  1.00 53.46 ? 137  ALA A O   1 
ATOM   1073 C CB  . ALA A 1 143 ? 4.885   19.713  27.864  1.00 52.66 ? 137  ALA A CB  1 
ATOM   1074 N N   . ALA A 1 144 ? 5.745   17.629  30.157  1.00 54.44 ? 138  ALA A N   1 
ATOM   1075 C CA  . ALA A 1 144 ? 5.489   16.833  31.349  1.00 55.76 ? 138  ALA A CA  1 
ATOM   1076 C C   . ALA A 1 144 ? 6.451   17.197  32.475  1.00 57.12 ? 138  ALA A C   1 
ATOM   1077 O O   . ALA A 1 144 ? 6.012   17.514  33.587  1.00 57.17 ? 138  ALA A O   1 
ATOM   1078 C CB  . ALA A 1 144 ? 5.586   15.332  31.035  1.00 55.49 ? 138  ALA A CB  1 
ATOM   1079 N N   . LEU A 1 145 ? 7.754   17.136  32.171  1.00 58.66 ? 139  LEU A N   1 
ATOM   1080 C CA  . LEU A 1 145 ? 8.824   17.513  33.093  1.00 60.06 ? 139  LEU A CA  1 
ATOM   1081 C C   . LEU A 1 145 ? 8.730   18.946  33.601  1.00 60.86 ? 139  LEU A C   1 
ATOM   1082 O O   . LEU A 1 145 ? 8.937   19.178  34.777  1.00 60.97 ? 139  LEU A O   1 
ATOM   1083 C CB  . LEU A 1 145 ? 10.206  17.247  32.478  1.00 60.23 ? 139  LEU A CB  1 
ATOM   1084 C CG  . LEU A 1 145 ? 10.839  15.890  32.837  1.00 61.93 ? 139  LEU A CG  1 
ATOM   1085 C CD1 . LEU A 1 145 ? 11.686  15.275  31.690  1.00 61.64 ? 139  LEU A CD1 1 
ATOM   1086 C CD2 . LEU A 1 145 ? 11.644  15.997  34.146  1.00 62.86 ? 139  LEU A CD2 1 
ATOM   1087 N N   . LEU A 1 146 ? 8.417   19.906  32.741  1.00 62.42 ? 140  LEU A N   1 
ATOM   1088 C CA  . LEU A 1 146 ? 8.237   21.276  33.216  1.00 64.49 ? 140  LEU A CA  1 
ATOM   1089 C C   . LEU A 1 146 ? 7.205   21.349  34.352  1.00 66.34 ? 140  LEU A C   1 
ATOM   1090 O O   . LEU A 1 146 ? 7.452   22.001  35.370  1.00 67.15 ? 140  LEU A O   1 
ATOM   1091 C CB  . LEU A 1 146 ? 7.900   22.246  32.079  1.00 64.12 ? 140  LEU A CB  1 
ATOM   1092 C CG  . LEU A 1 146 ? 9.038   22.625  31.127  1.00 64.10 ? 140  LEU A CG  1 
ATOM   1093 C CD1 . LEU A 1 146 ? 8.610   23.709  30.148  1.00 62.71 ? 140  LEU A CD1 1 
ATOM   1094 C CD2 . LEU A 1 146 ? 10.279  23.067  31.885  1.00 64.44 ? 140  LEU A CD2 1 
ATOM   1095 N N   . GLY A 1 147 ? 6.078   20.654  34.190  1.00 68.18 ? 141  GLY A N   1 
ATOM   1096 C CA  . GLY A 1 147 ? 5.083   20.477  35.249  1.00 70.37 ? 141  GLY A CA  1 
ATOM   1097 C C   . GLY A 1 147 ? 5.601   19.929  36.573  1.00 72.42 ? 141  GLY A C   1 
ATOM   1098 O O   . GLY A 1 147 ? 5.113   20.333  37.612  1.00 72.64 ? 141  GLY A O   1 
ATOM   1099 N N   . ARG A 1 148 ? 6.581   19.049  36.556  1.00 74.61 ? 142  ARG A N   1 
ATOM   1100 C CA  . ARG A 1 148 ? 7.122   18.519  37.789  1.00 76.83 ? 142  ARG A CA  1 
ATOM   1101 C C   . ARG A 1 148 ? 8.036   19.487  38.482  1.00 78.27 ? 142  ARG A C   1 
ATOM   1102 O O   . ARG A 1 148 ? 8.484   19.232  39.573  1.00 78.73 ? 142  ARG A O   1 
ATOM   1103 C CB  . ARG A 1 148 ? 7.911   17.254  37.523  1.00 76.95 ? 142  ARG A CB  1 
ATOM   1104 C CG  . ARG A 1 148 ? 7.099   16.071  37.135  1.00 78.76 ? 142  ARG A CG  1 
ATOM   1105 C CD  . ARG A 1 148 ? 6.721   15.264  38.330  1.00 81.84 ? 142  ARG A CD  1 
ATOM   1106 N NE  . ARG A 1 148 ? 5.313   15.440  38.603  1.00 84.01 ? 142  ARG A NE  1 
ATOM   1107 C CZ  . ARG A 1 148 ? 4.609   16.442  38.113  1.00 84.89 ? 142  ARG A CZ  1 
ATOM   1108 N NH1 . ARG A 1 148 ? 3.328   16.552  38.391  1.00 85.93 ? 142  ARG A NH1 1 
ATOM   1109 N NH2 . ARG A 1 148 ? 5.199   17.345  37.352  1.00 84.76 ? 142  ARG A NH2 1 
ATOM   1110 N N   . LEU A 1 149 ? 8.342   20.596  37.848  1.00 79.74 ? 143  LEU A N   1 
ATOM   1111 C CA  . LEU A 1 149 ? 9.016   21.653  38.548  1.00 81.23 ? 143  LEU A CA  1 
ATOM   1112 C C   . LEU A 1 149 ? 7.975   22.613  39.100  1.00 82.49 ? 143  LEU A C   1 
ATOM   1113 O O   . LEU A 1 149 ? 7.268   23.252  38.336  1.00 82.37 ? 143  LEU A O   1 
ATOM   1114 C CB  . LEU A 1 149 ? 9.905   22.398  37.582  1.00 81.25 ? 143  LEU A CB  1 
ATOM   1115 C CG  . LEU A 1 149 ? 10.970  21.665  36.794  1.00 80.96 ? 143  LEU A CG  1 
ATOM   1116 C CD1 . LEU A 1 149 ? 12.103  22.620  36.540  1.00 79.92 ? 143  LEU A CD1 1 
ATOM   1117 C CD2 . LEU A 1 149 ? 11.442  20.479  37.547  1.00 80.47 ? 143  LEU A CD2 1 
ATOM   1118 N N   . ARG A 1 150 ? 7.872   22.710  40.424  1.00 83.80 ? 144  ARG A N   1 
ATOM   1119 C CA  . ARG A 1 150 ? 8.929   22.268  41.326  1.00 85.03 ? 144  ARG A CA  1 
ATOM   1120 C C   . ARG A 1 150 ? 8.515   21.164  42.261  1.00 85.35 ? 144  ARG A C   1 
ATOM   1121 O O   . ARG A 1 150 ? 7.450   21.196  42.843  1.00 85.47 ? 144  ARG A O   1 
ATOM   1122 C CB  . ARG A 1 150 ? 9.402   23.402  42.195  1.00 85.17 ? 144  ARG A CB  1 
ATOM   1123 C CG  . ARG A 1 150 ? 9.716   22.958  43.594  1.00 85.39 ? 144  ARG A CG  1 
ATOM   1124 C CD  . ARG A 1 150 ? 9.859   24.169  44.445  1.00 85.95 ? 144  ARG A CD  1 
ATOM   1125 N NE  . ARG A 1 150 ? 9.487   25.336  43.664  1.00 88.88 ? 144  ARG A NE  1 
ATOM   1126 C CZ  . ARG A 1 150 ? 10.349  26.068  42.974  1.00 89.26 ? 144  ARG A CZ  1 
ATOM   1127 N NH1 . ARG A 1 150 ? 11.628  25.752  42.993  1.00 88.79 ? 144  ARG A NH1 1 
ATOM   1128 N NH2 . ARG A 1 150 ? 9.934   27.112  42.275  1.00 89.36 ? 144  ARG A NH2 1 
ATOM   1129 N N   . THR A 1 151 ? 9.402   20.200  42.407  1.00 85.77 ? 145  THR A N   1 
ATOM   1130 C CA  . THR A 1 151 ? 9.273   19.113  43.382  1.00 86.11 ? 145  THR A CA  1 
ATOM   1131 C C   . THR A 1 151 ? 10.601  18.335  43.341  1.00 85.95 ? 145  THR A C   1 
ATOM   1132 O O   . THR A 1 151 ? 11.560  18.736  42.653  1.00 85.60 ? 145  THR A O   1 
ATOM   1133 C CB  . THR A 1 151 ? 7.981   18.136  43.189  1.00 86.48 ? 145  THR A CB  1 
ATOM   1134 O OG1 . THR A 1 151 ? 8.080   17.344  41.991  1.00 87.11 ? 145  THR A OG1 1 
ATOM   1135 C CG2 . THR A 1 151 ? 6.615   18.889  43.214  1.00 85.95 ? 145  THR A CG2 1 
HETATM 1136 C C5  . PAM B 2 .   ? 7.824   18.707  3.037   1.00 67.44 ? 1151 PAM A C5  1 
HETATM 1137 C C6  . PAM B 2 .   ? 6.451   18.941  2.390   1.00 68.84 ? 1151 PAM A C6  1 
HETATM 1138 C C7  . PAM B 2 .   ? 5.290   18.516  3.315   1.00 69.57 ? 1151 PAM A C7  1 
HETATM 1139 C C8  . PAM B 2 .   ? 3.885   18.550  2.676   1.00 68.95 ? 1151 PAM A C8  1 
HETATM 1140 C C9  . PAM B 2 .   ? 3.437   17.238  2.018   1.00 67.43 ? 1151 PAM A C9  1 
HETATM 1141 C C10 . PAM B 2 .   ? 2.177   16.619  2.649   1.00 65.80 ? 1151 PAM A C10 1 
HETATM 1142 C C11 . PAM B 2 .   ? 1.684   15.374  1.889   1.00 63.47 ? 1151 PAM A C11 1 
HETATM 1143 C C12 . PAM B 2 .   ? 0.577   14.620  2.633   1.00 61.13 ? 1151 PAM A C12 1 
HETATM 1144 C C13 . PAM B 2 .   ? 0.000   13.444  1.842   1.00 58.97 ? 1151 PAM A C13 1 
HETATM 1145 C C14 . PAM B 2 .   ? -1.268  12.907  2.506   1.00 58.56 ? 1151 PAM A C14 1 
HETATM 1146 C C15 . PAM B 2 .   ? -1.523  11.433  2.192   1.00 58.99 ? 1151 PAM A C15 1 
HETATM 1147 C C16 . PAM B 2 .   ? -3.000  11.110  2.003   1.00 57.74 ? 1151 PAM A C16 1 
HETATM 1148 C C1  . PLM C 3 .   ? 14.283  11.818  25.282  1.00 55.05 ? 1152 PLM A C1  1 
HETATM 1149 C C2  . PLM C 3 .   ? 13.816  13.205  24.904  1.00 56.20 ? 1152 PLM A C2  1 
HETATM 1150 C C3  . PLM C 3 .   ? 13.215  13.955  26.099  1.00 55.93 ? 1152 PLM A C3  1 
HETATM 1151 C C4  . PLM C 3 .   ? 13.913  15.291  26.353  1.00 54.86 ? 1152 PLM A C4  1 
HETATM 1152 C C5  . PLM C 3 .   ? 13.050  16.502  26.030  1.00 53.50 ? 1152 PLM A C5  1 
HETATM 1153 C C6  . PLM C 3 .   ? 13.972  17.636  25.602  1.00 54.20 ? 1152 PLM A C6  1 
HETATM 1154 C C7  . PLM C 3 .   ? 13.243  18.746  24.867  1.00 55.96 ? 1152 PLM A C7  1 
HETATM 1155 C C8  . PLM C 3 .   ? 13.837  19.011  23.488  1.00 58.54 ? 1152 PLM A C8  1 
HETATM 1156 C C9  . PLM C 3 .   ? 13.662  20.488  23.134  1.00 61.97 ? 1152 PLM A C9  1 
HETATM 1157 C CA  . PLM C 3 .   ? 13.040  20.711  21.749  1.00 64.38 ? 1152 PLM A CA  1 
HETATM 1158 C C1  . PLM D 3 .   ? 1.769   8.391   17.353  1.00 55.48 ? 1153 PLM A C1  1 
HETATM 1159 C C2  . PLM D 3 .   ? 1.704   9.906   17.355  1.00 55.87 ? 1153 PLM A C2  1 
HETATM 1160 C C3  . PLM D 3 .   ? 0.907   10.473  18.538  1.00 56.66 ? 1153 PLM A C3  1 
HETATM 1161 C C4  . PLM D 3 .   ? 0.536   11.949  18.311  1.00 57.63 ? 1153 PLM A C4  1 
HETATM 1162 C C5  . PLM D 3 .   ? -0.333  12.557  19.414  1.00 58.56 ? 1153 PLM A C5  1 
HETATM 1163 C C6  . PLM D 3 .   ? -0.530  14.062  19.214  1.00 61.33 ? 1153 PLM A C6  1 
HETATM 1164 C C7  . PLM D 3 .   ? -0.835  14.829  20.511  1.00 64.14 ? 1153 PLM A C7  1 
HETATM 1165 C C8  . PLM D 3 .   ? -0.206  16.234  20.571  1.00 66.36 ? 1153 PLM A C8  1 
HETATM 1166 C C9  . PLM D 3 .   ? -1.220  17.361  20.861  1.00 67.44 ? 1153 PLM A C9  1 
HETATM 1167 C CA  . PLM D 3 .   ? -0.557  18.747  20.954  1.00 66.99 ? 1153 PLM A CA  1 
HETATM 1168 C C1  . PLM E 3 .   ? 3.687   -9.563  -16.892 1.00 61.95 ? 1154 PLM A C1  1 
HETATM 1169 C C2  . PLM E 3 .   ? 3.938   -8.083  -17.136 1.00 62.39 ? 1154 PLM A C2  1 
HETATM 1170 C C3  . PLM E 3 .   ? 3.072   -7.188  -16.241 1.00 62.29 ? 1154 PLM A C3  1 
HETATM 1171 C C4  . PLM E 3 .   ? 3.190   -5.705  -16.610 1.00 61.60 ? 1154 PLM A C4  1 
HETATM 1172 C C5  . PLM E 3 .   ? 2.882   -4.775  -15.429 1.00 61.22 ? 1154 PLM A C5  1 
HETATM 1173 C C6  . PLM E 3 .   ? 2.679   -3.316  -15.857 1.00 60.84 ? 1154 PLM A C6  1 
HETATM 1174 C C7  . PLM E 3 .   ? 2.633   -2.335  -14.677 1.00 60.40 ? 1154 PLM A C7  1 
HETATM 1175 C C8  . PLM E 3 .   ? 3.433   -1.058  -14.951 1.00 58.56 ? 1154 PLM A C8  1 
HETATM 1176 C C1  . PLM F 3 .   ? -2.791  8.210   17.192  1.00 70.46 ? 1156 PLM A C1  1 
HETATM 1177 C C2  . PLM F 3 .   ? -3.862  9.268   17.001  1.00 69.17 ? 1156 PLM A C2  1 
HETATM 1178 C C3  . PLM F 3 .   ? -3.558  10.553  17.782  1.00 66.64 ? 1156 PLM A C3  1 
HETATM 1179 C C4  . PLM F 3 .   ? -4.055  11.777  17.007  1.00 65.54 ? 1156 PLM A C4  1 
HETATM 1180 C C5  . PLM F 3 .   ? -3.949  13.058  17.832  1.00 64.09 ? 1156 PLM A C5  1 
HETATM 1181 C C6  . PLM F 3 .   ? -4.775  14.199  17.257  1.00 62.52 ? 1156 PLM A C6  1 
HETATM 1182 C C7  . PLM F 3 .   ? -5.485  14.953  18.377  1.00 62.51 ? 1156 PLM A C7  1 
HETATM 1183 C C8  . PLM F 3 .   ? -5.792  16.390  17.951  1.00 63.19 ? 1156 PLM A C8  1 
HETATM 1184 C C9  . PLM F 3 .   ? -6.424  17.211  19.083  1.00 62.45 ? 1156 PLM A C9  1 
HETATM 1185 C CA  . PLM F 3 .   ? -5.948  18.665  19.068  1.00 61.98 ? 1156 PLM A CA  1 
HETATM 1186 C C1  . PLM G 3 .   ? 2.846   11.069  22.513  1.00 70.34 ? 1157 PLM A C1  1 
HETATM 1187 C C2  . PLM G 3 .   ? 2.099   12.342  22.853  1.00 71.40 ? 1157 PLM A C2  1 
HETATM 1188 C C3  . PLM G 3 .   ? 1.260   12.182  24.125  1.00 71.07 ? 1157 PLM A C3  1 
HETATM 1189 C C4  . PLM G 3 .   ? 0.354   13.402  24.334  1.00 71.02 ? 1157 PLM A C4  1 
HETATM 1190 C C5  . PLM G 3 .   ? 0.098   13.690  25.815  1.00 71.54 ? 1157 PLM A C5  1 
HETATM 1191 N N1  . GTS H 4 .   ? -12.012 -7.772  1.363   1.00 41.08 ? 203  GTS A N1  1 
HETATM 1192 C CA1 . GTS H 4 .   ? -11.021 -8.789  1.700   1.00 42.37 ? 203  GTS A CA1 1 
HETATM 1193 C C1  . GTS H 4 .   ? -11.640 -10.200 1.552   1.00 42.68 ? 203  GTS A C1  1 
HETATM 1194 O O11 . GTS H 4 .   ? -12.867 -10.339 1.233   1.00 41.60 ? 203  GTS A O11 1 
HETATM 1195 O O12 . GTS H 4 .   ? -10.897 -11.209 1.706   1.00 41.15 ? 203  GTS A O12 1 
HETATM 1196 C CB1 . GTS H 4 .   ? -10.406 -8.379  3.063   1.00 40.64 ? 203  GTS A CB1 1 
HETATM 1197 C CG1 . GTS H 4 .   ? -9.383  -9.314  3.719   1.00 40.53 ? 203  GTS A CG1 1 
HETATM 1198 C CD1 . GTS H 4 .   ? -8.299  -9.760  2.771   1.00 41.89 ? 203  GTS A CD1 1 
HETATM 1199 O OE1 . GTS H 4 .   ? -7.622  -8.914  2.191   1.00 42.68 ? 203  GTS A OE1 1 
HETATM 1200 N N2  . GTS H 4 .   ? -8.161  -11.088 2.624   1.00 41.98 ? 203  GTS A N2  1 
HETATM 1201 C CA2 . GTS H 4 .   ? -7.122  -11.752 1.831   1.00 42.40 ? 203  GTS A CA2 1 
HETATM 1202 C C2  . GTS H 4 .   ? -7.541  -12.108 0.422   1.00 43.53 ? 203  GTS A C2  1 
HETATM 1203 O O2  . GTS H 4 .   ? -6.705  -12.341 -0.463  1.00 43.83 ? 203  GTS A O2  1 
HETATM 1204 C CB2 . GTS H 4 .   ? -6.567  -12.980 2.568   1.00 42.14 ? 203  GTS A CB2 1 
HETATM 1205 S SG2 . GTS H 4 .   ? -7.621  -14.252 2.908   1.00 41.52 ? 203  GTS A SG2 1 
HETATM 1206 O O1S . GTS H 4 .   ? -8.751  -13.899 3.803   1.00 40.90 ? 203  GTS A O1S 1 
HETATM 1207 O O2S . GTS H 4 .   ? -8.190  -14.790 1.644   1.00 42.72 ? 203  GTS A O2S 1 
HETATM 1208 O O3S . GTS H 4 .   ? -6.793  -15.255 3.596   1.00 42.36 ? 203  GTS A O3S 1 
HETATM 1209 N N3  . GTS H 4 .   ? -8.856  -12.127 0.217   1.00 43.56 ? 203  GTS A N3  1 
HETATM 1210 C CA3 . GTS H 4 .   ? -9.424  -12.601 -1.024  1.00 46.69 ? 203  GTS A CA3 1 
HETATM 1211 C C3  . GTS H 4 .   ? -10.234 -11.568 -1.783  1.00 48.46 ? 203  GTS A C3  1 
HETATM 1212 O O31 . GTS H 4 .   ? -10.264 -10.374 -1.384  1.00 48.14 ? 203  GTS A O31 1 
HETATM 1213 O O32 . GTS H 4 .   ? -10.855 -11.971 -2.804  1.00 49.83 ? 203  GTS A O32 1 
HETATM 1214 C C8  . PLM I 3 .   ? -2.935  -13.591 8.249   1.00 88.36 ? 151  PLM A C8  1 
HETATM 1215 C C9  . PLM I 3 .   ? -2.332  -13.172 6.902   1.00 87.48 ? 151  PLM A C9  1 
HETATM 1216 C CA  . PLM I 3 .   ? -1.841  -11.721 6.880   1.00 84.99 ? 151  PLM A CA  1 
HETATM 1217 C CB  . PLM I 3 .   ? -1.978  -11.080 5.497   1.00 83.13 ? 151  PLM A CB  1 
HETATM 1218 C CC  . PLM I 3 .   ? -3.097  -10.039 5.392   1.00 82.35 ? 151  PLM A CC  1 
HETATM 1219 C CD  . PLM I 3 .   ? -2.725  -8.682  6.000   1.00 82.28 ? 151  PLM A CD  1 
HETATM 1220 C CE  . PLM I 3 .   ? -3.394  -7.476  5.327   1.00 81.80 ? 151  PLM A CE  1 
HETATM 1221 C CF  . PLM I 3 .   ? -2.452  -6.258  5.347   1.00 82.45 ? 151  PLM A CF  1 
HETATM 1222 C CG  . PLM I 3 .   ? -2.698  -5.324  6.543   1.00 80.55 ? 151  PLM A CG  1 
HETATM 1223 O O   . HOH J 5 .   ? -5.274  -4.637  -22.861 1.00 52.94 ? 2011 HOH A O   1 
HETATM 1224 O O   . HOH J 5 .   ? -2.270  -4.768  -21.842 1.00 66.15 ? 2014 HOH A O   1 
HETATM 1225 O O   . HOH J 5 .   ? -21.619 -17.270 -23.397 1.00 46.24 ? 2015 HOH A O   1 
HETATM 1226 O O   . HOH J 5 .   ? -18.750 -22.093 -10.460 1.00 62.83 ? 2018 HOH A O   1 
HETATM 1227 O O   . HOH J 5 .   ? -10.392 1.990   -2.707  0.33 13.32 ? 2022 HOH A O   1 
HETATM 1228 O O   . HOH J 5 .   ? -15.968 -4.898  -3.046  0.33 12.19 ? 2023 HOH A O   1 
HETATM 1229 O O   . HOH J 5 .   ? -1.557  -2.080  -5.628  1.00 35.55 ? 2025 HOH A O   1 
HETATM 1230 O O   . HOH J 5 .   ? -0.439  -8.683  -20.069 1.00 64.22 ? 2026 HOH A O   1 
HETATM 1231 O O   . HOH J 5 .   ? -9.525  1.427   -10.822 1.00 80.75 ? 2027 HOH A O   1 
HETATM 1232 O O   . HOH J 5 .   ? 17.612  8.385   -0.369  1.00 70.31 ? 2028 HOH A O   1 
HETATM 1233 O O   . HOH J 5 .   ? -7.937  -4.687  -21.832 1.00 42.97 ? 2029 HOH A O   1 
HETATM 1234 O O   . HOH J 5 .   ? -4.404  -5.814  -20.675 1.00 58.18 ? 2030 HOH A O   1 
HETATM 1235 O O   . HOH J 5 .   ? -6.596  -10.824 -17.503 1.00 58.75 ? 2031 HOH A O   1 
HETATM 1236 O O   . HOH J 5 .   ? -4.584  -11.967 -15.884 1.00 35.83 ? 2032 HOH A O   1 
HETATM 1237 O O   . HOH J 5 .   ? -10.660 -10.734 -24.487 1.00 78.96 ? 2034 HOH A O   1 
HETATM 1238 O O   . HOH J 5 .   ? -9.296  -8.717  -24.746 1.00 67.02 ? 2035 HOH A O   1 
HETATM 1239 O O   . HOH J 5 .   ? -10.271 -6.403  -24.091 1.00 58.70 ? 2037 HOH A O   1 
HETATM 1240 O O   . HOH J 5 .   ? 2.768   -19.668 -4.082  1.00 57.43 ? 2038 HOH A O   1 
HETATM 1241 O O   . HOH J 5 .   ? 1.689   -20.407 0.771   1.00 60.95 ? 2039 HOH A O   1 
HETATM 1242 O O   . HOH J 5 .   ? -20.073 -15.900 -18.195 1.00 57.56 ? 2040 HOH A O   1 
HETATM 1243 O O   . HOH J 5 .   ? -22.713 -13.595 -18.587 1.00 64.46 ? 2041 HOH A O   1 
HETATM 1244 O O   . HOH J 5 .   ? -16.576 -19.379 -25.951 0.33 39.49 ? 2042 HOH A O   1 
HETATM 1245 O O   . HOH J 5 .   ? -21.972 -15.852 -20.775 1.00 70.03 ? 2043 HOH A O   1 
HETATM 1246 O O   . HOH J 5 .   ? -15.640 -15.830 -25.210 1.00 64.69 ? 2044 HOH A O   1 
HETATM 1247 O O   . HOH J 5 .   ? -25.450 -9.003  -17.729 1.00 75.11 ? 2046 HOH A O   1 
HETATM 1248 O O   . HOH J 5 .   ? -24.060 -11.882 -17.247 1.00 69.33 ? 2047 HOH A O   1 
HETATM 1249 O O   . HOH J 5 .   ? -26.615 -7.234  -19.071 1.00 45.98 ? 2051 HOH A O   1 
HETATM 1250 O O   . HOH J 5 .   ? -17.399 -11.864 -7.855  1.00 55.07 ? 2053 HOH A O   1 
HETATM 1251 O O   . HOH J 5 .   ? -21.794 -14.834 -15.732 1.00 42.04 ? 2054 HOH A O   1 
HETATM 1252 O O   . HOH J 5 .   ? -23.312 -15.442 -13.455 1.00 58.38 ? 2055 HOH A O   1 
HETATM 1253 O O   . HOH J 5 .   ? -17.312 -19.463 -10.299 1.00 77.29 ? 2056 HOH A O   1 
HETATM 1254 O O   . HOH J 5 .   ? 4.481   18.888  19.376  1.00 62.53 ? 2057 HOH A O   1 
HETATM 1255 O O   . HOH J 5 .   ? -11.851 -22.004 -12.420 1.00 59.44 ? 2062 HOH A O   1 
HETATM 1256 O O   . HOH J 5 .   ? -9.221  -22.238 -13.758 1.00 52.20 ? 2063 HOH A O   1 
HETATM 1257 O O   . HOH J 5 .   ? -11.757 -2.248  -3.949  1.00 43.87 ? 2065 HOH A O   1 
HETATM 1258 O O   . HOH J 5 .   ? -8.280  2.299   -5.609  1.00 30.75 ? 2066 HOH A O   1 
HETATM 1259 O O   . HOH J 5 .   ? -8.121  0.992   -8.271  1.00 37.32 ? 2067 HOH A O   1 
HETATM 1260 O O   . HOH J 5 .   ? -11.594 0.481   -3.995  1.00 56.13 ? 2068 HOH A O   1 
HETATM 1261 O O   . HOH J 5 .   ? -13.584 -6.538  -1.135  1.00 47.84 ? 2069 HOH A O   1 
HETATM 1262 O O   . HOH J 5 .   ? -13.519 -3.202  -1.587  1.00 40.43 ? 2070 HOH A O   1 
HETATM 1263 O O   . HOH J 5 .   ? 9.930   12.951  12.438  1.00 61.36 ? 2072 HOH A O   1 
HETATM 1264 O O   . HOH J 5 .   ? 19.966  9.856   4.647   1.00 62.00 ? 2073 HOH A O   1 
HETATM 1265 O O   . HOH J 5 .   ? 14.459  11.779  3.029   1.00 50.50 ? 2074 HOH A O   1 
HETATM 1266 O O   . HOH J 5 .   ? 13.002  13.110  -3.879  1.00 53.27 ? 2075 HOH A O   1 
HETATM 1267 O O   . HOH J 5 .   ? 15.970  9.858   1.230   1.00 49.35 ? 2076 HOH A O   1 
HETATM 1268 O O   . HOH J 5 .   ? 8.303   -7.784  -3.546  1.00 63.00 ? 2079 HOH A O   1 
HETATM 1269 O O   . HOH J 5 .   ? -2.479  -2.061  -3.300  1.00 31.68 ? 2080 HOH A O   1 
HETATM 1270 O O   . HOH J 5 .   ? 2.790   -14.840 -8.702  1.00 46.26 ? 2082 HOH A O   1 
HETATM 1271 O O   . HOH J 5 .   ? 5.784   -14.403 -3.594  1.00 48.49 ? 2083 HOH A O   1 
HETATM 1272 O O   . HOH J 5 .   ? -1.928  -15.022 -13.801 1.00 50.88 ? 2084 HOH A O   1 
HETATM 1273 O O   . HOH J 5 .   ? 6.122   -11.347 -11.714 1.00 72.11 ? 2085 HOH A O   1 
HETATM 1274 O O   . HOH J 5 .   ? -8.148  -16.515 -14.376 1.00 64.27 ? 2087 HOH A O   1 
HETATM 1275 O O   . HOH J 5 .   ? -1.808  -23.422 -7.404  0.50 14.88 ? 2090 HOH A O   1 
HETATM 1276 O O   . HOH J 5 .   ? 1.729   -23.055 -4.385  1.00 63.83 ? 2091 HOH A O   1 
HETATM 1277 O O   . HOH J 5 .   ? 0.885   -19.550 -2.375  1.00 39.84 ? 2092 HOH A O   1 
HETATM 1278 O O   . HOH J 5 .   ? 1.977   -17.390 -6.074  1.00 58.50 ? 2093 HOH A O   1 
HETATM 1279 O O   . HOH J 5 .   ? -1.426  -6.038  1.426   1.00 46.56 ? 2097 HOH A O   1 
HETATM 1280 O O   . HOH J 5 .   ? 5.391   -14.890 1.548   1.00 59.97 ? 2098 HOH A O   1 
HETATM 1281 O O   . HOH J 5 .   ? 8.968   17.583  20.052  1.00 59.12 ? 2102 HOH A O   1 
HETATM 1282 O O   . HOH J 5 .   ? 3.918   16.841  21.545  1.00 43.35 ? 2104 HOH A O   1 
HETATM 1283 O O   . HOH J 5 .   ? 7.087   21.192  25.294  1.00 75.47 ? 2105 HOH A O   1 
HETATM 1284 O O   . HOH J 5 .   ? 3.733   16.738  34.664  1.00 77.96 ? 2109 HOH A O   1 
# 
loop_
_pdbx_poly_seq_scheme.asym_id 
_pdbx_poly_seq_scheme.entity_id 
_pdbx_poly_seq_scheme.seq_id 
_pdbx_poly_seq_scheme.mon_id 
_pdbx_poly_seq_scheme.ndb_seq_num 
_pdbx_poly_seq_scheme.pdb_seq_num 
_pdbx_poly_seq_scheme.auth_seq_num 
_pdbx_poly_seq_scheme.pdb_mon_id 
_pdbx_poly_seq_scheme.auth_mon_id 
_pdbx_poly_seq_scheme.pdb_strand_id 
_pdbx_poly_seq_scheme.pdb_ins_code 
_pdbx_poly_seq_scheme.hetero 
A 1 1   MET 1   -5  ?   ?   ?   A . n 
A 1 2   HIS 2   -4  ?   ?   ?   A . n 
A 1 3   HIS 3   -3  ?   ?   ?   A . n 
A 1 4   HIS 4   -2  ?   ?   ?   A . n 
A 1 5   HIS 5   -1  ?   ?   ?   A . n 
A 1 6   HIS 6   0   ?   ?   ?   A . n 
A 1 7   HIS 7   1   1   HIS HIS A . n 
A 1 8   LYS 8   2   2   LYS LYS A . n 
A 1 9   ASP 9   3   3   ASP ASP A . n 
A 1 10  GLU 10  4   4   GLU GLU A . n 
A 1 11  VAL 11  5   5   VAL VAL A . n 
A 1 12  ALA 12  6   6   ALA ALA A . n 
A 1 13  LEU 13  7   7   LEU LEU A . n 
A 1 14  LEU 14  8   8   LEU LEU A . n 
A 1 15  ALA 15  9   9   ALA ALA A . n 
A 1 16  ALA 16  10  10  ALA ALA A . n 
A 1 17  VAL 17  11  11  VAL VAL A . n 
A 1 18  THR 18  12  12  THR THR A . n 
A 1 19  LEU 19  13  13  LEU LEU A . n 
A 1 20  LEU 20  14  14  LEU LEU A . n 
A 1 21  GLY 21  15  15  GLY GLY A . n 
A 1 22  VAL 22  16  16  VAL VAL A . n 
A 1 23  LEU 23  17  17  LEU LEU A . n 
A 1 24  LEU 24  18  18  LEU LEU A . n 
A 1 25  GLN 25  19  19  GLN GLN A . n 
A 1 26  ALA 26  20  20  ALA ALA A . n 
A 1 27  TYR 27  21  21  TYR TYR A . n 
A 1 28  PHE 28  22  22  PHE PHE A . n 
A 1 29  SER 29  23  23  SER SER A . n 
A 1 30  LEU 30  24  24  LEU LEU A . n 
A 1 31  GLN 31  25  25  GLN GLN A . n 
A 1 32  VAL 32  26  26  VAL VAL A . n 
A 1 33  ILE 33  27  27  ILE ILE A . n 
A 1 34  SER 34  28  28  SER SER A . n 
A 1 35  ALA 35  29  29  ALA ALA A . n 
A 1 36  ARG 36  30  30  ARG ARG A . n 
A 1 37  ARG 37  31  31  ARG ARG A . n 
A 1 38  ALA 38  32  32  ALA ALA A . n 
A 1 39  PHE 39  33  33  PHE PHE A . n 
A 1 40  ARG 40  34  34  ARG ARG A . n 
A 1 41  VAL 41  35  35  VAL VAL A . n 
A 1 42  SER 42  36  36  SER SER A . n 
A 1 43  PRO 43  37  37  PRO PRO A . n 
A 1 44  PRO 44  38  38  PRO PRO A . n 
A 1 45  LEU 45  39  39  LEU LEU A . n 
A 1 46  THR 46  40  40  THR THR A . n 
A 1 47  THR 47  41  41  THR THR A . n 
A 1 48  GLY 48  42  42  GLY GLY A . n 
A 1 49  PRO 49  43  43  PRO PRO A . n 
A 1 50  PRO 50  44  44  PRO PRO A . n 
A 1 51  GLU 51  45  45  GLU GLU A . n 
A 1 52  PHE 52  46  46  PHE PHE A . n 
A 1 53  GLU 53  47  47  GLU GLU A . n 
A 1 54  ARG 54  48  48  ARG ARG A . n 
A 1 55  VAL 55  49  49  VAL VAL A . n 
A 1 56  TYR 56  50  50  TYR TYR A . n 
A 1 57  ARG 57  51  51  ARG ARG A . n 
A 1 58  ALA 58  52  52  ALA ALA A . n 
A 1 59  GLN 59  53  53  GLN GLN A . n 
A 1 60  VAL 60  54  54  VAL VAL A . n 
A 1 61  ASN 61  55  55  ASN ASN A . n 
A 1 62  CYS 62  56  56  CYS CYS A . n 
A 1 63  SER 63  57  57  SER SER A . n 
A 1 64  GLU 64  58  58  GLU GLU A . n 
A 1 65  TYR 65  59  59  TYR TYR A . n 
A 1 66  PHE 66  60  60  PHE PHE A . n 
A 1 67  PRO 67  61  61  PRO PRO A . n 
A 1 68  LEU 68  62  62  LEU LEU A . n 
A 1 69  PHE 69  63  63  PHE PHE A . n 
A 1 70  LEU 70  64  64  LEU LEU A . n 
A 1 71  ALA 71  65  65  ALA ALA A . n 
A 1 72  THR 72  66  66  THR THR A . n 
A 1 73  LEU 73  67  67  LEU LEU A . n 
A 1 74  TRP 74  68  68  TRP TRP A . n 
A 1 75  VAL 75  69  69  VAL VAL A . n 
A 1 76  ALA 76  70  70  ALA ALA A . n 
A 1 77  GLY 77  71  71  GLY GLY A . n 
A 1 78  ILE 78  72  72  ILE ILE A . n 
A 1 79  PHE 79  73  73  PHE PHE A . n 
A 1 80  PHE 80  74  74  PHE PHE A . n 
A 1 81  HIS 81  75  75  HIS HIS A . n 
A 1 82  GLU 82  76  76  GLU GLU A . n 
A 1 83  GLY 83  77  77  GLY GLY A . n 
A 1 84  ALA 84  78  78  ALA ALA A . n 
A 1 85  ALA 85  79  79  ALA ALA A . n 
A 1 86  ALA 86  80  80  ALA ALA A . n 
A 1 87  LEU 87  81  81  LEU LEU A . n 
A 1 88  CYS 88  82  82  CYS CYS A . n 
A 1 89  GLY 89  83  83  GLY GLY A . n 
A 1 90  LEU 90  84  84  LEU LEU A . n 
A 1 91  VAL 91  85  85  VAL VAL A . n 
A 1 92  TYR 92  86  86  TYR TYR A . n 
A 1 93  LEU 93  87  87  LEU LEU A . n 
A 1 94  PHE 94  88  88  PHE PHE A . n 
A 1 95  ALA 95  89  89  ALA ALA A . n 
A 1 96  ARG 96  90  90  ARG ARG A . n 
A 1 97  LEU 97  91  91  LEU LEU A . n 
A 1 98  ARG 98  92  92  ARG ARG A . n 
A 1 99  TYR 99  93  93  TYR TYR A . n 
A 1 100 PHE 100 94  94  PHE PHE A . n 
A 1 101 GLN 101 95  95  GLN GLN A . n 
A 1 102 GLY 102 96  96  GLY GLY A . n 
A 1 103 TYR 103 97  97  TYR TYR A . n 
A 1 104 ALA 104 98  98  ALA ALA A . n 
A 1 105 ARG 105 99  99  ARG ARG A . n 
A 1 106 SER 106 100 100 SER SER A . n 
A 1 107 ALA 107 101 101 ALA ALA A . n 
A 1 108 GLN 108 102 102 GLN GLN A . n 
A 1 109 LEU 109 103 103 LEU LEU A . n 
A 1 110 ARG 110 104 104 ARG ARG A . n 
A 1 111 LEU 111 105 105 LEU LEU A . n 
A 1 112 ALA 112 106 106 ALA ALA A . n 
A 1 113 PRO 113 107 107 PRO PRO A . n 
A 1 114 LEU 114 108 108 LEU LEU A . n 
A 1 115 TYR 115 109 109 TYR TYR A . n 
A 1 116 ALA 116 110 110 ALA ALA A . n 
A 1 117 SER 117 111 111 SER SER A . n 
A 1 118 ALA 118 112 112 ALA ALA A . n 
A 1 119 ARG 119 113 113 ARG ARG A . n 
A 1 120 ALA 120 114 114 ALA ALA A . n 
A 1 121 LEU 121 115 115 LEU LEU A . n 
A 1 122 TRP 122 116 116 TRP TRP A . n 
A 1 123 LEU 123 117 117 LEU LEU A . n 
A 1 124 LEU 124 118 118 LEU LEU A . n 
A 1 125 VAL 125 119 119 VAL VAL A . n 
A 1 126 ALA 126 120 120 ALA ALA A . n 
A 1 127 LEU 127 121 121 LEU LEU A . n 
A 1 128 ALA 128 122 122 ALA ALA A . n 
A 1 129 ALA 129 123 123 ALA ALA A . n 
A 1 130 LEU 130 124 124 LEU LEU A . n 
A 1 131 GLY 131 125 125 GLY GLY A . n 
A 1 132 LEU 132 126 126 LEU LEU A . n 
A 1 133 LEU 133 127 127 LEU LEU A . n 
A 1 134 ALA 134 128 128 ALA ALA A . n 
A 1 135 HIS 135 129 129 HIS HIS A . n 
A 1 136 PHE 136 130 130 PHE PHE A . n 
A 1 137 LEU 137 131 131 LEU LEU A . n 
A 1 138 PRO 138 132 132 PRO PRO A . n 
A 1 139 ALA 139 133 133 ALA ALA A . n 
A 1 140 ALA 140 134 134 ALA ALA A . n 
A 1 141 LEU 141 135 135 LEU LEU A . n 
A 1 142 ARG 142 136 136 ARG ARG A . n 
A 1 143 ALA 143 137 137 ALA ALA A . n 
A 1 144 ALA 144 138 138 ALA ALA A . n 
A 1 145 LEU 145 139 139 LEU LEU A . n 
A 1 146 LEU 146 140 140 LEU LEU A . n 
A 1 147 GLY 147 141 141 GLY GLY A . n 
A 1 148 ARG 148 142 142 ARG ARG A . n 
A 1 149 LEU 149 143 143 LEU LEU A . n 
A 1 150 ARG 150 144 144 ARG ARG A . n 
A 1 151 THR 151 145 145 THR THR A . n 
A 1 152 LEU 152 146 ?   ?   ?   A . n 
A 1 153 LEU 153 147 ?   ?   ?   A . n 
A 1 154 PRO 154 148 ?   ?   ?   A . n 
A 1 155 TRP 155 149 ?   ?   ?   A . n 
A 1 156 ALA 156 150 ?   ?   ?   A . n 
# 
loop_
_pdbx_nonpoly_scheme.asym_id 
_pdbx_nonpoly_scheme.entity_id 
_pdbx_nonpoly_scheme.mon_id 
_pdbx_nonpoly_scheme.ndb_seq_num 
_pdbx_nonpoly_scheme.pdb_seq_num 
_pdbx_nonpoly_scheme.auth_seq_num 
_pdbx_nonpoly_scheme.pdb_mon_id 
_pdbx_nonpoly_scheme.auth_mon_id 
_pdbx_nonpoly_scheme.pdb_strand_id 
_pdbx_nonpoly_scheme.pdb_ins_code 
B 2 PAM 1  1151 1151 PAM PAM A . 
C 3 PLM 1  1152 1152 PLM PLM A . 
D 3 PLM 1  1153 1153 PLM PLM A . 
E 3 PLM 1  1154 1154 PLM PLM A . 
F 3 PLM 1  1156 1156 PLM PLM A . 
G 3 PLM 1  1157 1157 PLM PLM A . 
H 4 GTS 1  203  203  GTS GTS A . 
I 3 PLM 1  151  1151 PLM PLM A . 
J 5 HOH 1  2011 2011 HOH HOH A . 
J 5 HOH 2  2014 2014 HOH HOH A . 
J 5 HOH 3  2015 2015 HOH HOH A . 
J 5 HOH 4  2018 2018 HOH HOH A . 
J 5 HOH 5  2022 2022 HOH HOH A . 
J 5 HOH 6  2023 2023 HOH HOH A . 
J 5 HOH 7  2025 2025 HOH HOH A . 
J 5 HOH 8  2026 2026 HOH HOH A . 
J 5 HOH 9  2027 2027 HOH HOH A . 
J 5 HOH 10 2028 2028 HOH HOH A . 
J 5 HOH 11 2029 2029 HOH HOH A . 
J 5 HOH 12 2030 2030 HOH HOH A . 
J 5 HOH 13 2031 2031 HOH HOH A . 
J 5 HOH 14 2032 2032 HOH HOH A . 
J 5 HOH 15 2034 2034 HOH HOH A . 
J 5 HOH 16 2035 2035 HOH HOH A . 
J 5 HOH 17 2037 2037 HOH HOH A . 
J 5 HOH 18 2038 2038 HOH HOH A . 
J 5 HOH 19 2039 2039 HOH HOH A . 
J 5 HOH 20 2040 2040 HOH HOH A . 
J 5 HOH 21 2041 2041 HOH HOH A . 
J 5 HOH 22 2042 2042 HOH HOH A . 
J 5 HOH 23 2043 2043 HOH HOH A . 
J 5 HOH 24 2044 2044 HOH HOH A . 
J 5 HOH 25 2046 2046 HOH HOH A . 
J 5 HOH 26 2047 2047 HOH HOH A . 
J 5 HOH 27 2051 2051 HOH HOH A . 
J 5 HOH 28 2053 2053 HOH HOH A . 
J 5 HOH 29 2054 2054 HOH HOH A . 
J 5 HOH 30 2055 2055 HOH HOH A . 
J 5 HOH 31 2056 2056 HOH HOH A . 
J 5 HOH 32 2057 2057 HOH HOH A . 
J 5 HOH 33 2062 2062 HOH HOH A . 
J 5 HOH 34 2063 2063 HOH HOH A . 
J 5 HOH 35 2065 2065 HOH HOH A . 
J 5 HOH 36 2066 2066 HOH HOH A . 
J 5 HOH 37 2067 2067 HOH HOH A . 
J 5 HOH 38 2068 2068 HOH HOH A . 
J 5 HOH 39 2069 2069 HOH HOH A . 
J 5 HOH 40 2070 2070 HOH HOH A . 
J 5 HOH 41 2072 2072 HOH HOH A . 
J 5 HOH 42 2073 2073 HOH HOH A . 
J 5 HOH 43 2074 2074 HOH HOH A . 
J 5 HOH 44 2075 2075 HOH HOH A . 
J 5 HOH 45 2076 2076 HOH HOH A . 
J 5 HOH 46 2079 2079 HOH HOH A . 
J 5 HOH 47 2080 2080 HOH HOH A . 
J 5 HOH 48 2082 2082 HOH HOH A . 
J 5 HOH 49 2083 2083 HOH HOH A . 
J 5 HOH 50 2084 2084 HOH HOH A . 
J 5 HOH 51 2085 2085 HOH HOH A . 
J 5 HOH 52 2087 2087 HOH HOH A . 
J 5 HOH 53 2090 2090 HOH HOH A . 
J 5 HOH 54 2091 2091 HOH HOH A . 
J 5 HOH 55 2092 2092 HOH HOH A . 
J 5 HOH 56 2093 2093 HOH HOH A . 
J 5 HOH 57 2097 2097 HOH HOH A . 
J 5 HOH 58 2098 2098 HOH HOH A . 
J 5 HOH 59 2102 2102 HOH HOH A . 
J 5 HOH 60 2104 2104 HOH HOH A . 
J 5 HOH 61 2105 2105 HOH HOH A . 
J 5 HOH 62 2109 2109 HOH HOH A . 
# 
_pdbx_struct_assembly.id                   1 
_pdbx_struct_assembly.details              author_and_software_defined_assembly 
_pdbx_struct_assembly.method_details       PISA 
_pdbx_struct_assembly.oligomeric_details   trimeric 
_pdbx_struct_assembly.oligomeric_count     3 
# 
_pdbx_struct_assembly_gen.assembly_id       1 
_pdbx_struct_assembly_gen.oper_expression   1,2,3 
_pdbx_struct_assembly_gen.asym_id_list      A,B,C,D,E,F,G,H,I,J 
# 
loop_
_pdbx_struct_assembly_prop.biol_id 
_pdbx_struct_assembly_prop.type 
_pdbx_struct_assembly_prop.value 
_pdbx_struct_assembly_prop.details 
1 'ABSA (A^2)' 15790 ? 
1 MORE         -20   ? 
1 'SSA (A^2)'  19750 ? 
# 
loop_
_pdbx_struct_oper_list.id 
_pdbx_struct_oper_list.type 
_pdbx_struct_oper_list.name 
_pdbx_struct_oper_list.symmetry_operation 
_pdbx_struct_oper_list.matrix[1][1] 
_pdbx_struct_oper_list.matrix[1][2] 
_pdbx_struct_oper_list.matrix[1][3] 
_pdbx_struct_oper_list.vector[1] 
_pdbx_struct_oper_list.matrix[2][1] 
_pdbx_struct_oper_list.matrix[2][2] 
_pdbx_struct_oper_list.matrix[2][3] 
_pdbx_struct_oper_list.vector[2] 
_pdbx_struct_oper_list.matrix[3][1] 
_pdbx_struct_oper_list.matrix[3][2] 
_pdbx_struct_oper_list.matrix[3][3] 
_pdbx_struct_oper_list.vector[3] 
1 'identity operation'         1_555  x,y,z           1.0000000000 0.0000000000 0.0000000000  0.0000000000   0.0000000000 1.0000000000 0.0000000000  0.0000000000  0.0000000000  0.0000000000  1.0000000000  0.0000000000   
2 'crystal symmetry operation' 18_555 z,-x+1/2,-y+1/2 0.0923551069 0.8517192581 -0.5157953467 -13.5764484862 0.5859586679 0.3723305475 0.7197377321  9.9687113570  0.8050608510  -0.3687062094 -0.4646856543 6.0579671428   
3 'crystal symmetry operation' 48_555 -y+1/2,-z+1/2,x 0.0923551069 0.5859586679 0.8050608510  -9.4644306591  0.8517192581 0.3723305475 -0.3687062094 10.0852769770 -0.5157953467 0.7197377321  -0.4646856543 -11.3624762318  
# 
_pdbx_struct_special_symmetry.id              1 
_pdbx_struct_special_symmetry.PDB_model_num   1 
_pdbx_struct_special_symmetry.auth_asym_id    A 
_pdbx_struct_special_symmetry.auth_comp_id    HOH 
_pdbx_struct_special_symmetry.auth_seq_id     2042 
_pdbx_struct_special_symmetry.PDB_ins_code    ? 
_pdbx_struct_special_symmetry.label_asym_id   J 
_pdbx_struct_special_symmetry.label_comp_id   HOH 
_pdbx_struct_special_symmetry.label_seq_id    . 
# 
loop_
_pdbx_audit_revision_history.ordinal 
_pdbx_audit_revision_history.data_content_type 
_pdbx_audit_revision_history.major_revision 
_pdbx_audit_revision_history.minor_revision 
_pdbx_audit_revision_history.revision_date 
1 'Structure model' 1 0 2010-05-26 
2 'Structure model' 1 1 2011-07-13 
3 'Structure model' 1 2 2023-11-01 
# 
_pdbx_audit_revision_details.ordinal             1 
_pdbx_audit_revision_details.revision_ordinal    1 
_pdbx_audit_revision_details.data_content_type   'Structure model' 
_pdbx_audit_revision_details.provider            repository 
_pdbx_audit_revision_details.type                'Initial release' 
_pdbx_audit_revision_details.description         ? 
_pdbx_audit_revision_details.details             ? 
# 
loop_
_pdbx_audit_revision_group.ordinal 
_pdbx_audit_revision_group.revision_ordinal 
_pdbx_audit_revision_group.data_content_type 
_pdbx_audit_revision_group.group 
1 2 'Structure model' 'Version format compliance' 
2 3 'Structure model' 'Data collection'           
3 3 'Structure model' 'Database references'       
4 3 'Structure model' 'Derived calculations'      
5 3 'Structure model' 'Refinement description'    
# 
loop_
_pdbx_audit_revision_category.ordinal 
_pdbx_audit_revision_category.revision_ordinal 
_pdbx_audit_revision_category.data_content_type 
_pdbx_audit_revision_category.category 
1 3 'Structure model' chem_comp_atom                
2 3 'Structure model' chem_comp_bond                
3 3 'Structure model' database_2                    
4 3 'Structure model' pdbx_initial_refinement_model 
5 3 'Structure model' struct_ref_seq_dif            
6 3 'Structure model' struct_site                   
# 
loop_
_pdbx_audit_revision_item.ordinal 
_pdbx_audit_revision_item.revision_ordinal 
_pdbx_audit_revision_item.data_content_type 
_pdbx_audit_revision_item.item 
1 3 'Structure model' '_database_2.pdbx_DOI'                
2 3 'Structure model' '_database_2.pdbx_database_accession' 
3 3 'Structure model' '_struct_ref_seq_dif.details'         
4 3 'Structure model' '_struct_site.pdbx_auth_asym_id'      
5 3 'Structure model' '_struct_site.pdbx_auth_comp_id'      
6 3 'Structure model' '_struct_site.pdbx_auth_seq_id'       
# 
loop_
_software.pdbx_ordinal 
_software.name 
_software.version 
_software.date 
_software.type 
_software.contact_author 
_software.contact_author_email 
_software.classification 
_software.location 
_software.language 
_software.citation_id 
1 SCALA       3.2.25 21/9/2006       other   'Phil R. Evans'      pre@mrc-lmb.cam.ac.uk 'data scaling'    
http://www.ccp4.ac.uk/dist/html/scala.html   Fortran_77 ? 
2 REFMAC      .      ?               program 'Garib N. Murshudov' garib@ysbl.york.ac.uk refinement        
http://www.ccp4.ac.uk/dist/html/refmac5.html Fortran_77 ? 
3 PDB_EXTRACT 3.005  'June 11, 2008' package PDB                  help@deposit.rcsb.org 'data extraction' 
http://sw-tools.pdb.org/apps/PDB_EXTRACT/    C++        ? 
4 PXSOFT      .      ?               ?       ?                    ?                     'data collection' ? ?          ? 
5 XSCALE      .      ?               ?       ?                    ?                     'data scaling'    ? ?          ? 
# 
loop_
_pdbx_validate_torsion.id 
_pdbx_validate_torsion.PDB_model_num 
_pdbx_validate_torsion.auth_comp_id 
_pdbx_validate_torsion.auth_asym_id 
_pdbx_validate_torsion.auth_seq_id 
_pdbx_validate_torsion.PDB_ins_code 
_pdbx_validate_torsion.label_alt_id 
_pdbx_validate_torsion.phi 
_pdbx_validate_torsion.psi 
1 1 PRO A 38 ? ? -54.37  -119.61 
2 1 LEU A 39 ? ? 66.41   110.86  
3 1 PHE A 74 ? ? -112.83 -75.62  
4 1 HIS A 75 ? ? -173.71 121.38  
# 
loop_
_pdbx_unobs_or_zero_occ_atoms.id 
_pdbx_unobs_or_zero_occ_atoms.PDB_model_num 
_pdbx_unobs_or_zero_occ_atoms.polymer_flag 
_pdbx_unobs_or_zero_occ_atoms.occupancy_flag 
_pdbx_unobs_or_zero_occ_atoms.auth_asym_id 
_pdbx_unobs_or_zero_occ_atoms.auth_comp_id 
_pdbx_unobs_or_zero_occ_atoms.auth_seq_id 
_pdbx_unobs_or_zero_occ_atoms.PDB_ins_code 
_pdbx_unobs_or_zero_occ_atoms.auth_atom_id 
_pdbx_unobs_or_zero_occ_atoms.label_alt_id 
_pdbx_unobs_or_zero_occ_atoms.label_asym_id 
_pdbx_unobs_or_zero_occ_atoms.label_comp_id 
_pdbx_unobs_or_zero_occ_atoms.label_seq_id 
_pdbx_unobs_or_zero_occ_atoms.label_atom_id 
1  1 N 1 A PAM 1151 ? C1 ? B PAM 1 C1 
2  1 N 1 A PAM 1151 ? O1 ? B PAM 1 O1 
3  1 N 1 A PAM 1151 ? O2 ? B PAM 1 O2 
4  1 N 1 A PAM 1151 ? C2 ? B PAM 1 C2 
5  1 N 1 A PAM 1151 ? C3 ? B PAM 1 C3 
6  1 N 1 A PAM 1151 ? C4 ? B PAM 1 C4 
7  1 N 1 A PLM 1152 ? O1 ? C PLM 1 O1 
8  1 N 1 A PLM 1152 ? O2 ? C PLM 1 O2 
9  1 N 1 A PLM 1152 ? CB ? C PLM 1 CB 
10 1 N 1 A PLM 1152 ? CC ? C PLM 1 CC 
11 1 N 1 A PLM 1152 ? CD ? C PLM 1 CD 
12 1 N 1 A PLM 1152 ? CE ? C PLM 1 CE 
13 1 N 1 A PLM 1152 ? CF ? C PLM 1 CF 
14 1 N 1 A PLM 1152 ? CG ? C PLM 1 CG 
15 1 N 1 A PLM 1153 ? O1 ? D PLM 1 O1 
16 1 N 1 A PLM 1153 ? O2 ? D PLM 1 O2 
17 1 N 1 A PLM 1153 ? CB ? D PLM 1 CB 
18 1 N 1 A PLM 1153 ? CC ? D PLM 1 CC 
19 1 N 1 A PLM 1153 ? CD ? D PLM 1 CD 
20 1 N 1 A PLM 1153 ? CE ? D PLM 1 CE 
21 1 N 1 A PLM 1153 ? CF ? D PLM 1 CF 
22 1 N 1 A PLM 1153 ? CG ? D PLM 1 CG 
23 1 N 1 A PLM 1154 ? O1 ? E PLM 1 O1 
24 1 N 1 A PLM 1154 ? O2 ? E PLM 1 O2 
25 1 N 1 A PLM 1154 ? C9 ? E PLM 1 C9 
26 1 N 1 A PLM 1154 ? CA ? E PLM 1 CA 
27 1 N 1 A PLM 1154 ? CB ? E PLM 1 CB 
28 1 N 1 A PLM 1154 ? CC ? E PLM 1 CC 
29 1 N 1 A PLM 1154 ? CD ? E PLM 1 CD 
30 1 N 1 A PLM 1154 ? CE ? E PLM 1 CE 
31 1 N 1 A PLM 1154 ? CF ? E PLM 1 CF 
32 1 N 1 A PLM 1154 ? CG ? E PLM 1 CG 
33 1 N 1 A PLM 1156 ? O1 ? F PLM 1 O1 
34 1 N 1 A PLM 1156 ? O2 ? F PLM 1 O2 
35 1 N 1 A PLM 1156 ? CB ? F PLM 1 CB 
36 1 N 1 A PLM 1156 ? CC ? F PLM 1 CC 
37 1 N 1 A PLM 1156 ? CD ? F PLM 1 CD 
38 1 N 1 A PLM 1156 ? CE ? F PLM 1 CE 
39 1 N 1 A PLM 1156 ? CF ? F PLM 1 CF 
40 1 N 1 A PLM 1156 ? CG ? F PLM 1 CG 
41 1 N 1 A PLM 1157 ? O1 ? G PLM 1 O1 
42 1 N 1 A PLM 1157 ? O2 ? G PLM 1 O2 
43 1 N 1 A PLM 1157 ? C6 ? G PLM 1 C6 
44 1 N 1 A PLM 1157 ? C7 ? G PLM 1 C7 
45 1 N 1 A PLM 1157 ? C8 ? G PLM 1 C8 
46 1 N 1 A PLM 1157 ? C9 ? G PLM 1 C9 
47 1 N 1 A PLM 1157 ? CA ? G PLM 1 CA 
48 1 N 1 A PLM 1157 ? CB ? G PLM 1 CB 
49 1 N 1 A PLM 1157 ? CC ? G PLM 1 CC 
50 1 N 1 A PLM 1157 ? CD ? G PLM 1 CD 
51 1 N 1 A PLM 1157 ? CE ? G PLM 1 CE 
52 1 N 1 A PLM 1157 ? CF ? G PLM 1 CF 
53 1 N 1 A PLM 1157 ? CG ? G PLM 1 CG 
54 1 N 1 A PLM 151  ? C1 ? I PLM 1 C1 
55 1 N 1 A PLM 151  ? O1 ? I PLM 1 O1 
56 1 N 1 A PLM 151  ? O2 ? I PLM 1 O2 
57 1 N 1 A PLM 151  ? C2 ? I PLM 1 C2 
58 1 N 1 A PLM 151  ? C3 ? I PLM 1 C3 
59 1 N 1 A PLM 151  ? C4 ? I PLM 1 C4 
60 1 N 1 A PLM 151  ? C5 ? I PLM 1 C5 
61 1 N 1 A PLM 151  ? C6 ? I PLM 1 C6 
62 1 N 1 A PLM 151  ? C7 ? I PLM 1 C7 
# 
loop_
_pdbx_unobs_or_zero_occ_residues.id 
_pdbx_unobs_or_zero_occ_residues.PDB_model_num 
_pdbx_unobs_or_zero_occ_residues.polymer_flag 
_pdbx_unobs_or_zero_occ_residues.occupancy_flag 
_pdbx_unobs_or_zero_occ_residues.auth_asym_id 
_pdbx_unobs_or_zero_occ_residues.auth_comp_id 
_pdbx_unobs_or_zero_occ_residues.auth_seq_id 
_pdbx_unobs_or_zero_occ_residues.PDB_ins_code 
_pdbx_unobs_or_zero_occ_residues.label_asym_id 
_pdbx_unobs_or_zero_occ_residues.label_comp_id 
_pdbx_unobs_or_zero_occ_residues.label_seq_id 
1  1 Y 1 A MET -5  ? A MET 1   
2  1 Y 1 A HIS -4  ? A HIS 2   
3  1 Y 1 A HIS -3  ? A HIS 3   
4  1 Y 1 A HIS -2  ? A HIS 4   
5  1 Y 1 A HIS -1  ? A HIS 5   
6  1 Y 1 A HIS 0   ? A HIS 6   
7  1 Y 1 A LEU 146 ? A LEU 152 
8  1 Y 1 A LEU 147 ? A LEU 153 
9  1 Y 1 A PRO 148 ? A PRO 154 
10 1 Y 1 A TRP 149 ? A TRP 155 
11 1 Y 1 A ALA 150 ? A ALA 156 
# 
loop_
_chem_comp_atom.comp_id 
_chem_comp_atom.atom_id 
_chem_comp_atom.type_symbol 
_chem_comp_atom.pdbx_aromatic_flag 
_chem_comp_atom.pdbx_stereo_config 
_chem_comp_atom.pdbx_ordinal 
ALA N    N N N 1   
ALA CA   C N S 2   
ALA C    C N N 3   
ALA O    O N N 4   
ALA CB   C N N 5   
ALA OXT  O N N 6   
ALA H    H N N 7   
ALA H2   H N N 8   
ALA HA   H N N 9   
ALA HB1  H N N 10  
ALA HB2  H N N 11  
ALA HB3  H N N 12  
ALA HXT  H N N 13  
ARG N    N N N 14  
ARG CA   C N S 15  
ARG C    C N N 16  
ARG O    O N N 17  
ARG CB   C N N 18  
ARG CG   C N N 19  
ARG CD   C N N 20  
ARG NE   N N N 21  
ARG CZ   C N N 22  
ARG NH1  N N N 23  
ARG NH2  N N N 24  
ARG OXT  O N N 25  
ARG H    H N N 26  
ARG H2   H N N 27  
ARG HA   H N N 28  
ARG HB2  H N N 29  
ARG HB3  H N N 30  
ARG HG2  H N N 31  
ARG HG3  H N N 32  
ARG HD2  H N N 33  
ARG HD3  H N N 34  
ARG HE   H N N 35  
ARG HH11 H N N 36  
ARG HH12 H N N 37  
ARG HH21 H N N 38  
ARG HH22 H N N 39  
ARG HXT  H N N 40  
ASN N    N N N 41  
ASN CA   C N S 42  
ASN C    C N N 43  
ASN O    O N N 44  
ASN CB   C N N 45  
ASN CG   C N N 46  
ASN OD1  O N N 47  
ASN ND2  N N N 48  
ASN OXT  O N N 49  
ASN H    H N N 50  
ASN H2   H N N 51  
ASN HA   H N N 52  
ASN HB2  H N N 53  
ASN HB3  H N N 54  
ASN HD21 H N N 55  
ASN HD22 H N N 56  
ASN HXT  H N N 57  
ASP N    N N N 58  
ASP CA   C N S 59  
ASP C    C N N 60  
ASP O    O N N 61  
ASP CB   C N N 62  
ASP CG   C N N 63  
ASP OD1  O N N 64  
ASP OD2  O N N 65  
ASP OXT  O N N 66  
ASP H    H N N 67  
ASP H2   H N N 68  
ASP HA   H N N 69  
ASP HB2  H N N 70  
ASP HB3  H N N 71  
ASP HD2  H N N 72  
ASP HXT  H N N 73  
CYS N    N N N 74  
CYS CA   C N R 75  
CYS C    C N N 76  
CYS O    O N N 77  
CYS CB   C N N 78  
CYS SG   S N N 79  
CYS OXT  O N N 80  
CYS H    H N N 81  
CYS H2   H N N 82  
CYS HA   H N N 83  
CYS HB2  H N N 84  
CYS HB3  H N N 85  
CYS HG   H N N 86  
CYS HXT  H N N 87  
GLN N    N N N 88  
GLN CA   C N S 89  
GLN C    C N N 90  
GLN O    O N N 91  
GLN CB   C N N 92  
GLN CG   C N N 93  
GLN CD   C N N 94  
GLN OE1  O N N 95  
GLN NE2  N N N 96  
GLN OXT  O N N 97  
GLN H    H N N 98  
GLN H2   H N N 99  
GLN HA   H N N 100 
GLN HB2  H N N 101 
GLN HB3  H N N 102 
GLN HG2  H N N 103 
GLN HG3  H N N 104 
GLN HE21 H N N 105 
GLN HE22 H N N 106 
GLN HXT  H N N 107 
GLU N    N N N 108 
GLU CA   C N S 109 
GLU C    C N N 110 
GLU O    O N N 111 
GLU CB   C N N 112 
GLU CG   C N N 113 
GLU CD   C N N 114 
GLU OE1  O N N 115 
GLU OE2  O N N 116 
GLU OXT  O N N 117 
GLU H    H N N 118 
GLU H2   H N N 119 
GLU HA   H N N 120 
GLU HB2  H N N 121 
GLU HB3  H N N 122 
GLU HG2  H N N 123 
GLU HG3  H N N 124 
GLU HE2  H N N 125 
GLU HXT  H N N 126 
GLY N    N N N 127 
GLY CA   C N N 128 
GLY C    C N N 129 
GLY O    O N N 130 
GLY OXT  O N N 131 
GLY H    H N N 132 
GLY H2   H N N 133 
GLY HA2  H N N 134 
GLY HA3  H N N 135 
GLY HXT  H N N 136 
GTS N1   N N N 137 
GTS CA1  C N S 138 
GTS C1   C N N 139 
GTS O11  O N N 140 
GTS O12  O N N 141 
GTS CB1  C N N 142 
GTS CG1  C N N 143 
GTS CD1  C N N 144 
GTS OE1  O N N 145 
GTS N2   N N N 146 
GTS CA2  C N R 147 
GTS C2   C N N 148 
GTS O2   O N N 149 
GTS CB2  C N N 150 
GTS SG2  S N N 151 
GTS O1S  O N N 152 
GTS O2S  O N N 153 
GTS O3S  O N N 154 
GTS N3   N N N 155 
GTS CA3  C N N 156 
GTS C3   C N N 157 
GTS O31  O N N 158 
GTS O32  O N N 159 
GTS HN11 H N N 160 
GTS HN12 H N N 161 
GTS HA1  H N N 162 
GTS HO2  H N N 163 
GTS HB11 H N N 164 
GTS HB12 H N N 165 
GTS HG11 H N N 166 
GTS HG12 H N N 167 
GTS HN2  H N N 168 
GTS HA2  H N N 169 
GTS HB21 H N N 170 
GTS HB22 H N N 171 
GTS HOS3 H N N 172 
GTS HN3  H N N 173 
GTS HA31 H N N 174 
GTS HA32 H N N 175 
GTS HO3  H N N 176 
HIS N    N N N 177 
HIS CA   C N S 178 
HIS C    C N N 179 
HIS O    O N N 180 
HIS CB   C N N 181 
HIS CG   C Y N 182 
HIS ND1  N Y N 183 
HIS CD2  C Y N 184 
HIS CE1  C Y N 185 
HIS NE2  N Y N 186 
HIS OXT  O N N 187 
HIS H    H N N 188 
HIS H2   H N N 189 
HIS HA   H N N 190 
HIS HB2  H N N 191 
HIS HB3  H N N 192 
HIS HD1  H N N 193 
HIS HD2  H N N 194 
HIS HE1  H N N 195 
HIS HE2  H N N 196 
HIS HXT  H N N 197 
HOH O    O N N 198 
HOH H1   H N N 199 
HOH H2   H N N 200 
ILE N    N N N 201 
ILE CA   C N S 202 
ILE C    C N N 203 
ILE O    O N N 204 
ILE CB   C N S 205 
ILE CG1  C N N 206 
ILE CG2  C N N 207 
ILE CD1  C N N 208 
ILE OXT  O N N 209 
ILE H    H N N 210 
ILE H2   H N N 211 
ILE HA   H N N 212 
ILE HB   H N N 213 
ILE HG12 H N N 214 
ILE HG13 H N N 215 
ILE HG21 H N N 216 
ILE HG22 H N N 217 
ILE HG23 H N N 218 
ILE HD11 H N N 219 
ILE HD12 H N N 220 
ILE HD13 H N N 221 
ILE HXT  H N N 222 
LEU N    N N N 223 
LEU CA   C N S 224 
LEU C    C N N 225 
LEU O    O N N 226 
LEU CB   C N N 227 
LEU CG   C N N 228 
LEU CD1  C N N 229 
LEU CD2  C N N 230 
LEU OXT  O N N 231 
LEU H    H N N 232 
LEU H2   H N N 233 
LEU HA   H N N 234 
LEU HB2  H N N 235 
LEU HB3  H N N 236 
LEU HG   H N N 237 
LEU HD11 H N N 238 
LEU HD12 H N N 239 
LEU HD13 H N N 240 
LEU HD21 H N N 241 
LEU HD22 H N N 242 
LEU HD23 H N N 243 
LEU HXT  H N N 244 
LYS N    N N N 245 
LYS CA   C N S 246 
LYS C    C N N 247 
LYS O    O N N 248 
LYS CB   C N N 249 
LYS CG   C N N 250 
LYS CD   C N N 251 
LYS CE   C N N 252 
LYS NZ   N N N 253 
LYS OXT  O N N 254 
LYS H    H N N 255 
LYS H2   H N N 256 
LYS HA   H N N 257 
LYS HB2  H N N 258 
LYS HB3  H N N 259 
LYS HG2  H N N 260 
LYS HG3  H N N 261 
LYS HD2  H N N 262 
LYS HD3  H N N 263 
LYS HE2  H N N 264 
LYS HE3  H N N 265 
LYS HZ1  H N N 266 
LYS HZ2  H N N 267 
LYS HZ3  H N N 268 
LYS HXT  H N N 269 
MET N    N N N 270 
MET CA   C N S 271 
MET C    C N N 272 
MET O    O N N 273 
MET CB   C N N 274 
MET CG   C N N 275 
MET SD   S N N 276 
MET CE   C N N 277 
MET OXT  O N N 278 
MET H    H N N 279 
MET H2   H N N 280 
MET HA   H N N 281 
MET HB2  H N N 282 
MET HB3  H N N 283 
MET HG2  H N N 284 
MET HG3  H N N 285 
MET HE1  H N N 286 
MET HE2  H N N 287 
MET HE3  H N N 288 
MET HXT  H N N 289 
PAM C1   C N N 290 
PAM O1   O N N 291 
PAM O2   O N N 292 
PAM C2   C N N 293 
PAM C3   C N N 294 
PAM C4   C N N 295 
PAM C5   C N N 296 
PAM C6   C N N 297 
PAM C7   C N N 298 
PAM C8   C N N 299 
PAM C9   C N N 300 
PAM C10  C N N 301 
PAM C11  C N N 302 
PAM C12  C N N 303 
PAM C13  C N N 304 
PAM C14  C N N 305 
PAM C15  C N N 306 
PAM C16  C N N 307 
PAM HO1  H N N 308 
PAM H21  H N N 309 
PAM H22  H N N 310 
PAM H31  H N N 311 
PAM H32  H N N 312 
PAM H41  H N N 313 
PAM H42  H N N 314 
PAM H51  H N N 315 
PAM H52  H N N 316 
PAM H61  H N N 317 
PAM H62  H N N 318 
PAM H71  H N N 319 
PAM H72  H N N 320 
PAM H81  H N N 321 
PAM H82  H N N 322 
PAM H9   H N N 323 
PAM H10  H N N 324 
PAM H111 H N N 325 
PAM H112 H N N 326 
PAM H121 H N N 327 
PAM H122 H N N 328 
PAM H131 H N N 329 
PAM H132 H N N 330 
PAM H141 H N N 331 
PAM H142 H N N 332 
PAM H151 H N N 333 
PAM H152 H N N 334 
PAM H161 H N N 335 
PAM H162 H N N 336 
PAM H163 H N N 337 
PHE N    N N N 338 
PHE CA   C N S 339 
PHE C    C N N 340 
PHE O    O N N 341 
PHE CB   C N N 342 
PHE CG   C Y N 343 
PHE CD1  C Y N 344 
PHE CD2  C Y N 345 
PHE CE1  C Y N 346 
PHE CE2  C Y N 347 
PHE CZ   C Y N 348 
PHE OXT  O N N 349 
PHE H    H N N 350 
PHE H2   H N N 351 
PHE HA   H N N 352 
PHE HB2  H N N 353 
PHE HB3  H N N 354 
PHE HD1  H N N 355 
PHE HD2  H N N 356 
PHE HE1  H N N 357 
PHE HE2  H N N 358 
PHE HZ   H N N 359 
PHE HXT  H N N 360 
PLM C1   C N N 361 
PLM O1   O N N 362 
PLM O2   O N N 363 
PLM C2   C N N 364 
PLM C3   C N N 365 
PLM C4   C N N 366 
PLM C5   C N N 367 
PLM C6   C N N 368 
PLM C7   C N N 369 
PLM C8   C N N 370 
PLM C9   C N N 371 
PLM CA   C N N 372 
PLM CB   C N N 373 
PLM CC   C N N 374 
PLM CD   C N N 375 
PLM CE   C N N 376 
PLM CF   C N N 377 
PLM CG   C N N 378 
PLM H    H N N 379 
PLM H21  H N N 380 
PLM H22  H N N 381 
PLM H31  H N N 382 
PLM H32  H N N 383 
PLM H41  H N N 384 
PLM H42  H N N 385 
PLM H51  H N N 386 
PLM H52  H N N 387 
PLM H61  H N N 388 
PLM H62  H N N 389 
PLM H71  H N N 390 
PLM H72  H N N 391 
PLM H81  H N N 392 
PLM H82  H N N 393 
PLM H91  H N N 394 
PLM H92  H N N 395 
PLM HA1  H N N 396 
PLM HA2  H N N 397 
PLM HB1  H N N 398 
PLM HB2  H N N 399 
PLM HC1  H N N 400 
PLM HC2  H N N 401 
PLM HD1  H N N 402 
PLM HD2  H N N 403 
PLM HE1  H N N 404 
PLM HE2  H N N 405 
PLM HF1  H N N 406 
PLM HF2  H N N 407 
PLM HG1  H N N 408 
PLM HG2  H N N 409 
PLM HG3  H N N 410 
PRO N    N N N 411 
PRO CA   C N S 412 
PRO C    C N N 413 
PRO O    O N N 414 
PRO CB   C N N 415 
PRO CG   C N N 416 
PRO CD   C N N 417 
PRO OXT  O N N 418 
PRO H    H N N 419 
PRO HA   H N N 420 
PRO HB2  H N N 421 
PRO HB3  H N N 422 
PRO HG2  H N N 423 
PRO HG3  H N N 424 
PRO HD2  H N N 425 
PRO HD3  H N N 426 
PRO HXT  H N N 427 
SER N    N N N 428 
SER CA   C N S 429 
SER C    C N N 430 
SER O    O N N 431 
SER CB   C N N 432 
SER OG   O N N 433 
SER OXT  O N N 434 
SER H    H N N 435 
SER H2   H N N 436 
SER HA   H N N 437 
SER HB2  H N N 438 
SER HB3  H N N 439 
SER HG   H N N 440 
SER HXT  H N N 441 
THR N    N N N 442 
THR CA   C N S 443 
THR C    C N N 444 
THR O    O N N 445 
THR CB   C N R 446 
THR OG1  O N N 447 
THR CG2  C N N 448 
THR OXT  O N N 449 
THR H    H N N 450 
THR H2   H N N 451 
THR HA   H N N 452 
THR HB   H N N 453 
THR HG1  H N N 454 
THR HG21 H N N 455 
THR HG22 H N N 456 
THR HG23 H N N 457 
THR HXT  H N N 458 
TRP N    N N N 459 
TRP CA   C N S 460 
TRP C    C N N 461 
TRP O    O N N 462 
TRP CB   C N N 463 
TRP CG   C Y N 464 
TRP CD1  C Y N 465 
TRP CD2  C Y N 466 
TRP NE1  N Y N 467 
TRP CE2  C Y N 468 
TRP CE3  C Y N 469 
TRP CZ2  C Y N 470 
TRP CZ3  C Y N 471 
TRP CH2  C Y N 472 
TRP OXT  O N N 473 
TRP H    H N N 474 
TRP H2   H N N 475 
TRP HA   H N N 476 
TRP HB2  H N N 477 
TRP HB3  H N N 478 
TRP HD1  H N N 479 
TRP HE1  H N N 480 
TRP HE3  H N N 481 
TRP HZ2  H N N 482 
TRP HZ3  H N N 483 
TRP HH2  H N N 484 
TRP HXT  H N N 485 
TYR N    N N N 486 
TYR CA   C N S 487 
TYR C    C N N 488 
TYR O    O N N 489 
TYR CB   C N N 490 
TYR CG   C Y N 491 
TYR CD1  C Y N 492 
TYR CD2  C Y N 493 
TYR CE1  C Y N 494 
TYR CE2  C Y N 495 
TYR CZ   C Y N 496 
TYR OH   O N N 497 
TYR OXT  O N N 498 
TYR H    H N N 499 
TYR H2   H N N 500 
TYR HA   H N N 501 
TYR HB2  H N N 502 
TYR HB3  H N N 503 
TYR HD1  H N N 504 
TYR HD2  H N N 505 
TYR HE1  H N N 506 
TYR HE2  H N N 507 
TYR HH   H N N 508 
TYR HXT  H N N 509 
VAL N    N N N 510 
VAL CA   C N S 511 
VAL C    C N N 512 
VAL O    O N N 513 
VAL CB   C N N 514 
VAL CG1  C N N 515 
VAL CG2  C N N 516 
VAL OXT  O N N 517 
VAL H    H N N 518 
VAL H2   H N N 519 
VAL HA   H N N 520 
VAL HB   H N N 521 
VAL HG11 H N N 522 
VAL HG12 H N N 523 
VAL HG13 H N N 524 
VAL HG21 H N N 525 
VAL HG22 H N N 526 
VAL HG23 H N N 527 
VAL HXT  H N N 528 
# 
loop_
_chem_comp_bond.comp_id 
_chem_comp_bond.atom_id_1 
_chem_comp_bond.atom_id_2 
_chem_comp_bond.value_order 
_chem_comp_bond.pdbx_aromatic_flag 
_chem_comp_bond.pdbx_stereo_config 
_chem_comp_bond.pdbx_ordinal 
ALA N   CA   sing N N 1   
ALA N   H    sing N N 2   
ALA N   H2   sing N N 3   
ALA CA  C    sing N N 4   
ALA CA  CB   sing N N 5   
ALA CA  HA   sing N N 6   
ALA C   O    doub N N 7   
ALA C   OXT  sing N N 8   
ALA CB  HB1  sing N N 9   
ALA CB  HB2  sing N N 10  
ALA CB  HB3  sing N N 11  
ALA OXT HXT  sing N N 12  
ARG N   CA   sing N N 13  
ARG N   H    sing N N 14  
ARG N   H2   sing N N 15  
ARG CA  C    sing N N 16  
ARG CA  CB   sing N N 17  
ARG CA  HA   sing N N 18  
ARG C   O    doub N N 19  
ARG C   OXT  sing N N 20  
ARG CB  CG   sing N N 21  
ARG CB  HB2  sing N N 22  
ARG CB  HB3  sing N N 23  
ARG CG  CD   sing N N 24  
ARG CG  HG2  sing N N 25  
ARG CG  HG3  sing N N 26  
ARG CD  NE   sing N N 27  
ARG CD  HD2  sing N N 28  
ARG CD  HD3  sing N N 29  
ARG NE  CZ   sing N N 30  
ARG NE  HE   sing N N 31  
ARG CZ  NH1  sing N N 32  
ARG CZ  NH2  doub N N 33  
ARG NH1 HH11 sing N N 34  
ARG NH1 HH12 sing N N 35  
ARG NH2 HH21 sing N N 36  
ARG NH2 HH22 sing N N 37  
ARG OXT HXT  sing N N 38  
ASN N   CA   sing N N 39  
ASN N   H    sing N N 40  
ASN N   H2   sing N N 41  
ASN CA  C    sing N N 42  
ASN CA  CB   sing N N 43  
ASN CA  HA   sing N N 44  
ASN C   O    doub N N 45  
ASN C   OXT  sing N N 46  
ASN CB  CG   sing N N 47  
ASN CB  HB2  sing N N 48  
ASN CB  HB3  sing N N 49  
ASN CG  OD1  doub N N 50  
ASN CG  ND2  sing N N 51  
ASN ND2 HD21 sing N N 52  
ASN ND2 HD22 sing N N 53  
ASN OXT HXT  sing N N 54  
ASP N   CA   sing N N 55  
ASP N   H    sing N N 56  
ASP N   H2   sing N N 57  
ASP CA  C    sing N N 58  
ASP CA  CB   sing N N 59  
ASP CA  HA   sing N N 60  
ASP C   O    doub N N 61  
ASP C   OXT  sing N N 62  
ASP CB  CG   sing N N 63  
ASP CB  HB2  sing N N 64  
ASP CB  HB3  sing N N 65  
ASP CG  OD1  doub N N 66  
ASP CG  OD2  sing N N 67  
ASP OD2 HD2  sing N N 68  
ASP OXT HXT  sing N N 69  
CYS N   CA   sing N N 70  
CYS N   H    sing N N 71  
CYS N   H2   sing N N 72  
CYS CA  C    sing N N 73  
CYS CA  CB   sing N N 74  
CYS CA  HA   sing N N 75  
CYS C   O    doub N N 76  
CYS C   OXT  sing N N 77  
CYS CB  SG   sing N N 78  
CYS CB  HB2  sing N N 79  
CYS CB  HB3  sing N N 80  
CYS SG  HG   sing N N 81  
CYS OXT HXT  sing N N 82  
GLN N   CA   sing N N 83  
GLN N   H    sing N N 84  
GLN N   H2   sing N N 85  
GLN CA  C    sing N N 86  
GLN CA  CB   sing N N 87  
GLN CA  HA   sing N N 88  
GLN C   O    doub N N 89  
GLN C   OXT  sing N N 90  
GLN CB  CG   sing N N 91  
GLN CB  HB2  sing N N 92  
GLN CB  HB3  sing N N 93  
GLN CG  CD   sing N N 94  
GLN CG  HG2  sing N N 95  
GLN CG  HG3  sing N N 96  
GLN CD  OE1  doub N N 97  
GLN CD  NE2  sing N N 98  
GLN NE2 HE21 sing N N 99  
GLN NE2 HE22 sing N N 100 
GLN OXT HXT  sing N N 101 
GLU N   CA   sing N N 102 
GLU N   H    sing N N 103 
GLU N   H2   sing N N 104 
GLU CA  C    sing N N 105 
GLU CA  CB   sing N N 106 
GLU CA  HA   sing N N 107 
GLU C   O    doub N N 108 
GLU C   OXT  sing N N 109 
GLU CB  CG   sing N N 110 
GLU CB  HB2  sing N N 111 
GLU CB  HB3  sing N N 112 
GLU CG  CD   sing N N 113 
GLU CG  HG2  sing N N 114 
GLU CG  HG3  sing N N 115 
GLU CD  OE1  doub N N 116 
GLU CD  OE2  sing N N 117 
GLU OE2 HE2  sing N N 118 
GLU OXT HXT  sing N N 119 
GLY N   CA   sing N N 120 
GLY N   H    sing N N 121 
GLY N   H2   sing N N 122 
GLY CA  C    sing N N 123 
GLY CA  HA2  sing N N 124 
GLY CA  HA3  sing N N 125 
GLY C   O    doub N N 126 
GLY C   OXT  sing N N 127 
GLY OXT HXT  sing N N 128 
GTS N1  CA1  sing N N 129 
GTS N1  HN11 sing N N 130 
GTS N1  HN12 sing N N 131 
GTS CA1 C1   sing N N 132 
GTS CA1 CB1  sing N N 133 
GTS CA1 HA1  sing N N 134 
GTS C1  O11  doub N N 135 
GTS C1  O12  sing N N 136 
GTS O12 HO2  sing N N 137 
GTS CB1 CG1  sing N N 138 
GTS CB1 HB11 sing N N 139 
GTS CB1 HB12 sing N N 140 
GTS CG1 CD1  sing N N 141 
GTS CG1 HG11 sing N N 142 
GTS CG1 HG12 sing N N 143 
GTS CD1 OE1  doub N N 144 
GTS CD1 N2   sing N N 145 
GTS N2  CA2  sing N N 146 
GTS N2  HN2  sing N N 147 
GTS CA2 C2   sing N N 148 
GTS CA2 CB2  sing N N 149 
GTS CA2 HA2  sing N N 150 
GTS C2  O2   doub N N 151 
GTS C2  N3   sing N N 152 
GTS CB2 SG2  sing N N 153 
GTS CB2 HB21 sing N N 154 
GTS CB2 HB22 sing N N 155 
GTS SG2 O1S  doub N N 156 
GTS SG2 O2S  doub N N 157 
GTS SG2 O3S  sing N N 158 
GTS O3S HOS3 sing N N 159 
GTS N3  CA3  sing N N 160 
GTS N3  HN3  sing N N 161 
GTS CA3 C3   sing N N 162 
GTS CA3 HA31 sing N N 163 
GTS CA3 HA32 sing N N 164 
GTS C3  O31  sing N N 165 
GTS C3  O32  doub N N 166 
GTS O31 HO3  sing N N 167 
HIS N   CA   sing N N 168 
HIS N   H    sing N N 169 
HIS N   H2   sing N N 170 
HIS CA  C    sing N N 171 
HIS CA  CB   sing N N 172 
HIS CA  HA   sing N N 173 
HIS C   O    doub N N 174 
HIS C   OXT  sing N N 175 
HIS CB  CG   sing N N 176 
HIS CB  HB2  sing N N 177 
HIS CB  HB3  sing N N 178 
HIS CG  ND1  sing Y N 179 
HIS CG  CD2  doub Y N 180 
HIS ND1 CE1  doub Y N 181 
HIS ND1 HD1  sing N N 182 
HIS CD2 NE2  sing Y N 183 
HIS CD2 HD2  sing N N 184 
HIS CE1 NE2  sing Y N 185 
HIS CE1 HE1  sing N N 186 
HIS NE2 HE2  sing N N 187 
HIS OXT HXT  sing N N 188 
HOH O   H1   sing N N 189 
HOH O   H2   sing N N 190 
ILE N   CA   sing N N 191 
ILE N   H    sing N N 192 
ILE N   H2   sing N N 193 
ILE CA  C    sing N N 194 
ILE CA  CB   sing N N 195 
ILE CA  HA   sing N N 196 
ILE C   O    doub N N 197 
ILE C   OXT  sing N N 198 
ILE CB  CG1  sing N N 199 
ILE CB  CG2  sing N N 200 
ILE CB  HB   sing N N 201 
ILE CG1 CD1  sing N N 202 
ILE CG1 HG12 sing N N 203 
ILE CG1 HG13 sing N N 204 
ILE CG2 HG21 sing N N 205 
ILE CG2 HG22 sing N N 206 
ILE CG2 HG23 sing N N 207 
ILE CD1 HD11 sing N N 208 
ILE CD1 HD12 sing N N 209 
ILE CD1 HD13 sing N N 210 
ILE OXT HXT  sing N N 211 
LEU N   CA   sing N N 212 
LEU N   H    sing N N 213 
LEU N   H2   sing N N 214 
LEU CA  C    sing N N 215 
LEU CA  CB   sing N N 216 
LEU CA  HA   sing N N 217 
LEU C   O    doub N N 218 
LEU C   OXT  sing N N 219 
LEU CB  CG   sing N N 220 
LEU CB  HB2  sing N N 221 
LEU CB  HB3  sing N N 222 
LEU CG  CD1  sing N N 223 
LEU CG  CD2  sing N N 224 
LEU CG  HG   sing N N 225 
LEU CD1 HD11 sing N N 226 
LEU CD1 HD12 sing N N 227 
LEU CD1 HD13 sing N N 228 
LEU CD2 HD21 sing N N 229 
LEU CD2 HD22 sing N N 230 
LEU CD2 HD23 sing N N 231 
LEU OXT HXT  sing N N 232 
LYS N   CA   sing N N 233 
LYS N   H    sing N N 234 
LYS N   H2   sing N N 235 
LYS CA  C    sing N N 236 
LYS CA  CB   sing N N 237 
LYS CA  HA   sing N N 238 
LYS C   O    doub N N 239 
LYS C   OXT  sing N N 240 
LYS CB  CG   sing N N 241 
LYS CB  HB2  sing N N 242 
LYS CB  HB3  sing N N 243 
LYS CG  CD   sing N N 244 
LYS CG  HG2  sing N N 245 
LYS CG  HG3  sing N N 246 
LYS CD  CE   sing N N 247 
LYS CD  HD2  sing N N 248 
LYS CD  HD3  sing N N 249 
LYS CE  NZ   sing N N 250 
LYS CE  HE2  sing N N 251 
LYS CE  HE3  sing N N 252 
LYS NZ  HZ1  sing N N 253 
LYS NZ  HZ2  sing N N 254 
LYS NZ  HZ3  sing N N 255 
LYS OXT HXT  sing N N 256 
MET N   CA   sing N N 257 
MET N   H    sing N N 258 
MET N   H2   sing N N 259 
MET CA  C    sing N N 260 
MET CA  CB   sing N N 261 
MET CA  HA   sing N N 262 
MET C   O    doub N N 263 
MET C   OXT  sing N N 264 
MET CB  CG   sing N N 265 
MET CB  HB2  sing N N 266 
MET CB  HB3  sing N N 267 
MET CG  SD   sing N N 268 
MET CG  HG2  sing N N 269 
MET CG  HG3  sing N N 270 
MET SD  CE   sing N N 271 
MET CE  HE1  sing N N 272 
MET CE  HE2  sing N N 273 
MET CE  HE3  sing N N 274 
MET OXT HXT  sing N N 275 
PAM C1  O1   sing N N 276 
PAM C1  O2   doub N N 277 
PAM C1  C2   sing N N 278 
PAM O1  HO1  sing N N 279 
PAM C2  C3   sing N N 280 
PAM C2  H21  sing N N 281 
PAM C2  H22  sing N N 282 
PAM C3  C4   sing N N 283 
PAM C3  H31  sing N N 284 
PAM C3  H32  sing N N 285 
PAM C4  C5   sing N N 286 
PAM C4  H41  sing N N 287 
PAM C4  H42  sing N N 288 
PAM C5  C6   sing N N 289 
PAM C5  H51  sing N N 290 
PAM C5  H52  sing N N 291 
PAM C6  C7   sing N N 292 
PAM C6  H61  sing N N 293 
PAM C6  H62  sing N N 294 
PAM C7  C8   sing N N 295 
PAM C7  H71  sing N N 296 
PAM C7  H72  sing N N 297 
PAM C8  C9   sing N N 298 
PAM C8  H81  sing N N 299 
PAM C8  H82  sing N N 300 
PAM C9  C10  doub N Z 301 
PAM C9  H9   sing N N 302 
PAM C10 C11  sing N N 303 
PAM C10 H10  sing N N 304 
PAM C11 C12  sing N N 305 
PAM C11 H111 sing N N 306 
PAM C11 H112 sing N N 307 
PAM C12 C13  sing N N 308 
PAM C12 H121 sing N N 309 
PAM C12 H122 sing N N 310 
PAM C13 C14  sing N N 311 
PAM C13 H131 sing N N 312 
PAM C13 H132 sing N N 313 
PAM C14 C15  sing N N 314 
PAM C14 H141 sing N N 315 
PAM C14 H142 sing N N 316 
PAM C15 C16  sing N N 317 
PAM C15 H151 sing N N 318 
PAM C15 H152 sing N N 319 
PAM C16 H161 sing N N 320 
PAM C16 H162 sing N N 321 
PAM C16 H163 sing N N 322 
PHE N   CA   sing N N 323 
PHE N   H    sing N N 324 
PHE N   H2   sing N N 325 
PHE CA  C    sing N N 326 
PHE CA  CB   sing N N 327 
PHE CA  HA   sing N N 328 
PHE C   O    doub N N 329 
PHE C   OXT  sing N N 330 
PHE CB  CG   sing N N 331 
PHE CB  HB2  sing N N 332 
PHE CB  HB3  sing N N 333 
PHE CG  CD1  doub Y N 334 
PHE CG  CD2  sing Y N 335 
PHE CD1 CE1  sing Y N 336 
PHE CD1 HD1  sing N N 337 
PHE CD2 CE2  doub Y N 338 
PHE CD2 HD2  sing N N 339 
PHE CE1 CZ   doub Y N 340 
PHE CE1 HE1  sing N N 341 
PHE CE2 CZ   sing Y N 342 
PHE CE2 HE2  sing N N 343 
PHE CZ  HZ   sing N N 344 
PHE OXT HXT  sing N N 345 
PLM C1  O1   sing N N 346 
PLM C1  O2   doub N N 347 
PLM C1  C2   sing N N 348 
PLM O1  H    sing N N 349 
PLM C2  C3   sing N N 350 
PLM C2  H21  sing N N 351 
PLM C2  H22  sing N N 352 
PLM C3  C4   sing N N 353 
PLM C3  H31  sing N N 354 
PLM C3  H32  sing N N 355 
PLM C4  C5   sing N N 356 
PLM C4  H41  sing N N 357 
PLM C4  H42  sing N N 358 
PLM C5  C6   sing N N 359 
PLM C5  H51  sing N N 360 
PLM C5  H52  sing N N 361 
PLM C6  C7   sing N N 362 
PLM C6  H61  sing N N 363 
PLM C6  H62  sing N N 364 
PLM C7  C8   sing N N 365 
PLM C7  H71  sing N N 366 
PLM C7  H72  sing N N 367 
PLM C8  C9   sing N N 368 
PLM C8  H81  sing N N 369 
PLM C8  H82  sing N N 370 
PLM C9  CA   sing N N 371 
PLM C9  H91  sing N N 372 
PLM C9  H92  sing N N 373 
PLM CA  CB   sing N N 374 
PLM CA  HA1  sing N N 375 
PLM CA  HA2  sing N N 376 
PLM CB  CC   sing N N 377 
PLM CB  HB1  sing N N 378 
PLM CB  HB2  sing N N 379 
PLM CC  CD   sing N N 380 
PLM CC  HC1  sing N N 381 
PLM CC  HC2  sing N N 382 
PLM CD  CE   sing N N 383 
PLM CD  HD1  sing N N 384 
PLM CD  HD2  sing N N 385 
PLM CE  CF   sing N N 386 
PLM CE  HE1  sing N N 387 
PLM CE  HE2  sing N N 388 
PLM CF  CG   sing N N 389 
PLM CF  HF1  sing N N 390 
PLM CF  HF2  sing N N 391 
PLM CG  HG1  sing N N 392 
PLM CG  HG2  sing N N 393 
PLM CG  HG3  sing N N 394 
PRO N   CA   sing N N 395 
PRO N   CD   sing N N 396 
PRO N   H    sing N N 397 
PRO CA  C    sing N N 398 
PRO CA  CB   sing N N 399 
PRO CA  HA   sing N N 400 
PRO C   O    doub N N 401 
PRO C   OXT  sing N N 402 
PRO CB  CG   sing N N 403 
PRO CB  HB2  sing N N 404 
PRO CB  HB3  sing N N 405 
PRO CG  CD   sing N N 406 
PRO CG  HG2  sing N N 407 
PRO CG  HG3  sing N N 408 
PRO CD  HD2  sing N N 409 
PRO CD  HD3  sing N N 410 
PRO OXT HXT  sing N N 411 
SER N   CA   sing N N 412 
SER N   H    sing N N 413 
SER N   H2   sing N N 414 
SER CA  C    sing N N 415 
SER CA  CB   sing N N 416 
SER CA  HA   sing N N 417 
SER C   O    doub N N 418 
SER C   OXT  sing N N 419 
SER CB  OG   sing N N 420 
SER CB  HB2  sing N N 421 
SER CB  HB3  sing N N 422 
SER OG  HG   sing N N 423 
SER OXT HXT  sing N N 424 
THR N   CA   sing N N 425 
THR N   H    sing N N 426 
THR N   H2   sing N N 427 
THR CA  C    sing N N 428 
THR CA  CB   sing N N 429 
THR CA  HA   sing N N 430 
THR C   O    doub N N 431 
THR C   OXT  sing N N 432 
THR CB  OG1  sing N N 433 
THR CB  CG2  sing N N 434 
THR CB  HB   sing N N 435 
THR OG1 HG1  sing N N 436 
THR CG2 HG21 sing N N 437 
THR CG2 HG22 sing N N 438 
THR CG2 HG23 sing N N 439 
THR OXT HXT  sing N N 440 
TRP N   CA   sing N N 441 
TRP N   H    sing N N 442 
TRP N   H2   sing N N 443 
TRP CA  C    sing N N 444 
TRP CA  CB   sing N N 445 
TRP CA  HA   sing N N 446 
TRP C   O    doub N N 447 
TRP C   OXT  sing N N 448 
TRP CB  CG   sing N N 449 
TRP CB  HB2  sing N N 450 
TRP CB  HB3  sing N N 451 
TRP CG  CD1  doub Y N 452 
TRP CG  CD2  sing Y N 453 
TRP CD1 NE1  sing Y N 454 
TRP CD1 HD1  sing N N 455 
TRP CD2 CE2  doub Y N 456 
TRP CD2 CE3  sing Y N 457 
TRP NE1 CE2  sing Y N 458 
TRP NE1 HE1  sing N N 459 
TRP CE2 CZ2  sing Y N 460 
TRP CE3 CZ3  doub Y N 461 
TRP CE3 HE3  sing N N 462 
TRP CZ2 CH2  doub Y N 463 
TRP CZ2 HZ2  sing N N 464 
TRP CZ3 CH2  sing Y N 465 
TRP CZ3 HZ3  sing N N 466 
TRP CH2 HH2  sing N N 467 
TRP OXT HXT  sing N N 468 
TYR N   CA   sing N N 469 
TYR N   H    sing N N 470 
TYR N   H2   sing N N 471 
TYR CA  C    sing N N 472 
TYR CA  CB   sing N N 473 
TYR CA  HA   sing N N 474 
TYR C   O    doub N N 475 
TYR C   OXT  sing N N 476 
TYR CB  CG   sing N N 477 
TYR CB  HB2  sing N N 478 
TYR CB  HB3  sing N N 479 
TYR CG  CD1  doub Y N 480 
TYR CG  CD2  sing Y N 481 
TYR CD1 CE1  sing Y N 482 
TYR CD1 HD1  sing N N 483 
TYR CD2 CE2  doub Y N 484 
TYR CD2 HD2  sing N N 485 
TYR CE1 CZ   doub Y N 486 
TYR CE1 HE1  sing N N 487 
TYR CE2 CZ   sing Y N 488 
TYR CE2 HE2  sing N N 489 
TYR CZ  OH   sing N N 490 
TYR OH  HH   sing N N 491 
TYR OXT HXT  sing N N 492 
VAL N   CA   sing N N 493 
VAL N   H    sing N N 494 
VAL N   H2   sing N N 495 
VAL CA  C    sing N N 496 
VAL CA  CB   sing N N 497 
VAL CA  HA   sing N N 498 
VAL C   O    doub N N 499 
VAL C   OXT  sing N N 500 
VAL CB  CG1  sing N N 501 
VAL CB  CG2  sing N N 502 
VAL CB  HB   sing N N 503 
VAL CG1 HG11 sing N N 504 
VAL CG1 HG12 sing N N 505 
VAL CG1 HG13 sing N N 506 
VAL CG2 HG21 sing N N 507 
VAL CG2 HG22 sing N N 508 
VAL CG2 HG23 sing N N 509 
VAL OXT HXT  sing N N 510 
# 
loop_
_pdbx_entity_nonpoly.entity_id 
_pdbx_entity_nonpoly.name 
_pdbx_entity_nonpoly.comp_id 
2 'PALMITOLEIC ACID'          PAM 
3 'PALMITIC ACID'             PLM 
4 'GLUTATHIONE SULFONIC ACID' GTS 
5 water                       HOH 
# 
_pdbx_initial_refinement_model.id               1 
_pdbx_initial_refinement_model.entity_id_list   ? 
_pdbx_initial_refinement_model.type             'experimental model' 
_pdbx_initial_refinement_model.source_name      PDB 
_pdbx_initial_refinement_model.accession_code   2UUH 
_pdbx_initial_refinement_model.details          'PDB ENTRY 2uuh' 
# 
